data_1J6Q
# 
_entry.id   1J6Q 
# 
_audit_conform.dict_name       mmcif_pdbx.dic 
_audit_conform.dict_version    5.392 
_audit_conform.dict_location   http://mmcif.pdb.org/dictionaries/ascii/mmcif_pdbx.dic 
# 
loop_
_database_2.database_id 
_database_2.database_code 
_database_2.pdbx_database_accession 
_database_2.pdbx_DOI 
PDB   1J6Q         pdb_00001j6q 10.2210/pdb1j6q/pdb 
RCSB  RCSB016066   ?            ?                   
WWPDB D_1000016066 ?            ?                   
# 
loop_
_pdbx_audit_revision_history.ordinal 
_pdbx_audit_revision_history.data_content_type 
_pdbx_audit_revision_history.major_revision 
_pdbx_audit_revision_history.minor_revision 
_pdbx_audit_revision_history.revision_date 
1 'Structure model' 1 0 2002-12-25 
2 'Structure model' 1 1 2008-04-28 
3 'Structure model' 1 2 2011-07-13 
4 'Structure model' 1 3 2022-02-23 
5 'Structure model' 1 4 2024-05-22 
# 
_pdbx_audit_revision_details.ordinal             1 
_pdbx_audit_revision_details.revision_ordinal    1 
_pdbx_audit_revision_details.data_content_type   'Structure model' 
_pdbx_audit_revision_details.provider            repository 
_pdbx_audit_revision_details.type                'Initial release' 
_pdbx_audit_revision_details.description         ? 
_pdbx_audit_revision_details.details             ? 
# 
loop_
_pdbx_audit_revision_group.ordinal 
_pdbx_audit_revision_group.revision_ordinal 
_pdbx_audit_revision_group.data_content_type 
_pdbx_audit_revision_group.group 
1 2 'Structure model' 'Version format compliance' 
2 3 'Structure model' 'Version format compliance' 
3 4 'Structure model' 'Data collection'           
4 4 'Structure model' 'Database references'       
5 4 'Structure model' 'Derived calculations'      
6 5 'Structure model' 'Data collection'           
# 
loop_
_pdbx_audit_revision_category.ordinal 
_pdbx_audit_revision_category.revision_ordinal 
_pdbx_audit_revision_category.data_content_type 
_pdbx_audit_revision_category.category 
1 4 'Structure model' database_2            
2 4 'Structure model' pdbx_nmr_software     
3 4 'Structure model' pdbx_nmr_spectrometer 
4 4 'Structure model' pdbx_struct_assembly  
5 4 'Structure model' pdbx_struct_oper_list 
6 4 'Structure model' struct_ref_seq_dif    
7 5 'Structure model' chem_comp_atom        
8 5 'Structure model' chem_comp_bond        
# 
loop_
_pdbx_audit_revision_item.ordinal 
_pdbx_audit_revision_item.revision_ordinal 
_pdbx_audit_revision_item.data_content_type 
_pdbx_audit_revision_item.item 
1 4 'Structure model' '_database_2.pdbx_DOI'                
2 4 'Structure model' '_database_2.pdbx_database_accession' 
3 4 'Structure model' '_pdbx_nmr_software.name'             
4 4 'Structure model' '_pdbx_nmr_spectrometer.model'        
5 4 'Structure model' '_struct_ref_seq_dif.details'         
# 
_pdbx_database_status.status_code                     REL 
_pdbx_database_status.entry_id                        1J6Q 
_pdbx_database_status.recvd_initial_deposition_date   2002-04-30 
_pdbx_database_status.deposit_site                    RCSB 
_pdbx_database_status.process_site                    RCSB 
_pdbx_database_status.status_code_mr                  REL 
_pdbx_database_status.status_code_sf                  ? 
_pdbx_database_status.SG_entry                        ? 
_pdbx_database_status.pdb_format_compatible           Y 
_pdbx_database_status.status_code_cs                  ? 
_pdbx_database_status.status_code_nmr_data            ? 
_pdbx_database_status.methods_development_category    ? 
# 
loop_
_audit_author.name 
_audit_author.pdbx_ordinal 
'Arnesano, F.'   1 
'Banci, L.'      2 
'Barker, P.D.'   3 
'Bertini, I.'    4 
'Rosato, A.'     5 
'Su, X.C.'       6 
'Viezzoli, M.S.' 7 
# 
_citation.id                        primary 
_citation.title                     'Solution structure and characterization of the heme chaperone CcmE' 
_citation.journal_abbrev            Biochemistry 
_citation.journal_volume            41 
_citation.page_first                13587 
_citation.page_last                 13594 
_citation.year                      2002 
_citation.journal_id_ASTM           BICHAW 
_citation.country                   US 
_citation.journal_id_ISSN           0006-2960 
_citation.journal_id_CSD            0033 
_citation.book_publisher            ? 
_citation.pdbx_database_id_PubMed   12427019 
_citation.pdbx_database_id_DOI      10.1021/bi026362w 
# 
loop_
_citation_author.citation_id 
_citation_author.name 
_citation_author.ordinal 
_citation_author.identifier_ORCID 
primary 'Arnesano, F.'   1 ? 
primary 'Banci, L.'      2 ? 
primary 'Barker, P.D.'   3 ? 
primary 'Bertini, I.'    4 ? 
primary 'Rosato, A.'     5 ? 
primary 'Su, X.C.'       6 ? 
primary 'Viezzoli, M.S.' 7 ? 
# 
_entity.id                         1 
_entity.type                       polymer 
_entity.src_method                 man 
_entity.pdbx_description           'cytochrome c maturation protein E' 
_entity.formula_weight             14714.397 
_entity.pdbx_number_of_molecules   1 
_entity.pdbx_ec                    ? 
_entity.pdbx_mutation              ? 
_entity.pdbx_fragment              'water soluble domain of CcmE' 
_entity.details                    ? 
# 
_entity_poly.entity_id                      1 
_entity_poly.type                           'polypeptide(L)' 
_entity_poly.nstd_linkage                   no 
_entity_poly.nstd_monomer                   no 
_entity_poly.pdbx_seq_one_letter_code       
;FAADLNSNLNLFYTPSEIVNGKTDTGVKPEAGQRIRVGGMVTVGSMVRDPNSLHVQFAVHDSLGGEILVTYDDLLPDLFR
EGQGIVAQGVLGEDGKLAATEVLAKHDENYMPPEVAEAMGQKHEKLDYSQQKSATQ
;
_entity_poly.pdbx_seq_one_letter_code_can   
;FAADLNSNLNLFYTPSEIVNGKTDTGVKPEAGQRIRVGGMVTVGSMVRDPNSLHVQFAVHDSLGGEILVTYDDLLPDLFR
EGQGIVAQGVLGEDGKLAATEVLAKHDENYMPPEVAEAMGQKHEKLDYSQQKSATQ
;
_entity_poly.pdbx_strand_id                 A 
_entity_poly.pdbx_target_identifier         ? 
# 
loop_
_entity_poly_seq.entity_id 
_entity_poly_seq.num 
_entity_poly_seq.mon_id 
_entity_poly_seq.hetero 
1 1   PHE n 
1 2   ALA n 
1 3   ALA n 
1 4   ASP n 
1 5   LEU n 
1 6   ASN n 
1 7   SER n 
1 8   ASN n 
1 9   LEU n 
1 10  ASN n 
1 11  LEU n 
1 12  PHE n 
1 13  TYR n 
1 14  THR n 
1 15  PRO n 
1 16  SER n 
1 17  GLU n 
1 18  ILE n 
1 19  VAL n 
1 20  ASN n 
1 21  GLY n 
1 22  LYS n 
1 23  THR n 
1 24  ASP n 
1 25  THR n 
1 26  GLY n 
1 27  VAL n 
1 28  LYS n 
1 29  PRO n 
1 30  GLU n 
1 31  ALA n 
1 32  GLY n 
1 33  GLN n 
1 34  ARG n 
1 35  ILE n 
1 36  ARG n 
1 37  VAL n 
1 38  GLY n 
1 39  GLY n 
1 40  MET n 
1 41  VAL n 
1 42  THR n 
1 43  VAL n 
1 44  GLY n 
1 45  SER n 
1 46  MET n 
1 47  VAL n 
1 48  ARG n 
1 49  ASP n 
1 50  PRO n 
1 51  ASN n 
1 52  SER n 
1 53  LEU n 
1 54  HIS n 
1 55  VAL n 
1 56  GLN n 
1 57  PHE n 
1 58  ALA n 
1 59  VAL n 
1 60  HIS n 
1 61  ASP n 
1 62  SER n 
1 63  LEU n 
1 64  GLY n 
1 65  GLY n 
1 66  GLU n 
1 67  ILE n 
1 68  LEU n 
1 69  VAL n 
1 70  THR n 
1 71  TYR n 
1 72  ASP n 
1 73  ASP n 
1 74  LEU n 
1 75  LEU n 
1 76  PRO n 
1 77  ASP n 
1 78  LEU n 
1 79  PHE n 
1 80  ARG n 
1 81  GLU n 
1 82  GLY n 
1 83  GLN n 
1 84  GLY n 
1 85  ILE n 
1 86  VAL n 
1 87  ALA n 
1 88  GLN n 
1 89  GLY n 
1 90  VAL n 
1 91  LEU n 
1 92  GLY n 
1 93  GLU n 
1 94  ASP n 
1 95  GLY n 
1 96  LYS n 
1 97  LEU n 
1 98  ALA n 
1 99  ALA n 
1 100 THR n 
1 101 GLU n 
1 102 VAL n 
1 103 LEU n 
1 104 ALA n 
1 105 LYS n 
1 106 HIS n 
1 107 ASP n 
1 108 GLU n 
1 109 ASN n 
1 110 TYR n 
1 111 MET n 
1 112 PRO n 
1 113 PRO n 
1 114 GLU n 
1 115 VAL n 
1 116 ALA n 
1 117 GLU n 
1 118 ALA n 
1 119 MET n 
1 120 GLY n 
1 121 GLN n 
1 122 LYS n 
1 123 HIS n 
1 124 GLU n 
1 125 LYS n 
1 126 LEU n 
1 127 ASP n 
1 128 TYR n 
1 129 SER n 
1 130 GLN n 
1 131 GLN n 
1 132 LYS n 
1 133 SER n 
1 134 ALA n 
1 135 THR n 
1 136 GLN n 
# 
_entity_src_gen.entity_id                          1 
_entity_src_gen.pdbx_src_id                        1 
_entity_src_gen.pdbx_alt_source_flag               sample 
_entity_src_gen.pdbx_seq_type                      ? 
_entity_src_gen.pdbx_beg_seq_num                   ? 
_entity_src_gen.pdbx_end_seq_num                   ? 
_entity_src_gen.gene_src_common_name               ? 
_entity_src_gen.gene_src_genus                     Shewanella 
_entity_src_gen.pdbx_gene_src_gene                 ccmE 
_entity_src_gen.gene_src_species                   ? 
_entity_src_gen.gene_src_strain                    ? 
_entity_src_gen.gene_src_tissue                    ? 
_entity_src_gen.gene_src_tissue_fraction           ? 
_entity_src_gen.gene_src_details                   ? 
_entity_src_gen.pdbx_gene_src_fragment             ? 
_entity_src_gen.pdbx_gene_src_scientific_name      'Shewanella putrefaciens' 
_entity_src_gen.pdbx_gene_src_ncbi_taxonomy_id     24 
_entity_src_gen.pdbx_gene_src_variant              ? 
_entity_src_gen.pdbx_gene_src_cell_line            ? 
_entity_src_gen.pdbx_gene_src_atcc                 ? 
_entity_src_gen.pdbx_gene_src_organ                ? 
_entity_src_gen.pdbx_gene_src_organelle            ? 
_entity_src_gen.pdbx_gene_src_cell                 ? 
_entity_src_gen.pdbx_gene_src_cellular_location    ? 
_entity_src_gen.host_org_common_name               ? 
_entity_src_gen.pdbx_host_org_scientific_name      'Escherichia coli' 
_entity_src_gen.pdbx_host_org_ncbi_taxonomy_id     562 
_entity_src_gen.host_org_genus                     Escherichia 
_entity_src_gen.pdbx_host_org_gene                 ? 
_entity_src_gen.pdbx_host_org_organ                ? 
_entity_src_gen.host_org_species                   ? 
_entity_src_gen.pdbx_host_org_tissue               ? 
_entity_src_gen.pdbx_host_org_tissue_fraction      ? 
_entity_src_gen.pdbx_host_org_strain               'BL21 Gold(DE3)' 
_entity_src_gen.pdbx_host_org_variant              ? 
_entity_src_gen.pdbx_host_org_cell_line            ? 
_entity_src_gen.pdbx_host_org_atcc                 ? 
_entity_src_gen.pdbx_host_org_culture_collection   ? 
_entity_src_gen.pdbx_host_org_cell                 ? 
_entity_src_gen.pdbx_host_org_organelle            ? 
_entity_src_gen.pdbx_host_org_cellular_location    ? 
_entity_src_gen.pdbx_host_org_vector_type          plasmid 
_entity_src_gen.pdbx_host_org_vector               ? 
_entity_src_gen.host_org_details                   ? 
_entity_src_gen.expression_system_id               ? 
_entity_src_gen.plasmid_name                       pPB10 
_entity_src_gen.plasmid_details                    ? 
_entity_src_gen.pdbx_description                   ? 
# 
loop_
_chem_comp.id 
_chem_comp.type 
_chem_comp.mon_nstd_flag 
_chem_comp.name 
_chem_comp.pdbx_synonyms 
_chem_comp.formula 
_chem_comp.formula_weight 
ALA 'L-peptide linking' y ALANINE         ? 'C3 H7 N O2'     89.093  
ARG 'L-peptide linking' y ARGININE        ? 'C6 H15 N4 O2 1' 175.209 
ASN 'L-peptide linking' y ASPARAGINE      ? 'C4 H8 N2 O3'    132.118 
ASP 'L-peptide linking' y 'ASPARTIC ACID' ? 'C4 H7 N O4'     133.103 
GLN 'L-peptide linking' y GLUTAMINE       ? 'C5 H10 N2 O3'   146.144 
GLU 'L-peptide linking' y 'GLUTAMIC ACID' ? 'C5 H9 N O4'     147.129 
GLY 'peptide linking'   y GLYCINE         ? 'C2 H5 N O2'     75.067  
HIS 'L-peptide linking' y HISTIDINE       ? 'C6 H10 N3 O2 1' 156.162 
ILE 'L-peptide linking' y ISOLEUCINE      ? 'C6 H13 N O2'    131.173 
LEU 'L-peptide linking' y LEUCINE         ? 'C6 H13 N O2'    131.173 
LYS 'L-peptide linking' y LYSINE          ? 'C6 H15 N2 O2 1' 147.195 
MET 'L-peptide linking' y METHIONINE      ? 'C5 H11 N O2 S'  149.211 
PHE 'L-peptide linking' y PHENYLALANINE   ? 'C9 H11 N O2'    165.189 
PRO 'L-peptide linking' y PROLINE         ? 'C5 H9 N O2'     115.130 
SER 'L-peptide linking' y SERINE          ? 'C3 H7 N O3'     105.093 
THR 'L-peptide linking' y THREONINE       ? 'C4 H9 N O3'     119.119 
TYR 'L-peptide linking' y TYROSINE        ? 'C9 H11 N O3'    181.189 
VAL 'L-peptide linking' y VALINE          ? 'C5 H11 N O2'    117.146 
# 
loop_
_pdbx_poly_seq_scheme.asym_id 
_pdbx_poly_seq_scheme.entity_id 
_pdbx_poly_seq_scheme.seq_id 
_pdbx_poly_seq_scheme.mon_id 
_pdbx_poly_seq_scheme.ndb_seq_num 
_pdbx_poly_seq_scheme.pdb_seq_num 
_pdbx_poly_seq_scheme.auth_seq_num 
_pdbx_poly_seq_scheme.pdb_mon_id 
_pdbx_poly_seq_scheme.auth_mon_id 
_pdbx_poly_seq_scheme.pdb_strand_id 
_pdbx_poly_seq_scheme.pdb_ins_code 
_pdbx_poly_seq_scheme.hetero 
A 1 1   PHE 1   26  ?   ?   ?   A . n 
A 1 2   ALA 2   27  ?   ?   ?   A . n 
A 1 3   ALA 3   28  ?   ?   ?   A . n 
A 1 4   ASP 4   29  ?   ?   ?   A . n 
A 1 5   LEU 5   30  ?   ?   ?   A . n 
A 1 6   ASN 6   31  ?   ?   ?   A . n 
A 1 7   SER 7   32  32  SER SER A . n 
A 1 8   ASN 8   33  33  ASN ASN A . n 
A 1 9   LEU 9   34  34  LEU LEU A . n 
A 1 10  ASN 10  35  35  ASN ASN A . n 
A 1 11  LEU 11  36  36  LEU LEU A . n 
A 1 12  PHE 12  37  37  PHE PHE A . n 
A 1 13  TYR 13  38  38  TYR TYR A . n 
A 1 14  THR 14  39  39  THR THR A . n 
A 1 15  PRO 15  40  40  PRO PRO A . n 
A 1 16  SER 16  41  41  SER SER A . n 
A 1 17  GLU 17  42  42  GLU GLU A . n 
A 1 18  ILE 18  43  43  ILE ILE A . n 
A 1 19  VAL 19  44  44  VAL VAL A . n 
A 1 20  ASN 20  45  45  ASN ASN A . n 
A 1 21  GLY 21  46  46  GLY GLY A . n 
A 1 22  LYS 22  47  47  LYS LYS A . n 
A 1 23  THR 23  48  48  THR THR A . n 
A 1 24  ASP 24  49  49  ASP ASP A . n 
A 1 25  THR 25  50  50  THR THR A . n 
A 1 26  GLY 26  51  51  GLY GLY A . n 
A 1 27  VAL 27  52  52  VAL VAL A . n 
A 1 28  LYS 28  53  53  LYS LYS A . n 
A 1 29  PRO 29  54  54  PRO PRO A . n 
A 1 30  GLU 30  55  55  GLU GLU A . n 
A 1 31  ALA 31  56  56  ALA ALA A . n 
A 1 32  GLY 32  57  57  GLY GLY A . n 
A 1 33  GLN 33  58  58  GLN GLN A . n 
A 1 34  ARG 34  59  59  ARG ARG A . n 
A 1 35  ILE 35  60  60  ILE ILE A . n 
A 1 36  ARG 36  61  61  ARG ARG A . n 
A 1 37  VAL 37  62  62  VAL VAL A . n 
A 1 38  GLY 38  63  63  GLY GLY A . n 
A 1 39  GLY 39  64  64  GLY GLY A . n 
A 1 40  MET 40  65  65  MET MET A . n 
A 1 41  VAL 41  66  66  VAL VAL A . n 
A 1 42  THR 42  67  67  THR THR A . n 
A 1 43  VAL 43  68  68  VAL VAL A . n 
A 1 44  GLY 44  69  69  GLY GLY A . n 
A 1 45  SER 45  70  70  SER SER A . n 
A 1 46  MET 46  71  71  MET MET A . n 
A 1 47  VAL 47  72  72  VAL VAL A . n 
A 1 48  ARG 48  73  73  ARG ARG A . n 
A 1 49  ASP 49  74  74  ASP ASP A . n 
A 1 50  PRO 50  75  75  PRO PRO A . n 
A 1 51  ASN 51  76  76  ASN ASN A . n 
A 1 52  SER 52  77  77  SER SER A . n 
A 1 53  LEU 53  78  78  LEU LEU A . n 
A 1 54  HIS 54  79  79  HIS HIS A . n 
A 1 55  VAL 55  80  80  VAL VAL A . n 
A 1 56  GLN 56  81  81  GLN GLN A . n 
A 1 57  PHE 57  82  82  PHE PHE A . n 
A 1 58  ALA 58  83  83  ALA ALA A . n 
A 1 59  VAL 59  84  84  VAL VAL A . n 
A 1 60  HIS 60  85  85  HIS HIS A . n 
A 1 61  ASP 61  86  86  ASP ASP A . n 
A 1 62  SER 62  87  87  SER SER A . n 
A 1 63  LEU 63  88  88  LEU LEU A . n 
A 1 64  GLY 64  89  89  GLY GLY A . n 
A 1 65  GLY 65  90  90  GLY GLY A . n 
A 1 66  GLU 66  91  91  GLU GLU A . n 
A 1 67  ILE 67  92  92  ILE ILE A . n 
A 1 68  LEU 68  93  93  LEU LEU A . n 
A 1 69  VAL 69  94  94  VAL VAL A . n 
A 1 70  THR 70  95  95  THR THR A . n 
A 1 71  TYR 71  96  96  TYR TYR A . n 
A 1 72  ASP 72  97  97  ASP ASP A . n 
A 1 73  ASP 73  98  98  ASP ASP A . n 
A 1 74  LEU 74  99  99  LEU LEU A . n 
A 1 75  LEU 75  100 100 LEU LEU A . n 
A 1 76  PRO 76  101 101 PRO PRO A . n 
A 1 77  ASP 77  102 102 ASP ASP A . n 
A 1 78  LEU 78  103 103 LEU LEU A . n 
A 1 79  PHE 79  104 104 PHE PHE A . n 
A 1 80  ARG 80  105 105 ARG ARG A . n 
A 1 81  GLU 81  106 106 GLU GLU A . n 
A 1 82  GLY 82  107 107 GLY GLY A . n 
A 1 83  GLN 83  108 108 GLN GLN A . n 
A 1 84  GLY 84  109 109 GLY GLY A . n 
A 1 85  ILE 85  110 110 ILE ILE A . n 
A 1 86  VAL 86  111 111 VAL VAL A . n 
A 1 87  ALA 87  112 112 ALA ALA A . n 
A 1 88  GLN 88  113 113 GLN GLN A . n 
A 1 89  GLY 89  114 114 GLY GLY A . n 
A 1 90  VAL 90  115 115 VAL VAL A . n 
A 1 91  LEU 91  116 116 LEU LEU A . n 
A 1 92  GLY 92  117 117 GLY GLY A . n 
A 1 93  GLU 93  118 118 GLU GLU A . n 
A 1 94  ASP 94  119 119 ASP ASP A . n 
A 1 95  GLY 95  120 120 GLY GLY A . n 
A 1 96  LYS 96  121 121 LYS LYS A . n 
A 1 97  LEU 97  122 122 LEU LEU A . n 
A 1 98  ALA 98  123 123 ALA ALA A . n 
A 1 99  ALA 99  124 124 ALA ALA A . n 
A 1 100 THR 100 125 125 THR THR A . n 
A 1 101 GLU 101 126 126 GLU GLU A . n 
A 1 102 VAL 102 127 127 VAL VAL A . n 
A 1 103 LEU 103 128 128 LEU LEU A . n 
A 1 104 ALA 104 129 129 ALA ALA A . n 
A 1 105 LYS 105 130 130 LYS LYS A . n 
A 1 106 HIS 106 131 131 HIS HIS A . n 
A 1 107 ASP 107 132 ?   ?   ?   A . n 
A 1 108 GLU 108 133 ?   ?   ?   A . n 
A 1 109 ASN 109 134 ?   ?   ?   A . n 
A 1 110 TYR 110 135 ?   ?   ?   A . n 
A 1 111 MET 111 136 ?   ?   ?   A . n 
A 1 112 PRO 112 137 ?   ?   ?   A . n 
A 1 113 PRO 113 138 ?   ?   ?   A . n 
A 1 114 GLU 114 139 ?   ?   ?   A . n 
A 1 115 VAL 115 140 ?   ?   ?   A . n 
A 1 116 ALA 116 141 ?   ?   ?   A . n 
A 1 117 GLU 117 142 ?   ?   ?   A . n 
A 1 118 ALA 118 143 ?   ?   ?   A . n 
A 1 119 MET 119 144 ?   ?   ?   A . n 
A 1 120 GLY 120 145 ?   ?   ?   A . n 
A 1 121 GLN 121 146 ?   ?   ?   A . n 
A 1 122 LYS 122 147 ?   ?   ?   A . n 
A 1 123 HIS 123 148 ?   ?   ?   A . n 
A 1 124 GLU 124 149 ?   ?   ?   A . n 
A 1 125 LYS 125 150 ?   ?   ?   A . n 
A 1 126 LEU 126 151 ?   ?   ?   A . n 
A 1 127 ASP 127 152 ?   ?   ?   A . n 
A 1 128 TYR 128 153 ?   ?   ?   A . n 
A 1 129 SER 129 154 ?   ?   ?   A . n 
A 1 130 GLN 130 155 ?   ?   ?   A . n 
A 1 131 GLN 131 156 ?   ?   ?   A . n 
A 1 132 LYS 132 157 ?   ?   ?   A . n 
A 1 133 SER 133 158 ?   ?   ?   A . n 
A 1 134 ALA 134 159 ?   ?   ?   A . n 
A 1 135 THR 135 160 ?   ?   ?   A . n 
A 1 136 GLN 136 161 ?   ?   ?   A . n 
# 
_cell.entry_id           1J6Q 
_cell.length_a           1.000 
_cell.length_b           1.000 
_cell.length_c           1.000 
_cell.angle_alpha        90.00 
_cell.angle_beta         90.00 
_cell.angle_gamma        90.00 
_cell.Z_PDB              1 
_cell.pdbx_unique_axis   ? 
# 
_symmetry.entry_id                         1J6Q 
_symmetry.space_group_name_H-M             'P 1' 
_symmetry.pdbx_full_space_group_name_H-M   ? 
_symmetry.cell_setting                     ? 
_symmetry.Int_Tables_number                1 
# 
_exptl.entry_id          1J6Q 
_exptl.method            'SOLUTION NMR' 
_exptl.crystals_number   ? 
# 
_exptl_crystal.id                    1 
_exptl_crystal.density_meas          ? 
_exptl_crystal.density_Matthews      ? 
_exptl_crystal.density_percent_sol   ? 
_exptl_crystal.description           ? 
# 
_diffrn.id                     1 
_diffrn.ambient_temp           ? 
_diffrn.ambient_temp_details   ? 
_diffrn.crystal_id             1 
# 
_diffrn_radiation.diffrn_id                        1 
_diffrn_radiation.wavelength_id                    1 
_diffrn_radiation.pdbx_monochromatic_or_laue_m_l   M 
_diffrn_radiation.monochromator                    ? 
_diffrn_radiation.pdbx_diffrn_protocol             'SINGLE WAVELENGTH' 
_diffrn_radiation.pdbx_scattering_type             ? 
# 
_diffrn_radiation_wavelength.id           1 
_diffrn_radiation_wavelength.wavelength   . 
_diffrn_radiation_wavelength.wt           1.0 
# 
_struct.entry_id                  1J6Q 
_struct.title                     'Solution structure and characterization of the heme chaperone CcmE' 
_struct.pdbx_model_details        ? 
_struct.pdbx_CASP_flag            ? 
_struct.pdbx_model_type_details   'minimized average' 
# 
_struct_keywords.entry_id        1J6Q 
_struct_keywords.pdbx_keywords   CHAPERONE 
_struct_keywords.text            
'all-beta protein, heme delivery, cytochrome c maturation, OB-(oligonucleotide binding)fold, CHAPERONE' 
# 
_struct_asym.id                            A 
_struct_asym.pdbx_blank_PDB_chainid_flag   N 
_struct_asym.pdbx_modified                 N 
_struct_asym.entity_id                     1 
_struct_asym.details                       ? 
# 
_struct_ref.id                         1 
_struct_ref.db_name                    UNP 
_struct_ref.db_code                    O52690_SHEPU 
_struct_ref.entity_id                  1 
_struct_ref.pdbx_seq_one_letter_code   
;LNSNLNLFYTPSEIVNGKTDTGVKPEAGQRIRVGGMVTVGSMVRDPNSLHVQFAVHDSLGGEILVTYDDLLPDLFREGQG
IVAQGVLGEDGKLAATEVLAKHDENYMPPEVAEAMGQKHEKLDYSQQKSATQ
;
_struct_ref.pdbx_align_begin           30 
_struct_ref.pdbx_db_accession          O52690 
_struct_ref.pdbx_db_isoform            ? 
# 
_struct_ref_seq.align_id                      1 
_struct_ref_seq.ref_id                        1 
_struct_ref_seq.pdbx_PDB_id_code              1J6Q 
_struct_ref_seq.pdbx_strand_id                A 
_struct_ref_seq.seq_align_beg                 5 
_struct_ref_seq.pdbx_seq_align_beg_ins_code   ? 
_struct_ref_seq.seq_align_end                 136 
_struct_ref_seq.pdbx_seq_align_end_ins_code   ? 
_struct_ref_seq.pdbx_db_accession             O52690 
_struct_ref_seq.db_align_beg                  30 
_struct_ref_seq.pdbx_db_align_beg_ins_code    ? 
_struct_ref_seq.db_align_end                  161 
_struct_ref_seq.pdbx_db_align_end_ins_code    ? 
_struct_ref_seq.pdbx_auth_seq_align_beg       30 
_struct_ref_seq.pdbx_auth_seq_align_end       161 
# 
loop_
_struct_ref_seq_dif.align_id 
_struct_ref_seq_dif.pdbx_pdb_id_code 
_struct_ref_seq_dif.mon_id 
_struct_ref_seq_dif.pdbx_pdb_strand_id 
_struct_ref_seq_dif.seq_num 
_struct_ref_seq_dif.pdbx_pdb_ins_code 
_struct_ref_seq_dif.pdbx_seq_db_name 
_struct_ref_seq_dif.pdbx_seq_db_accession_code 
_struct_ref_seq_dif.db_mon_id 
_struct_ref_seq_dif.pdbx_seq_db_seq_num 
_struct_ref_seq_dif.details 
_struct_ref_seq_dif.pdbx_auth_seq_num 
_struct_ref_seq_dif.pdbx_ordinal 
1 1J6Q PHE A 1 ? UNP O52690 ? ? 'cloning artifact' 26 1 
1 1J6Q ALA A 2 ? UNP O52690 ? ? 'cloning artifact' 27 2 
1 1J6Q ALA A 3 ? UNP O52690 ? ? 'cloning artifact' 28 3 
1 1J6Q ASP A 4 ? UNP O52690 ? ? 'cloning artifact' 29 4 
# 
_pdbx_struct_assembly.id                   1 
_pdbx_struct_assembly.details              author_defined_assembly 
_pdbx_struct_assembly.method_details       ? 
_pdbx_struct_assembly.oligomeric_details   monomeric 
_pdbx_struct_assembly.oligomeric_count     1 
# 
_pdbx_struct_assembly_gen.assembly_id       1 
_pdbx_struct_assembly_gen.oper_expression   1 
_pdbx_struct_assembly_gen.asym_id_list      A 
# 
_pdbx_struct_oper_list.id                   1 
_pdbx_struct_oper_list.type                 'identity operation' 
_pdbx_struct_oper_list.name                 1_555 
_pdbx_struct_oper_list.symmetry_operation   x,y,z 
_pdbx_struct_oper_list.matrix[1][1]         1.0000000000 
_pdbx_struct_oper_list.matrix[1][2]         0.0000000000 
_pdbx_struct_oper_list.matrix[1][3]         0.0000000000 
_pdbx_struct_oper_list.vector[1]            0.0000000000 
_pdbx_struct_oper_list.matrix[2][1]         0.0000000000 
_pdbx_struct_oper_list.matrix[2][2]         1.0000000000 
_pdbx_struct_oper_list.matrix[2][3]         0.0000000000 
_pdbx_struct_oper_list.vector[2]            0.0000000000 
_pdbx_struct_oper_list.matrix[3][1]         0.0000000000 
_pdbx_struct_oper_list.matrix[3][2]         0.0000000000 
_pdbx_struct_oper_list.matrix[3][3]         1.0000000000 
_pdbx_struct_oper_list.vector[3]            0.0000000000 
# 
_struct_biol.id   1 
# 
_struct_sheet.id               A 
_struct_sheet.type             ? 
_struct_sheet.number_strands   9 
_struct_sheet.details          ? 
# 
loop_
_struct_sheet_order.sheet_id 
_struct_sheet_order.range_id_1 
_struct_sheet_order.range_id_2 
_struct_sheet_order.offset 
_struct_sheet_order.sense 
A 1 2 ? parallel      
A 2 3 ? anti-parallel 
A 3 4 ? anti-parallel 
A 4 5 ? anti-parallel 
A 5 6 ? anti-parallel 
A 6 7 ? parallel      
A 7 8 ? anti-parallel 
A 8 9 ? anti-parallel 
# 
loop_
_struct_sheet_range.sheet_id 
_struct_sheet_range.id 
_struct_sheet_range.beg_label_comp_id 
_struct_sheet_range.beg_label_asym_id 
_struct_sheet_range.beg_label_seq_id 
_struct_sheet_range.pdbx_beg_PDB_ins_code 
_struct_sheet_range.end_label_comp_id 
_struct_sheet_range.end_label_asym_id 
_struct_sheet_range.end_label_seq_id 
_struct_sheet_range.pdbx_end_PDB_ins_code 
_struct_sheet_range.beg_auth_comp_id 
_struct_sheet_range.beg_auth_asym_id 
_struct_sheet_range.beg_auth_seq_id 
_struct_sheet_range.end_auth_comp_id 
_struct_sheet_range.end_auth_asym_id 
_struct_sheet_range.end_auth_seq_id 
A 1 PHE A 12 ? TYR A 13  ? PHE A 37  TYR A 38  
A 2 ARG A 34 ? VAL A 41  ? ARG A 59  VAL A 66  
A 3 VAL A 55 ? HIS A 60  ? VAL A 80  HIS A 85  
A 4 VAL A 47 ? ARG A 48  ? VAL A 72  ARG A 73  
A 5 VAL A 55 ? HIS A 60  ? VAL A 80  HIS A 85  
A 6 ILE A 67 ? TYR A 71  ? ILE A 92  TYR A 96  
A 7 LEU A 97 ? LEU A 103 ? LEU A 122 LEU A 128 
A 8 GLY A 84 ? LEU A 91  ? GLY A 109 LEU A 116 
A 9 ARG A 34 ? VAL A 41  ? ARG A 59  VAL A 66  
# 
loop_
_pdbx_struct_sheet_hbond.sheet_id 
_pdbx_struct_sheet_hbond.range_id_1 
_pdbx_struct_sheet_hbond.range_id_2 
_pdbx_struct_sheet_hbond.range_1_label_atom_id 
_pdbx_struct_sheet_hbond.range_1_label_comp_id 
_pdbx_struct_sheet_hbond.range_1_label_asym_id 
_pdbx_struct_sheet_hbond.range_1_label_seq_id 
_pdbx_struct_sheet_hbond.range_1_PDB_ins_code 
_pdbx_struct_sheet_hbond.range_1_auth_atom_id 
_pdbx_struct_sheet_hbond.range_1_auth_comp_id 
_pdbx_struct_sheet_hbond.range_1_auth_asym_id 
_pdbx_struct_sheet_hbond.range_1_auth_seq_id 
_pdbx_struct_sheet_hbond.range_2_label_atom_id 
_pdbx_struct_sheet_hbond.range_2_label_comp_id 
_pdbx_struct_sheet_hbond.range_2_label_asym_id 
_pdbx_struct_sheet_hbond.range_2_label_seq_id 
_pdbx_struct_sheet_hbond.range_2_PDB_ins_code 
_pdbx_struct_sheet_hbond.range_2_auth_atom_id 
_pdbx_struct_sheet_hbond.range_2_auth_comp_id 
_pdbx_struct_sheet_hbond.range_2_auth_asym_id 
_pdbx_struct_sheet_hbond.range_2_auth_seq_id 
A 1 2 N TYR A 13  ? N TYR A 38  O ARG A 36 ? O ARG A 61  
A 2 3 O MET A 40  ? O MET A 65  N HIS A 60 ? N HIS A 85  
A 3 4 N GLN A 56  ? N GLN A 81  O VAL A 47 ? O VAL A 72  
A 4 5 O VAL A 47  ? O VAL A 72  N GLN A 56 ? N GLN A 81  
A 5 6 O VAL A 59  ? O VAL A 84  N ILE A 67 ? N ILE A 92  
A 6 7 N THR A 70  ? N THR A 95  O LEU A 97 ? O LEU A 122 
A 7 8 N LEU A 103 ? N LEU A 128 O VAL A 86 ? O VAL A 111 
A 8 9 N GLY A 89  ? N GLY A 114 O ILE A 35 ? O ILE A 60  
# 
_pdbx_validate_rmsd_angle.id                         1 
_pdbx_validate_rmsd_angle.PDB_model_num              1 
_pdbx_validate_rmsd_angle.auth_atom_id_1             NE 
_pdbx_validate_rmsd_angle.auth_asym_id_1             A 
_pdbx_validate_rmsd_angle.auth_comp_id_1             ARG 
_pdbx_validate_rmsd_angle.auth_seq_id_1              61 
_pdbx_validate_rmsd_angle.PDB_ins_code_1             ? 
_pdbx_validate_rmsd_angle.label_alt_id_1             ? 
_pdbx_validate_rmsd_angle.auth_atom_id_2             CZ 
_pdbx_validate_rmsd_angle.auth_asym_id_2             A 
_pdbx_validate_rmsd_angle.auth_comp_id_2             ARG 
_pdbx_validate_rmsd_angle.auth_seq_id_2              61 
_pdbx_validate_rmsd_angle.PDB_ins_code_2             ? 
_pdbx_validate_rmsd_angle.label_alt_id_2             ? 
_pdbx_validate_rmsd_angle.auth_atom_id_3             NH2 
_pdbx_validate_rmsd_angle.auth_asym_id_3             A 
_pdbx_validate_rmsd_angle.auth_comp_id_3             ARG 
_pdbx_validate_rmsd_angle.auth_seq_id_3              61 
_pdbx_validate_rmsd_angle.PDB_ins_code_3             ? 
_pdbx_validate_rmsd_angle.label_alt_id_3             ? 
_pdbx_validate_rmsd_angle.angle_value                117.22 
_pdbx_validate_rmsd_angle.angle_target_value         120.30 
_pdbx_validate_rmsd_angle.angle_deviation            -3.08 
_pdbx_validate_rmsd_angle.angle_standard_deviation   0.50 
_pdbx_validate_rmsd_angle.linker_flag                N 
# 
loop_
_pdbx_validate_torsion.id 
_pdbx_validate_torsion.PDB_model_num 
_pdbx_validate_torsion.auth_comp_id 
_pdbx_validate_torsion.auth_asym_id 
_pdbx_validate_torsion.auth_seq_id 
_pdbx_validate_torsion.PDB_ins_code 
_pdbx_validate_torsion.label_alt_id 
_pdbx_validate_torsion.phi 
_pdbx_validate_torsion.psi 
1  1 ILE A 43  ? ? -79.44  42.13   
2  1 VAL A 44  ? ? -141.86 -55.16  
3  1 LYS A 47  ? ? -149.52 -107.47 
4  1 LYS A 53  ? ? -102.94 -74.80  
5  1 LEU A 78  ? ? -154.88 7.00    
6  1 PRO A 101 ? ? -64.37  -92.44  
7  1 ASP A 102 ? ? -77.93  43.19   
8  1 LEU A 103 ? ? 50.23   13.05   
9  1 PHE A 104 ? ? 59.52   79.44   
10 1 ASP A 119 ? ? 13.52   67.29   
11 1 THR A 125 ? ? -147.35 -40.32  
# 
_pdbx_validate_planes.id              1 
_pdbx_validate_planes.PDB_model_num   1 
_pdbx_validate_planes.auth_comp_id    PHE 
_pdbx_validate_planes.auth_asym_id    A 
_pdbx_validate_planes.auth_seq_id     104 
_pdbx_validate_planes.PDB_ins_code    ? 
_pdbx_validate_planes.label_alt_id    ? 
_pdbx_validate_planes.rmsd            0.086 
_pdbx_validate_planes.type            'SIDE CHAIN' 
# 
_pdbx_nmr_ensemble.entry_id                             1J6Q 
_pdbx_nmr_ensemble.conformers_calculated_total_number   ? 
_pdbx_nmr_ensemble.conformers_submitted_total_number    1 
_pdbx_nmr_ensemble.conformer_selection_criteria         ? 
# 
_pdbx_nmr_representative.entry_id             1J6Q 
_pdbx_nmr_representative.conformer_id         1 
_pdbx_nmr_representative.selection_criteria   'minimized average structure' 
# 
_pdbx_nmr_sample_details.solution_id      1 
_pdbx_nmr_sample_details.contents         '2.0 mM apoCcmE, 20 mM phosphate, 90% H2O, 10% D2O' 
_pdbx_nmr_sample_details.solvent_system   '90% H2O/10% D2O' 
# 
_pdbx_nmr_exptl_sample_conditions.conditions_id       1 
_pdbx_nmr_exptl_sample_conditions.temperature         298 
_pdbx_nmr_exptl_sample_conditions.pressure            1 
_pdbx_nmr_exptl_sample_conditions.pH                  7.0 
_pdbx_nmr_exptl_sample_conditions.ionic_strength      '20 mM phosphate' 
_pdbx_nmr_exptl_sample_conditions.pressure_units      atm 
_pdbx_nmr_exptl_sample_conditions.temperature_units   K 
# 
loop_
_pdbx_nmr_exptl.experiment_id 
_pdbx_nmr_exptl.solution_id 
_pdbx_nmr_exptl.conditions_id 
_pdbx_nmr_exptl.type 
1  1 1 '2D NOESY'             
2  1 1 '2D TOCSY'             
3  1 1 3D_13C-separated_NOESY 
4  1 1 3D_15N-separated_NOESY 
5  1 1 HNHA                   
6  1 1 HNCO                   
7  1 1 HNHB                   
8  1 1 CBCANH                 
9  1 1 'CC(CO)NH'             
10 1 1 'CBCA(CO)NH'           
# 
_pdbx_nmr_details.entry_id   1J6Q 
_pdbx_nmr_details.text       
'The structure was determined using triple-resonance NMR spectroscopy on 13C and 15N double labeled apoCcmE.' 
# 
_pdbx_nmr_refine.entry_id           1J6Q 
_pdbx_nmr_refine.method             'simulated annealing, torsion angle dyanamics, restrained energy minimization' 
_pdbx_nmr_refine.details            '1866 meaningful NOEs and 89 dihedral angle constraints.' 
_pdbx_nmr_refine.software_ordinal   1 
# 
loop_
_pdbx_nmr_software.name 
_pdbx_nmr_software.version 
_pdbx_nmr_software.classification 
_pdbx_nmr_software.authors 
_pdbx_nmr_software.ordinal 
XwinNMR 2.6 processing                    Bruker                                                                               1 
XEASY   1.3 'data analysis'               'Xia, Bartels'                                                                       2 
DYANA   1.5 'structure solution'          'Gunter, Mumenthaler, Wuthrich'                                                      3 
CORMA   ?   'iterative matrix relaxation' 'Borgias, Thomas, James'                                                             4 
Amber   5.0 refinement                    'Pearlman, Case, Caldwell, Ross, Cheatham, Ferguson, Seibel, Singh, Weiner, Kollman' 5 
# 
loop_
_pdbx_unobs_or_zero_occ_residues.id 
_pdbx_unobs_or_zero_occ_residues.PDB_model_num 
_pdbx_unobs_or_zero_occ_residues.polymer_flag 
_pdbx_unobs_or_zero_occ_residues.occupancy_flag 
_pdbx_unobs_or_zero_occ_residues.auth_asym_id 
_pdbx_unobs_or_zero_occ_residues.auth_comp_id 
_pdbx_unobs_or_zero_occ_residues.auth_seq_id 
_pdbx_unobs_or_zero_occ_residues.PDB_ins_code 
_pdbx_unobs_or_zero_occ_residues.label_asym_id 
_pdbx_unobs_or_zero_occ_residues.label_comp_id 
_pdbx_unobs_or_zero_occ_residues.label_seq_id 
1  1 Y 1 A PHE 26  ? A PHE 1   
2  1 Y 1 A ALA 27  ? A ALA 2   
3  1 Y 1 A ALA 28  ? A ALA 3   
4  1 Y 1 A ASP 29  ? A ASP 4   
5  1 Y 1 A LEU 30  ? A LEU 5   
6  1 Y 1 A ASN 31  ? A ASN 6   
7  1 Y 1 A ASP 132 ? A ASP 107 
8  1 Y 1 A GLU 133 ? A GLU 108 
9  1 Y 1 A ASN 134 ? A ASN 109 
10 1 Y 1 A TYR 135 ? A TYR 110 
11 1 Y 1 A MET 136 ? A MET 111 
12 1 Y 1 A PRO 137 ? A PRO 112 
13 1 Y 1 A PRO 138 ? A PRO 113 
14 1 Y 1 A GLU 139 ? A GLU 114 
15 1 Y 1 A VAL 140 ? A VAL 115 
16 1 Y 1 A ALA 141 ? A ALA 116 
17 1 Y 1 A GLU 142 ? A GLU 117 
18 1 Y 1 A ALA 143 ? A ALA 118 
19 1 Y 1 A MET 144 ? A MET 119 
20 1 Y 1 A GLY 145 ? A GLY 120 
21 1 Y 1 A GLN 146 ? A GLN 121 
22 1 Y 1 A LYS 147 ? A LYS 122 
23 1 Y 1 A HIS 148 ? A HIS 123 
24 1 Y 1 A GLU 149 ? A GLU 124 
25 1 Y 1 A LYS 150 ? A LYS 125 
26 1 Y 1 A LEU 151 ? A LEU 126 
27 1 Y 1 A ASP 152 ? A ASP 127 
28 1 Y 1 A TYR 153 ? A TYR 128 
29 1 Y 1 A SER 154 ? A SER 129 
30 1 Y 1 A GLN 155 ? A GLN 130 
31 1 Y 1 A GLN 156 ? A GLN 131 
32 1 Y 1 A LYS 157 ? A LYS 132 
33 1 Y 1 A SER 158 ? A SER 133 
34 1 Y 1 A ALA 159 ? A ALA 134 
35 1 Y 1 A THR 160 ? A THR 135 
36 1 Y 1 A GLN 161 ? A GLN 136 
# 
loop_
_chem_comp_atom.comp_id 
_chem_comp_atom.atom_id 
_chem_comp_atom.type_symbol 
_chem_comp_atom.pdbx_aromatic_flag 
_chem_comp_atom.pdbx_stereo_config 
_chem_comp_atom.pdbx_ordinal 
ALA N    N N N 1   
ALA CA   C N S 2   
ALA C    C N N 3   
ALA O    O N N 4   
ALA CB   C N N 5   
ALA OXT  O N N 6   
ALA H    H N N 7   
ALA H2   H N N 8   
ALA HA   H N N 9   
ALA HB1  H N N 10  
ALA HB2  H N N 11  
ALA HB3  H N N 12  
ALA HXT  H N N 13  
ARG N    N N N 14  
ARG CA   C N S 15  
ARG C    C N N 16  
ARG O    O N N 17  
ARG CB   C N N 18  
ARG CG   C N N 19  
ARG CD   C N N 20  
ARG NE   N N N 21  
ARG CZ   C N N 22  
ARG NH1  N N N 23  
ARG NH2  N N N 24  
ARG OXT  O N N 25  
ARG H    H N N 26  
ARG H2   H N N 27  
ARG HA   H N N 28  
ARG HB2  H N N 29  
ARG HB3  H N N 30  
ARG HG2  H N N 31  
ARG HG3  H N N 32  
ARG HD2  H N N 33  
ARG HD3  H N N 34  
ARG HE   H N N 35  
ARG HH11 H N N 36  
ARG HH12 H N N 37  
ARG HH21 H N N 38  
ARG HH22 H N N 39  
ARG HXT  H N N 40  
ASN N    N N N 41  
ASN CA   C N S 42  
ASN C    C N N 43  
ASN O    O N N 44  
ASN CB   C N N 45  
ASN CG   C N N 46  
ASN OD1  O N N 47  
ASN ND2  N N N 48  
ASN OXT  O N N 49  
ASN H    H N N 50  
ASN H2   H N N 51  
ASN HA   H N N 52  
ASN HB2  H N N 53  
ASN HB3  H N N 54  
ASN HD21 H N N 55  
ASN HD22 H N N 56  
ASN HXT  H N N 57  
ASP N    N N N 58  
ASP CA   C N S 59  
ASP C    C N N 60  
ASP O    O N N 61  
ASP CB   C N N 62  
ASP CG   C N N 63  
ASP OD1  O N N 64  
ASP OD2  O N N 65  
ASP OXT  O N N 66  
ASP H    H N N 67  
ASP H2   H N N 68  
ASP HA   H N N 69  
ASP HB2  H N N 70  
ASP HB3  H N N 71  
ASP HD2  H N N 72  
ASP HXT  H N N 73  
GLN N    N N N 74  
GLN CA   C N S 75  
GLN C    C N N 76  
GLN O    O N N 77  
GLN CB   C N N 78  
GLN CG   C N N 79  
GLN CD   C N N 80  
GLN OE1  O N N 81  
GLN NE2  N N N 82  
GLN OXT  O N N 83  
GLN H    H N N 84  
GLN H2   H N N 85  
GLN HA   H N N 86  
GLN HB2  H N N 87  
GLN HB3  H N N 88  
GLN HG2  H N N 89  
GLN HG3  H N N 90  
GLN HE21 H N N 91  
GLN HE22 H N N 92  
GLN HXT  H N N 93  
GLU N    N N N 94  
GLU CA   C N S 95  
GLU C    C N N 96  
GLU O    O N N 97  
GLU CB   C N N 98  
GLU CG   C N N 99  
GLU CD   C N N 100 
GLU OE1  O N N 101 
GLU OE2  O N N 102 
GLU OXT  O N N 103 
GLU H    H N N 104 
GLU H2   H N N 105 
GLU HA   H N N 106 
GLU HB2  H N N 107 
GLU HB3  H N N 108 
GLU HG2  H N N 109 
GLU HG3  H N N 110 
GLU HE2  H N N 111 
GLU HXT  H N N 112 
GLY N    N N N 113 
GLY CA   C N N 114 
GLY C    C N N 115 
GLY O    O N N 116 
GLY OXT  O N N 117 
GLY H    H N N 118 
GLY H2   H N N 119 
GLY HA2  H N N 120 
GLY HA3  H N N 121 
GLY HXT  H N N 122 
HIS N    N N N 123 
HIS CA   C N S 124 
HIS C    C N N 125 
HIS O    O N N 126 
HIS CB   C N N 127 
HIS CG   C Y N 128 
HIS ND1  N Y N 129 
HIS CD2  C Y N 130 
HIS CE1  C Y N 131 
HIS NE2  N Y N 132 
HIS OXT  O N N 133 
HIS H    H N N 134 
HIS H2   H N N 135 
HIS HA   H N N 136 
HIS HB2  H N N 137 
HIS HB3  H N N 138 
HIS HD1  H N N 139 
HIS HD2  H N N 140 
HIS HE1  H N N 141 
HIS HE2  H N N 142 
HIS HXT  H N N 143 
ILE N    N N N 144 
ILE CA   C N S 145 
ILE C    C N N 146 
ILE O    O N N 147 
ILE CB   C N S 148 
ILE CG1  C N N 149 
ILE CG2  C N N 150 
ILE CD1  C N N 151 
ILE OXT  O N N 152 
ILE H    H N N 153 
ILE H2   H N N 154 
ILE HA   H N N 155 
ILE HB   H N N 156 
ILE HG12 H N N 157 
ILE HG13 H N N 158 
ILE HG21 H N N 159 
ILE HG22 H N N 160 
ILE HG23 H N N 161 
ILE HD11 H N N 162 
ILE HD12 H N N 163 
ILE HD13 H N N 164 
ILE HXT  H N N 165 
LEU N    N N N 166 
LEU CA   C N S 167 
LEU C    C N N 168 
LEU O    O N N 169 
LEU CB   C N N 170 
LEU CG   C N N 171 
LEU CD1  C N N 172 
LEU CD2  C N N 173 
LEU OXT  O N N 174 
LEU H    H N N 175 
LEU H2   H N N 176 
LEU HA   H N N 177 
LEU HB2  H N N 178 
LEU HB3  H N N 179 
LEU HG   H N N 180 
LEU HD11 H N N 181 
LEU HD12 H N N 182 
LEU HD13 H N N 183 
LEU HD21 H N N 184 
LEU HD22 H N N 185 
LEU HD23 H N N 186 
LEU HXT  H N N 187 
LYS N    N N N 188 
LYS CA   C N S 189 
LYS C    C N N 190 
LYS O    O N N 191 
LYS CB   C N N 192 
LYS CG   C N N 193 
LYS CD   C N N 194 
LYS CE   C N N 195 
LYS NZ   N N N 196 
LYS OXT  O N N 197 
LYS H    H N N 198 
LYS H2   H N N 199 
LYS HA   H N N 200 
LYS HB2  H N N 201 
LYS HB3  H N N 202 
LYS HG2  H N N 203 
LYS HG3  H N N 204 
LYS HD2  H N N 205 
LYS HD3  H N N 206 
LYS HE2  H N N 207 
LYS HE3  H N N 208 
LYS HZ1  H N N 209 
LYS HZ2  H N N 210 
LYS HZ3  H N N 211 
LYS HXT  H N N 212 
MET N    N N N 213 
MET CA   C N S 214 
MET C    C N N 215 
MET O    O N N 216 
MET CB   C N N 217 
MET CG   C N N 218 
MET SD   S N N 219 
MET CE   C N N 220 
MET OXT  O N N 221 
MET H    H N N 222 
MET H2   H N N 223 
MET HA   H N N 224 
MET HB2  H N N 225 
MET HB3  H N N 226 
MET HG2  H N N 227 
MET HG3  H N N 228 
MET HE1  H N N 229 
MET HE2  H N N 230 
MET HE3  H N N 231 
MET HXT  H N N 232 
PHE N    N N N 233 
PHE CA   C N S 234 
PHE C    C N N 235 
PHE O    O N N 236 
PHE CB   C N N 237 
PHE CG   C Y N 238 
PHE CD1  C Y N 239 
PHE CD2  C Y N 240 
PHE CE1  C Y N 241 
PHE CE2  C Y N 242 
PHE CZ   C Y N 243 
PHE OXT  O N N 244 
PHE H    H N N 245 
PHE H2   H N N 246 
PHE HA   H N N 247 
PHE HB2  H N N 248 
PHE HB3  H N N 249 
PHE HD1  H N N 250 
PHE HD2  H N N 251 
PHE HE1  H N N 252 
PHE HE2  H N N 253 
PHE HZ   H N N 254 
PHE HXT  H N N 255 
PRO N    N N N 256 
PRO CA   C N S 257 
PRO C    C N N 258 
PRO O    O N N 259 
PRO CB   C N N 260 
PRO CG   C N N 261 
PRO CD   C N N 262 
PRO OXT  O N N 263 
PRO H    H N N 264 
PRO HA   H N N 265 
PRO HB2  H N N 266 
PRO HB3  H N N 267 
PRO HG2  H N N 268 
PRO HG3  H N N 269 
PRO HD2  H N N 270 
PRO HD3  H N N 271 
PRO HXT  H N N 272 
SER N    N N N 273 
SER CA   C N S 274 
SER C    C N N 275 
SER O    O N N 276 
SER CB   C N N 277 
SER OG   O N N 278 
SER OXT  O N N 279 
SER H    H N N 280 
SER H2   H N N 281 
SER HA   H N N 282 
SER HB2  H N N 283 
SER HB3  H N N 284 
SER HG   H N N 285 
SER HXT  H N N 286 
THR N    N N N 287 
THR CA   C N S 288 
THR C    C N N 289 
THR O    O N N 290 
THR CB   C N R 291 
THR OG1  O N N 292 
THR CG2  C N N 293 
THR OXT  O N N 294 
THR H    H N N 295 
THR H2   H N N 296 
THR HA   H N N 297 
THR HB   H N N 298 
THR HG1  H N N 299 
THR HG21 H N N 300 
THR HG22 H N N 301 
THR HG23 H N N 302 
THR HXT  H N N 303 
TYR N    N N N 304 
TYR CA   C N S 305 
TYR C    C N N 306 
TYR O    O N N 307 
TYR CB   C N N 308 
TYR CG   C Y N 309 
TYR CD1  C Y N 310 
TYR CD2  C Y N 311 
TYR CE1  C Y N 312 
TYR CE2  C Y N 313 
TYR CZ   C Y N 314 
TYR OH   O N N 315 
TYR OXT  O N N 316 
TYR H    H N N 317 
TYR H2   H N N 318 
TYR HA   H N N 319 
TYR HB2  H N N 320 
TYR HB3  H N N 321 
TYR HD1  H N N 322 
TYR HD2  H N N 323 
TYR HE1  H N N 324 
TYR HE2  H N N 325 
TYR HH   H N N 326 
TYR HXT  H N N 327 
VAL N    N N N 328 
VAL CA   C N S 329 
VAL C    C N N 330 
VAL O    O N N 331 
VAL CB   C N N 332 
VAL CG1  C N N 333 
VAL CG2  C N N 334 
VAL OXT  O N N 335 
VAL H    H N N 336 
VAL H2   H N N 337 
VAL HA   H N N 338 
VAL HB   H N N 339 
VAL HG11 H N N 340 
VAL HG12 H N N 341 
VAL HG13 H N N 342 
VAL HG21 H N N 343 
VAL HG22 H N N 344 
VAL HG23 H N N 345 
VAL HXT  H N N 346 
# 
loop_
_chem_comp_bond.comp_id 
_chem_comp_bond.atom_id_1 
_chem_comp_bond.atom_id_2 
_chem_comp_bond.value_order 
_chem_comp_bond.pdbx_aromatic_flag 
_chem_comp_bond.pdbx_stereo_config 
_chem_comp_bond.pdbx_ordinal 
ALA N   CA   sing N N 1   
ALA N   H    sing N N 2   
ALA N   H2   sing N N 3   
ALA CA  C    sing N N 4   
ALA CA  CB   sing N N 5   
ALA CA  HA   sing N N 6   
ALA C   O    doub N N 7   
ALA C   OXT  sing N N 8   
ALA CB  HB1  sing N N 9   
ALA CB  HB2  sing N N 10  
ALA CB  HB3  sing N N 11  
ALA OXT HXT  sing N N 12  
ARG N   CA   sing N N 13  
ARG N   H    sing N N 14  
ARG N   H2   sing N N 15  
ARG CA  C    sing N N 16  
ARG CA  CB   sing N N 17  
ARG CA  HA   sing N N 18  
ARG C   O    doub N N 19  
ARG C   OXT  sing N N 20  
ARG CB  CG   sing N N 21  
ARG CB  HB2  sing N N 22  
ARG CB  HB3  sing N N 23  
ARG CG  CD   sing N N 24  
ARG CG  HG2  sing N N 25  
ARG CG  HG3  sing N N 26  
ARG CD  NE   sing N N 27  
ARG CD  HD2  sing N N 28  
ARG CD  HD3  sing N N 29  
ARG NE  CZ   sing N N 30  
ARG NE  HE   sing N N 31  
ARG CZ  NH1  sing N N 32  
ARG CZ  NH2  doub N N 33  
ARG NH1 HH11 sing N N 34  
ARG NH1 HH12 sing N N 35  
ARG NH2 HH21 sing N N 36  
ARG NH2 HH22 sing N N 37  
ARG OXT HXT  sing N N 38  
ASN N   CA   sing N N 39  
ASN N   H    sing N N 40  
ASN N   H2   sing N N 41  
ASN CA  C    sing N N 42  
ASN CA  CB   sing N N 43  
ASN CA  HA   sing N N 44  
ASN C   O    doub N N 45  
ASN C   OXT  sing N N 46  
ASN CB  CG   sing N N 47  
ASN CB  HB2  sing N N 48  
ASN CB  HB3  sing N N 49  
ASN CG  OD1  doub N N 50  
ASN CG  ND2  sing N N 51  
ASN ND2 HD21 sing N N 52  
ASN ND2 HD22 sing N N 53  
ASN OXT HXT  sing N N 54  
ASP N   CA   sing N N 55  
ASP N   H    sing N N 56  
ASP N   H2   sing N N 57  
ASP CA  C    sing N N 58  
ASP CA  CB   sing N N 59  
ASP CA  HA   sing N N 60  
ASP C   O    doub N N 61  
ASP C   OXT  sing N N 62  
ASP CB  CG   sing N N 63  
ASP CB  HB2  sing N N 64  
ASP CB  HB3  sing N N 65  
ASP CG  OD1  doub N N 66  
ASP CG  OD2  sing N N 67  
ASP OD2 HD2  sing N N 68  
ASP OXT HXT  sing N N 69  
GLN N   CA   sing N N 70  
GLN N   H    sing N N 71  
GLN N   H2   sing N N 72  
GLN CA  C    sing N N 73  
GLN CA  CB   sing N N 74  
GLN CA  HA   sing N N 75  
GLN C   O    doub N N 76  
GLN C   OXT  sing N N 77  
GLN CB  CG   sing N N 78  
GLN CB  HB2  sing N N 79  
GLN CB  HB3  sing N N 80  
GLN CG  CD   sing N N 81  
GLN CG  HG2  sing N N 82  
GLN CG  HG3  sing N N 83  
GLN CD  OE1  doub N N 84  
GLN CD  NE2  sing N N 85  
GLN NE2 HE21 sing N N 86  
GLN NE2 HE22 sing N N 87  
GLN OXT HXT  sing N N 88  
GLU N   CA   sing N N 89  
GLU N   H    sing N N 90  
GLU N   H2   sing N N 91  
GLU CA  C    sing N N 92  
GLU CA  CB   sing N N 93  
GLU CA  HA   sing N N 94  
GLU C   O    doub N N 95  
GLU C   OXT  sing N N 96  
GLU CB  CG   sing N N 97  
GLU CB  HB2  sing N N 98  
GLU CB  HB3  sing N N 99  
GLU CG  CD   sing N N 100 
GLU CG  HG2  sing N N 101 
GLU CG  HG3  sing N N 102 
GLU CD  OE1  doub N N 103 
GLU CD  OE2  sing N N 104 
GLU OE2 HE2  sing N N 105 
GLU OXT HXT  sing N N 106 
GLY N   CA   sing N N 107 
GLY N   H    sing N N 108 
GLY N   H2   sing N N 109 
GLY CA  C    sing N N 110 
GLY CA  HA2  sing N N 111 
GLY CA  HA3  sing N N 112 
GLY C   O    doub N N 113 
GLY C   OXT  sing N N 114 
GLY OXT HXT  sing N N 115 
HIS N   CA   sing N N 116 
HIS N   H    sing N N 117 
HIS N   H2   sing N N 118 
HIS CA  C    sing N N 119 
HIS CA  CB   sing N N 120 
HIS CA  HA   sing N N 121 
HIS C   O    doub N N 122 
HIS C   OXT  sing N N 123 
HIS CB  CG   sing N N 124 
HIS CB  HB2  sing N N 125 
HIS CB  HB3  sing N N 126 
HIS CG  ND1  sing Y N 127 
HIS CG  CD2  doub Y N 128 
HIS ND1 CE1  doub Y N 129 
HIS ND1 HD1  sing N N 130 
HIS CD2 NE2  sing Y N 131 
HIS CD2 HD2  sing N N 132 
HIS CE1 NE2  sing Y N 133 
HIS CE1 HE1  sing N N 134 
HIS NE2 HE2  sing N N 135 
HIS OXT HXT  sing N N 136 
ILE N   CA   sing N N 137 
ILE N   H    sing N N 138 
ILE N   H2   sing N N 139 
ILE CA  C    sing N N 140 
ILE CA  CB   sing N N 141 
ILE CA  HA   sing N N 142 
ILE C   O    doub N N 143 
ILE C   OXT  sing N N 144 
ILE CB  CG1  sing N N 145 
ILE CB  CG2  sing N N 146 
ILE CB  HB   sing N N 147 
ILE CG1 CD1  sing N N 148 
ILE CG1 HG12 sing N N 149 
ILE CG1 HG13 sing N N 150 
ILE CG2 HG21 sing N N 151 
ILE CG2 HG22 sing N N 152 
ILE CG2 HG23 sing N N 153 
ILE CD1 HD11 sing N N 154 
ILE CD1 HD12 sing N N 155 
ILE CD1 HD13 sing N N 156 
ILE OXT HXT  sing N N 157 
LEU N   CA   sing N N 158 
LEU N   H    sing N N 159 
LEU N   H2   sing N N 160 
LEU CA  C    sing N N 161 
LEU CA  CB   sing N N 162 
LEU CA  HA   sing N N 163 
LEU C   O    doub N N 164 
LEU C   OXT  sing N N 165 
LEU CB  CG   sing N N 166 
LEU CB  HB2  sing N N 167 
LEU CB  HB3  sing N N 168 
LEU CG  CD1  sing N N 169 
LEU CG  CD2  sing N N 170 
LEU CG  HG   sing N N 171 
LEU CD1 HD11 sing N N 172 
LEU CD1 HD12 sing N N 173 
LEU CD1 HD13 sing N N 174 
LEU CD2 HD21 sing N N 175 
LEU CD2 HD22 sing N N 176 
LEU CD2 HD23 sing N N 177 
LEU OXT HXT  sing N N 178 
LYS N   CA   sing N N 179 
LYS N   H    sing N N 180 
LYS N   H2   sing N N 181 
LYS CA  C    sing N N 182 
LYS CA  CB   sing N N 183 
LYS CA  HA   sing N N 184 
LYS C   O    doub N N 185 
LYS C   OXT  sing N N 186 
LYS CB  CG   sing N N 187 
LYS CB  HB2  sing N N 188 
LYS CB  HB3  sing N N 189 
LYS CG  CD   sing N N 190 
LYS CG  HG2  sing N N 191 
LYS CG  HG3  sing N N 192 
LYS CD  CE   sing N N 193 
LYS CD  HD2  sing N N 194 
LYS CD  HD3  sing N N 195 
LYS CE  NZ   sing N N 196 
LYS CE  HE2  sing N N 197 
LYS CE  HE3  sing N N 198 
LYS NZ  HZ1  sing N N 199 
LYS NZ  HZ2  sing N N 200 
LYS NZ  HZ3  sing N N 201 
LYS OXT HXT  sing N N 202 
MET N   CA   sing N N 203 
MET N   H    sing N N 204 
MET N   H2   sing N N 205 
MET CA  C    sing N N 206 
MET CA  CB   sing N N 207 
MET CA  HA   sing N N 208 
MET C   O    doub N N 209 
MET C   OXT  sing N N 210 
MET CB  CG   sing N N 211 
MET CB  HB2  sing N N 212 
MET CB  HB3  sing N N 213 
MET CG  SD   sing N N 214 
MET CG  HG2  sing N N 215 
MET CG  HG3  sing N N 216 
MET SD  CE   sing N N 217 
MET CE  HE1  sing N N 218 
MET CE  HE2  sing N N 219 
MET CE  HE3  sing N N 220 
MET OXT HXT  sing N N 221 
PHE N   CA   sing N N 222 
PHE N   H    sing N N 223 
PHE N   H2   sing N N 224 
PHE CA  C    sing N N 225 
PHE CA  CB   sing N N 226 
PHE CA  HA   sing N N 227 
PHE C   O    doub N N 228 
PHE C   OXT  sing N N 229 
PHE CB  CG   sing N N 230 
PHE CB  HB2  sing N N 231 
PHE CB  HB3  sing N N 232 
PHE CG  CD1  doub Y N 233 
PHE CG  CD2  sing Y N 234 
PHE CD1 CE1  sing Y N 235 
PHE CD1 HD1  sing N N 236 
PHE CD2 CE2  doub Y N 237 
PHE CD2 HD2  sing N N 238 
PHE CE1 CZ   doub Y N 239 
PHE CE1 HE1  sing N N 240 
PHE CE2 CZ   sing Y N 241 
PHE CE2 HE2  sing N N 242 
PHE CZ  HZ   sing N N 243 
PHE OXT HXT  sing N N 244 
PRO N   CA   sing N N 245 
PRO N   CD   sing N N 246 
PRO N   H    sing N N 247 
PRO CA  C    sing N N 248 
PRO CA  CB   sing N N 249 
PRO CA  HA   sing N N 250 
PRO C   O    doub N N 251 
PRO C   OXT  sing N N 252 
PRO CB  CG   sing N N 253 
PRO CB  HB2  sing N N 254 
PRO CB  HB3  sing N N 255 
PRO CG  CD   sing N N 256 
PRO CG  HG2  sing N N 257 
PRO CG  HG3  sing N N 258 
PRO CD  HD2  sing N N 259 
PRO CD  HD3  sing N N 260 
PRO OXT HXT  sing N N 261 
SER N   CA   sing N N 262 
SER N   H    sing N N 263 
SER N   H2   sing N N 264 
SER CA  C    sing N N 265 
SER CA  CB   sing N N 266 
SER CA  HA   sing N N 267 
SER C   O    doub N N 268 
SER C   OXT  sing N N 269 
SER CB  OG   sing N N 270 
SER CB  HB2  sing N N 271 
SER CB  HB3  sing N N 272 
SER OG  HG   sing N N 273 
SER OXT HXT  sing N N 274 
THR N   CA   sing N N 275 
THR N   H    sing N N 276 
THR N   H2   sing N N 277 
THR CA  C    sing N N 278 
THR CA  CB   sing N N 279 
THR CA  HA   sing N N 280 
THR C   O    doub N N 281 
THR C   OXT  sing N N 282 
THR CB  OG1  sing N N 283 
THR CB  CG2  sing N N 284 
THR CB  HB   sing N N 285 
THR OG1 HG1  sing N N 286 
THR CG2 HG21 sing N N 287 
THR CG2 HG22 sing N N 288 
THR CG2 HG23 sing N N 289 
THR OXT HXT  sing N N 290 
TYR N   CA   sing N N 291 
TYR N   H    sing N N 292 
TYR N   H2   sing N N 293 
TYR CA  C    sing N N 294 
TYR CA  CB   sing N N 295 
TYR CA  HA   sing N N 296 
TYR C   O    doub N N 297 
TYR C   OXT  sing N N 298 
TYR CB  CG   sing N N 299 
TYR CB  HB2  sing N N 300 
TYR CB  HB3  sing N N 301 
TYR CG  CD1  doub Y N 302 
TYR CG  CD2  sing Y N 303 
TYR CD1 CE1  sing Y N 304 
TYR CD1 HD1  sing N N 305 
TYR CD2 CE2  doub Y N 306 
TYR CD2 HD2  sing N N 307 
TYR CE1 CZ   doub Y N 308 
TYR CE1 HE1  sing N N 309 
TYR CE2 CZ   sing Y N 310 
TYR CE2 HE2  sing N N 311 
TYR CZ  OH   sing N N 312 
TYR OH  HH   sing N N 313 
TYR OXT HXT  sing N N 314 
VAL N   CA   sing N N 315 
VAL N   H    sing N N 316 
VAL N   H2   sing N N 317 
VAL CA  C    sing N N 318 
VAL CA  CB   sing N N 319 
VAL CA  HA   sing N N 320 
VAL C   O    doub N N 321 
VAL C   OXT  sing N N 322 
VAL CB  CG1  sing N N 323 
VAL CB  CG2  sing N N 324 
VAL CB  HB   sing N N 325 
VAL CG1 HG11 sing N N 326 
VAL CG1 HG12 sing N N 327 
VAL CG1 HG13 sing N N 328 
VAL CG2 HG21 sing N N 329 
VAL CG2 HG22 sing N N 330 
VAL CG2 HG23 sing N N 331 
VAL OXT HXT  sing N N 332 
# 
_pdbx_nmr_spectrometer.spectrometer_id   1 
_pdbx_nmr_spectrometer.type              ? 
_pdbx_nmr_spectrometer.manufacturer      Bruker 
_pdbx_nmr_spectrometer.model             AVANCE 
_pdbx_nmr_spectrometer.field_strength    700 
# 
_atom_sites.entry_id                    1J6Q 
_atom_sites.fract_transf_matrix[1][1]   1.000000 
_atom_sites.fract_transf_matrix[1][2]   0.000000 
_atom_sites.fract_transf_matrix[1][3]   0.000000 
_atom_sites.fract_transf_matrix[2][1]   0.000000 
_atom_sites.fract_transf_matrix[2][2]   1.000000 
_atom_sites.fract_transf_matrix[2][3]   0.000000 
_atom_sites.fract_transf_matrix[3][1]   0.000000 
_atom_sites.fract_transf_matrix[3][2]   0.000000 
_atom_sites.fract_transf_matrix[3][3]   1.000000 
_atom_sites.fract_transf_vector[1]      0.00000 
_atom_sites.fract_transf_vector[2]      0.00000 
_atom_sites.fract_transf_vector[3]      0.00000 
# 
loop_
_atom_type.symbol 
C 
H 
N 
O 
S 
# 
loop_
_atom_site.group_PDB 
_atom_site.id 
_atom_site.type_symbol 
_atom_site.label_atom_id 
_atom_site.label_alt_id 
_atom_site.label_comp_id 
_atom_site.label_asym_id 
_atom_site.label_entity_id 
_atom_site.label_seq_id 
_atom_site.pdbx_PDB_ins_code 
_atom_site.Cartn_x 
_atom_site.Cartn_y 
_atom_site.Cartn_z 
_atom_site.occupancy 
_atom_site.B_iso_or_equiv 
_atom_site.pdbx_formal_charge 
_atom_site.auth_seq_id 
_atom_site.auth_comp_id 
_atom_site.auth_asym_id 
_atom_site.auth_atom_id 
_atom_site.pdbx_PDB_model_num 
ATOM 1    N N    . SER A 1 7   ? 10.852  4.234   18.469  1.00 0.00 ? 32  SER A N    1 
ATOM 2    C CA   . SER A 1 7   ? 11.677  3.669   17.396  1.00 0.00 ? 32  SER A CA   1 
ATOM 3    C C    . SER A 1 7   ? 11.127  3.940   15.988  1.00 0.00 ? 32  SER A C    1 
ATOM 4    O O    . SER A 1 7   ? 11.490  4.943   15.373  1.00 0.00 ? 32  SER A O    1 
ATOM 5    C CB   . SER A 1 7   ? 12.040  2.199   17.676  1.00 0.00 ? 32  SER A CB   1 
ATOM 6    O OG   . SER A 1 7   ? 11.138  1.594   18.585  1.00 0.00 ? 32  SER A OG   1 
ATOM 7    H H    . SER A 1 7   ? 11.336  4.447   19.329  1.00 0.00 ? 32  SER A H    1 
ATOM 8    H HA   . SER A 1 7   ? 12.618  4.221   17.435  1.00 0.00 ? 32  SER A HA   1 
ATOM 9    H HB2  . SER A 1 7   ? 12.087  1.624   16.749  1.00 0.00 ? 32  SER A HB2  1 
ATOM 10   H HB3  . SER A 1 7   ? 13.033  2.166   18.129  1.00 0.00 ? 32  SER A HB3  1 
ATOM 11   H HG   . SER A 1 7   ? 10.235  1.802   18.335  1.00 0.00 ? 32  SER A HG   1 
ATOM 12   N N    . ASN A 1 8   ? 10.261  3.067   15.462  1.00 0.00 ? 33  ASN A N    1 
ATOM 13   C CA   . ASN A 1 8   ? 9.513   3.359   14.248  1.00 0.00 ? 33  ASN A CA   1 
ATOM 14   C C    . ASN A 1 8   ? 8.307   2.429   14.181  1.00 0.00 ? 33  ASN A C    1 
ATOM 15   O O    . ASN A 1 8   ? 8.453   1.219   14.366  1.00 0.00 ? 33  ASN A O    1 
ATOM 16   C CB   . ASN A 1 8   ? 10.401  3.248   12.999  1.00 0.00 ? 33  ASN A CB   1 
ATOM 17   C CG   . ASN A 1 8   ? 10.349  4.525   12.169  1.00 0.00 ? 33  ASN A CG   1 
ATOM 18   O OD1  . ASN A 1 8   ? 9.892   4.522   11.032  1.00 0.00 ? 33  ASN A OD1  1 
ATOM 19   N ND2  . ASN A 1 8   ? 10.815  5.631   12.736  1.00 0.00 ? 33  ASN A ND2  1 
ATOM 20   H H    . ASN A 1 8   ? 9.946   2.280   16.010  1.00 0.00 ? 33  ASN A H    1 
ATOM 21   H HA   . ASN A 1 8   ? 9.135   4.379   14.348  1.00 0.00 ? 33  ASN A HA   1 
ATOM 22   H HB2  . ASN A 1 8   ? 11.439  3.060   13.275  1.00 0.00 ? 33  ASN A HB2  1 
ATOM 23   H HB3  . ASN A 1 8   ? 10.065  2.418   12.380  1.00 0.00 ? 33  ASN A HB3  1 
ATOM 24   H HD21 . ASN A 1 8   ? 11.170  5.588   13.692  1.00 0.00 ? 33  ASN A HD21 1 
ATOM 25   H HD22 . ASN A 1 8   ? 10.793  6.500   12.227  1.00 0.00 ? 33  ASN A HD22 1 
ATOM 26   N N    . LEU A 1 9   ? 7.116   2.986   13.945  1.00 0.00 ? 34  LEU A N    1 
ATOM 27   C CA   . LEU A 1 9   ? 5.849   2.273   14.057  1.00 0.00 ? 34  LEU A CA   1 
ATOM 28   C C    . LEU A 1 9   ? 5.592   1.394   12.830  1.00 0.00 ? 34  LEU A C    1 
ATOM 29   O O    . LEU A 1 9   ? 4.594   1.544   12.129  1.00 0.00 ? 34  LEU A O    1 
ATOM 30   C CB   . LEU A 1 9   ? 4.711   3.273   14.306  1.00 0.00 ? 34  LEU A CB   1 
ATOM 31   C CG   . LEU A 1 9   ? 4.848   3.963   15.675  1.00 0.00 ? 34  LEU A CG   1 
ATOM 32   C CD1  . LEU A 1 9   ? 5.300   5.421   15.530  1.00 0.00 ? 34  LEU A CD1  1 
ATOM 33   C CD2  . LEU A 1 9   ? 3.514   3.912   16.432  1.00 0.00 ? 34  LEU A CD2  1 
ATOM 34   H H    . LEU A 1 9   ? 7.070   3.979   13.774  1.00 0.00 ? 34  LEU A H    1 
ATOM 35   H HA   . LEU A 1 9   ? 5.891   1.603   14.918  1.00 0.00 ? 34  LEU A HA   1 
ATOM 36   H HB2  . LEU A 1 9   ? 4.676   4.011   13.502  1.00 0.00 ? 34  LEU A HB2  1 
ATOM 37   H HB3  . LEU A 1 9   ? 3.773   2.721   14.293  1.00 0.00 ? 34  LEU A HB3  1 
ATOM 38   H HG   . LEU A 1 9   ? 5.588   3.434   16.276  1.00 0.00 ? 34  LEU A HG   1 
ATOM 39   H HD11 . LEU A 1 9   ? 6.264   5.470   15.026  1.00 0.00 ? 34  LEU A HD11 1 
ATOM 40   H HD12 . LEU A 1 9   ? 4.564   5.986   14.958  1.00 0.00 ? 34  LEU A HD12 1 
ATOM 41   H HD13 . LEU A 1 9   ? 5.400   5.869   16.519  1.00 0.00 ? 34  LEU A HD13 1 
ATOM 42   H HD21 . LEU A 1 9   ? 2.739   4.425   15.863  1.00 0.00 ? 34  LEU A HD21 1 
ATOM 43   H HD22 . LEU A 1 9   ? 3.625   4.391   17.405  1.00 0.00 ? 34  LEU A HD22 1 
ATOM 44   H HD23 . LEU A 1 9   ? 3.220   2.873   16.588  1.00 0.00 ? 34  LEU A HD23 1 
ATOM 45   N N    . ASN A 1 10  ? 6.470   0.417   12.601  1.00 0.00 ? 35  ASN A N    1 
ATOM 46   C CA   . ASN A 1 10  ? 6.313   -0.562  11.534  1.00 0.00 ? 35  ASN A CA   1 
ATOM 47   C C    . ASN A 1 10  ? 5.259   -1.599  11.936  1.00 0.00 ? 35  ASN A C    1 
ATOM 48   O O    . ASN A 1 10  ? 5.575   -2.788  12.046  1.00 0.00 ? 35  ASN A O    1 
ATOM 49   C CB   . ASN A 1 10  ? 7.659   -1.233  11.225  1.00 0.00 ? 35  ASN A CB   1 
ATOM 50   C CG   . ASN A 1 10  ? 8.685   -0.266  10.649  1.00 0.00 ? 35  ASN A CG   1 
ATOM 51   O OD1  . ASN A 1 10  ? 8.523   0.212   9.534   1.00 0.00 ? 35  ASN A OD1  1 
ATOM 52   N ND2  . ASN A 1 10  ? 9.755   0.011   11.386  1.00 0.00 ? 35  ASN A ND2  1 
ATOM 53   H H    . ASN A 1 10  ? 7.263   0.346   13.232  1.00 0.00 ? 35  ASN A H    1 
ATOM 54   H HA   . ASN A 1 10  ? 5.972   -0.062  10.625  1.00 0.00 ? 35  ASN A HA   1 
ATOM 55   H HB2  . ASN A 1 10  ? 8.053   -1.717  12.120  1.00 0.00 ? 35  ASN A HB2  1 
ATOM 56   H HB3  . ASN A 1 10  ? 7.501   -1.985  10.455  1.00 0.00 ? 35  ASN A HB3  1 
ATOM 57   H HD21 . ASN A 1 10  ? 9.858   -0.369  12.315  1.00 0.00 ? 35  ASN A HD21 1 
ATOM 58   H HD22 . ASN A 1 10  ? 10.456  0.626   11.003  1.00 0.00 ? 35  ASN A HD22 1 
ATOM 59   N N    . LEU A 1 11  ? 4.011   -1.161  12.133  1.00 0.00 ? 36  LEU A N    1 
ATOM 60   C CA   . LEU A 1 11  ? 2.876   -2.033  12.421  1.00 0.00 ? 36  LEU A CA   1 
ATOM 61   C C    . LEU A 1 11  ? 2.038   -2.245  11.165  1.00 0.00 ? 36  LEU A C    1 
ATOM 62   O O    . LEU A 1 11  ? 2.140   -1.481  10.205  1.00 0.00 ? 36  LEU A O    1 
ATOM 63   C CB   . LEU A 1 11  ? 2.033   -1.526  13.607  1.00 0.00 ? 36  LEU A CB   1 
ATOM 64   C CG   . LEU A 1 11  ? 0.943   -0.482  13.291  1.00 0.00 ? 36  LEU A CG   1 
ATOM 65   C CD1  . LEU A 1 11  ? 0.040   -0.320  14.520  1.00 0.00 ? 36  LEU A CD1  1 
ATOM 66   C CD2  . LEU A 1 11  ? 1.534   0.878   12.920  1.00 0.00 ? 36  LEU A CD2  1 
ATOM 67   H H    . LEU A 1 11  ? 3.828   -0.176  11.966  1.00 0.00 ? 36  LEU A H    1 
ATOM 68   H HA   . LEU A 1 11  ? 3.259   -3.009  12.725  1.00 0.00 ? 36  LEU A HA   1 
ATOM 69   H HB2  . LEU A 1 11  ? 1.520   -2.399  14.013  1.00 0.00 ? 36  LEU A HB2  1 
ATOM 70   H HB3  . LEU A 1 11  ? 2.695   -1.146  14.386  1.00 0.00 ? 36  LEU A HB3  1 
ATOM 71   H HG   . LEU A 1 11  ? 0.303   -0.821  12.475  1.00 0.00 ? 36  LEU A HG   1 
ATOM 72   H HD11 . LEU A 1 11  ? 0.628   -0.003  15.381  1.00 0.00 ? 36  LEU A HD11 1 
ATOM 73   H HD12 . LEU A 1 11  ? -0.732  0.423   14.319  1.00 0.00 ? 36  LEU A HD12 1 
ATOM 74   H HD13 . LEU A 1 11  ? -0.446  -1.270  14.748  1.00 0.00 ? 36  LEU A HD13 1 
ATOM 75   H HD21 . LEU A 1 11  ? 0.737   1.619   12.832  1.00 0.00 ? 36  LEU A HD21 1 
ATOM 76   H HD22 . LEU A 1 11  ? 2.228   1.195   13.696  1.00 0.00 ? 36  LEU A HD22 1 
ATOM 77   H HD23 . LEU A 1 11  ? 2.050   0.818   11.963  1.00 0.00 ? 36  LEU A HD23 1 
ATOM 78   N N    . PHE A 1 12  ? 1.210   -3.290  11.199  1.00 0.00 ? 37  PHE A N    1 
ATOM 79   C CA   . PHE A 1 12  ? 0.310   -3.660  10.122  1.00 0.00 ? 37  PHE A CA   1 
ATOM 80   C C    . PHE A 1 12  ? -1.033  -2.969  10.355  1.00 0.00 ? 37  PHE A C    1 
ATOM 81   O O    . PHE A 1 12  ? -1.660  -3.210  11.384  1.00 0.00 ? 37  PHE A O    1 
ATOM 82   C CB   . PHE A 1 12  ? 0.147   -5.187  10.096  1.00 0.00 ? 37  PHE A CB   1 
ATOM 83   C CG   . PHE A 1 12  ? 1.442   -5.963  9.910   1.00 0.00 ? 37  PHE A CG   1 
ATOM 84   C CD1  . PHE A 1 12  ? 2.238   -6.301  11.022  1.00 0.00 ? 37  PHE A CD1  1 
ATOM 85   C CD2  . PHE A 1 12  ? 1.855   -6.343  8.621   1.00 0.00 ? 37  PHE A CD2  1 
ATOM 86   C CE1  . PHE A 1 12  ? 3.443   -7.004  10.844  1.00 0.00 ? 37  PHE A CE1  1 
ATOM 87   C CE2  . PHE A 1 12  ? 3.041   -7.079  8.446   1.00 0.00 ? 37  PHE A CE2  1 
ATOM 88   C CZ   . PHE A 1 12  ? 3.839   -7.405  9.556   1.00 0.00 ? 37  PHE A CZ   1 
ATOM 89   H H    . PHE A 1 12  ? 1.137   -3.815  12.056  1.00 0.00 ? 37  PHE A H    1 
ATOM 90   H HA   . PHE A 1 12  ? 0.740   -3.338  9.177   1.00 0.00 ? 37  PHE A HA   1 
ATOM 91   H HB2  . PHE A 1 12  ? -0.328  -5.506  11.026  1.00 0.00 ? 37  PHE A HB2  1 
ATOM 92   H HB3  . PHE A 1 12  ? -0.539  -5.437  9.286   1.00 0.00 ? 37  PHE A HB3  1 
ATOM 93   H HD1  . PHE A 1 12  ? 1.937   -6.013  12.019  1.00 0.00 ? 37  PHE A HD1  1 
ATOM 94   H HD2  . PHE A 1 12  ? 1.276   -6.035  7.762   1.00 0.00 ? 37  PHE A HD2  1 
ATOM 95   H HE1  . PHE A 1 12  ? 4.066   -7.230  11.698  1.00 0.00 ? 37  PHE A HE1  1 
ATOM 96   H HE2  . PHE A 1 12  ? 3.397   -7.302  7.452   1.00 0.00 ? 37  PHE A HE2  1 
ATOM 97   H HZ   . PHE A 1 12  ? 4.782   -7.916  9.415   1.00 0.00 ? 37  PHE A HZ   1 
ATOM 98   N N    . TYR A 1 13  ? -1.456  -2.108  9.428   1.00 0.00 ? 38  TYR A N    1 
ATOM 99   C CA   . TYR A 1 13  ? -2.639  -1.267  9.549   1.00 0.00 ? 38  TYR A CA   1 
ATOM 100  C C    . TYR A 1 13  ? -3.540  -1.485  8.324   1.00 0.00 ? 38  TYR A C    1 
ATOM 101  O O    . TYR A 1 13  ? -3.046  -1.712  7.219   1.00 0.00 ? 38  TYR A O    1 
ATOM 102  C CB   . TYR A 1 13  ? -2.153  0.192   9.688   1.00 0.00 ? 38  TYR A CB   1 
ATOM 103  C CG   . TYR A 1 13  ? -2.805  1.062   10.752  1.00 0.00 ? 38  TYR A CG   1 
ATOM 104  C CD1  . TYR A 1 13  ? -3.121  0.550   12.027  1.00 0.00 ? 38  TYR A CD1  1 
ATOM 105  C CD2  . TYR A 1 13  ? -2.869  2.451   10.543  1.00 0.00 ? 38  TYR A CD2  1 
ATOM 106  C CE1  . TYR A 1 13  ? -3.670  1.394   13.009  1.00 0.00 ? 38  TYR A CE1  1 
ATOM 107  C CE2  . TYR A 1 13  ? -3.418  3.296   11.521  1.00 0.00 ? 38  TYR A CE2  1 
ATOM 108  C CZ   . TYR A 1 13  ? -3.856  2.762   12.741  1.00 0.00 ? 38  TYR A CZ   1 
ATOM 109  O OH   . TYR A 1 13  ? -4.494  3.569   13.645  1.00 0.00 ? 38  TYR A OH   1 
ATOM 110  H H    . TYR A 1 13  ? -0.869  -1.933  8.621   1.00 0.00 ? 38  TYR A H    1 
ATOM 111  H HA   . TYR A 1 13  ? -3.212  -1.574  10.420  1.00 0.00 ? 38  TYR A HA   1 
ATOM 112  H HB2  . TYR A 1 13  ? -1.089  0.193   9.931   1.00 0.00 ? 38  TYR A HB2  1 
ATOM 113  H HB3  . TYR A 1 13  ? -2.255  0.679   8.717   1.00 0.00 ? 38  TYR A HB3  1 
ATOM 114  H HD1  . TYR A 1 13  ? -2.924  -0.480  12.280  1.00 0.00 ? 38  TYR A HD1  1 
ATOM 115  H HD2  . TYR A 1 13  ? -2.436  2.878   9.653   1.00 0.00 ? 38  TYR A HD2  1 
ATOM 116  H HE1  . TYR A 1 13  ? -3.955  0.966   13.958  1.00 0.00 ? 38  TYR A HE1  1 
ATOM 117  H HE2  . TYR A 1 13  ? -3.489  4.354   11.329  1.00 0.00 ? 38  TYR A HE2  1 
ATOM 118  H HH   . TYR A 1 13  ? -4.674  3.074   14.451  1.00 0.00 ? 38  TYR A HH   1 
ATOM 119  N N    . THR A 1 14  ? -4.861  -1.463  8.511   1.00 0.00 ? 39  THR A N    1 
ATOM 120  C CA   . THR A 1 14  ? -5.835  -1.702  7.457   1.00 0.00 ? 39  THR A CA   1 
ATOM 121  C C    . THR A 1 14  ? -5.922  -0.484  6.525   1.00 0.00 ? 39  THR A C    1 
ATOM 122  O O    . THR A 1 14  ? -5.868  0.647   7.008   1.00 0.00 ? 39  THR A O    1 
ATOM 123  C CB   . THR A 1 14  ? -7.194  -1.995  8.120   1.00 0.00 ? 39  THR A CB   1 
ATOM 124  O OG1  . THR A 1 14  ? -7.219  -1.404  9.409   1.00 0.00 ? 39  THR A OG1  1 
ATOM 125  C CG2  . THR A 1 14  ? -7.409  -3.501  8.282   1.00 0.00 ? 39  THR A CG2  1 
ATOM 126  H H    . THR A 1 14  ? -5.272  -1.262  9.414   1.00 0.00 ? 39  THR A H    1 
ATOM 127  H HA   . THR A 1 14  ? -5.509  -2.576  6.895   1.00 0.00 ? 39  THR A HA   1 
ATOM 128  H HB   . THR A 1 14  ? -8.004  -1.594  7.508   1.00 0.00 ? 39  THR A HB   1 
ATOM 129  H HG1  . THR A 1 14  ? -8.122  -1.388  9.742   1.00 0.00 ? 39  THR A HG1  1 
ATOM 130  H HG21 . THR A 1 14  ? -8.361  -3.686  8.782   1.00 0.00 ? 39  THR A HG21 1 
ATOM 131  H HG22 . THR A 1 14  ? -7.436  -3.983  7.303   1.00 0.00 ? 39  THR A HG22 1 
ATOM 132  H HG23 . THR A 1 14  ? -6.602  -3.934  8.875   1.00 0.00 ? 39  THR A HG23 1 
ATOM 133  N N    . PRO A 1 15  ? -6.090  -0.675  5.205   1.00 0.00 ? 40  PRO A N    1 
ATOM 134  C CA   . PRO A 1 15  ? -6.191  0.424   4.254   1.00 0.00 ? 40  PRO A CA   1 
ATOM 135  C C    . PRO A 1 15  ? -7.302  1.395   4.660   1.00 0.00 ? 40  PRO A C    1 
ATOM 136  O O    . PRO A 1 15  ? -7.075  2.598   4.727   1.00 0.00 ? 40  PRO A O    1 
ATOM 137  C CB   . PRO A 1 15  ? -6.416  -0.212  2.880   1.00 0.00 ? 40  PRO A CB   1 
ATOM 138  C CG   . PRO A 1 15  ? -6.933  -1.612  3.199   1.00 0.00 ? 40  PRO A CG   1 
ATOM 139  C CD   . PRO A 1 15  ? -6.266  -1.948  4.529   1.00 0.00 ? 40  PRO A CD   1 
ATOM 140  H HA   . PRO A 1 15  ? -5.246  0.964   4.224   1.00 0.00 ? 40  PRO A HA   1 
ATOM 141  H HB2  . PRO A 1 15  ? -7.113  0.350   2.259   1.00 0.00 ? 40  PRO A HB2  1 
ATOM 142  H HB3  . PRO A 1 15  ? -5.458  -0.295  2.366   1.00 0.00 ? 40  PRO A HB3  1 
ATOM 143  H HG2  . PRO A 1 15  ? -8.015  -1.577  3.327   1.00 0.00 ? 40  PRO A HG2  1 
ATOM 144  H HG3  . PRO A 1 15  ? -6.663  -2.325  2.422   1.00 0.00 ? 40  PRO A HG3  1 
ATOM 145  H HD2  . PRO A 1 15  ? -6.892  -2.650  5.085   1.00 0.00 ? 40  PRO A HD2  1 
ATOM 146  H HD3  . PRO A 1 15  ? -5.285  -2.383  4.342   1.00 0.00 ? 40  PRO A HD3  1 
ATOM 147  N N    . SER A 1 16  ? -8.477  0.867   5.010   1.00 0.00 ? 41  SER A N    1 
ATOM 148  C CA   . SER A 1 16  ? -9.617  1.617   5.511   1.00 0.00 ? 41  SER A CA   1 
ATOM 149  C C    . SER A 1 16  ? -9.230  2.625   6.593   1.00 0.00 ? 41  SER A C    1 
ATOM 150  O O    . SER A 1 16  ? -9.724  3.758   6.608   1.00 0.00 ? 41  SER A O    1 
ATOM 151  C CB   . SER A 1 16  ? -10.630 0.605   6.060   1.00 0.00 ? 41  SER A CB   1 
ATOM 152  O OG   . SER A 1 16  ? -10.507 -0.606  5.337   1.00 0.00 ? 41  SER A OG   1 
ATOM 153  H H    . SER A 1 16  ? -8.655  -0.122  4.886   1.00 0.00 ? 41  SER A H    1 
ATOM 154  H HA   . SER A 1 16  ? -10.047 2.159   4.675   1.00 0.00 ? 41  SER A HA   1 
ATOM 155  H HB2  . SER A 1 16  ? -10.420 0.401   7.113   1.00 0.00 ? 41  SER A HB2  1 
ATOM 156  H HB3  . SER A 1 16  ? -11.642 1.008   5.978   1.00 0.00 ? 41  SER A HB3  1 
ATOM 157  H HG   . SER A 1 16  ? -11.002 -1.300  5.784   1.00 0.00 ? 41  SER A HG   1 
ATOM 158  N N    . GLU A 1 17  ? -8.358  2.186   7.503   1.00 0.00 ? 42  GLU A N    1 
ATOM 159  C CA   . GLU A 1 17  ? -7.865  2.999   8.594   1.00 0.00 ? 42  GLU A CA   1 
ATOM 160  C C    . GLU A 1 17  ? -7.184  4.216   7.979   1.00 0.00 ? 42  GLU A C    1 
ATOM 161  O O    . GLU A 1 17  ? -7.583  5.356   8.212   1.00 0.00 ? 42  GLU A O    1 
ATOM 162  C CB   . GLU A 1 17  ? -6.901  2.152   9.441   1.00 0.00 ? 42  GLU A CB   1 
ATOM 163  C CG   . GLU A 1 17  ? -6.770  2.644   10.883  1.00 0.00 ? 42  GLU A CG   1 
ATOM 164  C CD   . GLU A 1 17  ? -8.048  2.460   11.694  1.00 0.00 ? 42  GLU A CD   1 
ATOM 165  O OE1  . GLU A 1 17  ? -8.863  1.590   11.329  1.00 0.00 ? 42  GLU A OE1  1 
ATOM 166  O OE2  . GLU A 1 17  ? -8.161  3.214   12.685  1.00 0.00 ? 42  GLU A OE2  1 
ATOM 167  H H    . GLU A 1 17  ? -7.912  1.291   7.357   1.00 0.00 ? 42  GLU A H    1 
ATOM 168  H HA   . GLU A 1 17  ? -8.718  3.316   9.195   1.00 0.00 ? 42  GLU A HA   1 
ATOM 169  H HB2  . GLU A 1 17  ? -7.263  1.125   9.484   1.00 0.00 ? 42  GLU A HB2  1 
ATOM 170  H HB3  . GLU A 1 17  ? -5.907  2.138   8.993   1.00 0.00 ? 42  GLU A HB3  1 
ATOM 171  H HG2  . GLU A 1 17  ? -6.008  2.039   11.362  1.00 0.00 ? 42  GLU A HG2  1 
ATOM 172  H HG3  . GLU A 1 17  ? -6.446  3.682   10.879  1.00 0.00 ? 42  GLU A HG3  1 
ATOM 173  N N    . ILE A 1 18  ? -6.204  3.971   7.111   1.00 0.00 ? 43  ILE A N    1 
ATOM 174  C CA   . ILE A 1 18  ? -5.442  5.003   6.419   1.00 0.00 ? 43  ILE A CA   1 
ATOM 175  C C    . ILE A 1 18  ? -6.206  5.584   5.219   1.00 0.00 ? 43  ILE A C    1 
ATOM 176  O O    . ILE A 1 18  ? -5.620  5.889   4.183   1.00 0.00 ? 43  ILE A O    1 
ATOM 177  C CB   . ILE A 1 18  ? -4.024  4.492   6.100   1.00 0.00 ? 43  ILE A CB   1 
ATOM 178  C CG1  . ILE A 1 18  ? -4.031  3.178   5.310   1.00 0.00 ? 43  ILE A CG1  1 
ATOM 179  C CG2  . ILE A 1 18  ? -3.264  4.319   7.419   1.00 0.00 ? 43  ILE A CG2  1 
ATOM 180  C CD1  . ILE A 1 18  ? -2.635  2.758   4.858   1.00 0.00 ? 43  ILE A CD1  1 
ATOM 181  H H    . ILE A 1 18  ? -6.063  3.004   6.844   1.00 0.00 ? 43  ILE A H    1 
ATOM 182  H HA   . ILE A 1 18  ? -5.310  5.840   7.101   1.00 0.00 ? 43  ILE A HA   1 
ATOM 183  H HB   . ILE A 1 18  ? -3.505  5.237   5.502   1.00 0.00 ? 43  ILE A HB   1 
ATOM 184  H HG12 . ILE A 1 18  ? -4.429  2.369   5.914   1.00 0.00 ? 43  ILE A HG12 1 
ATOM 185  H HG13 . ILE A 1 18  ? -4.653  3.309   4.427   1.00 0.00 ? 43  ILE A HG13 1 
ATOM 186  H HG21 . ILE A 1 18  ? -3.296  5.241   8.000   1.00 0.00 ? 43  ILE A HG21 1 
ATOM 187  H HG22 . ILE A 1 18  ? -3.730  3.519   7.990   1.00 0.00 ? 43  ILE A HG22 1 
ATOM 188  H HG23 . ILE A 1 18  ? -2.220  4.074   7.232   1.00 0.00 ? 43  ILE A HG23 1 
ATOM 189  H HD11 . ILE A 1 18  ? -2.047  2.406   5.705   1.00 0.00 ? 43  ILE A HD11 1 
ATOM 190  H HD12 . ILE A 1 18  ? -2.737  1.943   4.145   1.00 0.00 ? 43  ILE A HD12 1 
ATOM 191  H HD13 . ILE A 1 18  ? -2.134  3.599   4.383   1.00 0.00 ? 43  ILE A HD13 1 
ATOM 192  N N    . VAL A 1 19  ? -7.504  5.824   5.410   1.00 0.00 ? 44  VAL A N    1 
ATOM 193  C CA   . VAL A 1 19  ? -8.387  6.566   4.522   1.00 0.00 ? 44  VAL A CA   1 
ATOM 194  C C    . VAL A 1 19  ? -9.321  7.374   5.422   1.00 0.00 ? 44  VAL A C    1 
ATOM 195  O O    . VAL A 1 19  ? -9.410  8.593   5.311   1.00 0.00 ? 44  VAL A O    1 
ATOM 196  C CB   . VAL A 1 19  ? -9.170  5.625   3.580   1.00 0.00 ? 44  VAL A CB   1 
ATOM 197  C CG1  . VAL A 1 19  ? -10.319 6.354   2.865   1.00 0.00 ? 44  VAL A CG1  1 
ATOM 198  C CG2  . VAL A 1 19  ? -8.270  5.000   2.517   1.00 0.00 ? 44  VAL A CG2  1 
ATOM 199  H H    . VAL A 1 19  ? -7.874  5.592   6.323   1.00 0.00 ? 44  VAL A H    1 
ATOM 200  H HA   . VAL A 1 19  ? -7.807  7.262   3.917   1.00 0.00 ? 44  VAL A HA   1 
ATOM 201  H HB   . VAL A 1 19  ? -9.579  4.799   4.152   1.00 0.00 ? 44  VAL A HB   1 
ATOM 202  H HG11 . VAL A 1 19  ? -10.801 5.680   2.158   1.00 0.00 ? 44  VAL A HG11 1 
ATOM 203  H HG12 . VAL A 1 19  ? -11.073 6.685   3.580   1.00 0.00 ? 44  VAL A HG12 1 
ATOM 204  H HG13 . VAL A 1 19  ? -9.932  7.218   2.324   1.00 0.00 ? 44  VAL A HG13 1 
ATOM 205  H HG21 . VAL A 1 19  ? -7.571  4.333   3.012   1.00 0.00 ? 44  VAL A HG21 1 
ATOM 206  H HG22 . VAL A 1 19  ? -8.863  4.409   1.820   1.00 0.00 ? 44  VAL A HG22 1 
ATOM 207  H HG23 . VAL A 1 19  ? -7.730  5.772   1.968   1.00 0.00 ? 44  VAL A HG23 1 
ATOM 208  N N    . ASN A 1 20  ? -10.018 6.699   6.340   1.00 0.00 ? 45  ASN A N    1 
ATOM 209  C CA   . ASN A 1 20  ? -11.046 7.339   7.154   1.00 0.00 ? 45  ASN A CA   1 
ATOM 210  C C    . ASN A 1 20  ? -10.431 8.254   8.218   1.00 0.00 ? 45  ASN A C    1 
ATOM 211  O O    . ASN A 1 20  ? -10.337 7.892   9.388   1.00 0.00 ? 45  ASN A O    1 
ATOM 212  C CB   . ASN A 1 20  ? -11.964 6.285   7.780   1.00 0.00 ? 45  ASN A CB   1 
ATOM 213  C CG   . ASN A 1 20  ? -12.856 5.617   6.736   1.00 0.00 ? 45  ASN A CG   1 
ATOM 214  O OD1  . ASN A 1 20  ? -13.983 6.047   6.513   1.00 0.00 ? 45  ASN A OD1  1 
ATOM 215  N ND2  . ASN A 1 20  ? -12.371 4.566   6.083   1.00 0.00 ? 45  ASN A ND2  1 
ATOM 216  H H    . ASN A 1 20  ? -9.880  5.696   6.428   1.00 0.00 ? 45  ASN A H    1 
ATOM 217  H HA   . ASN A 1 20  ? -11.671 7.960   6.507   1.00 0.00 ? 45  ASN A HA   1 
ATOM 218  H HB2  . ASN A 1 20  ? -11.358 5.549   8.305   1.00 0.00 ? 45  ASN A HB2  1 
ATOM 219  H HB3  . ASN A 1 20  ? -12.618 6.775   8.504   1.00 0.00 ? 45  ASN A HB3  1 
ATOM 220  H HD21 . ASN A 1 20  ? -11.435 4.232   6.282   1.00 0.00 ? 45  ASN A HD21 1 
ATOM 221  H HD22 . ASN A 1 20  ? -12.946 4.129   5.379   1.00 0.00 ? 45  ASN A HD22 1 
ATOM 222  N N    . GLY A 1 21  ? -10.049 9.464   7.811   1.00 0.00 ? 46  GLY A N    1 
ATOM 223  C CA   . GLY A 1 21  ? -9.629  10.529  8.713   1.00 0.00 ? 46  GLY A CA   1 
ATOM 224  C C    . GLY A 1 21  ? -8.274  10.211  9.338   1.00 0.00 ? 46  GLY A C    1 
ATOM 225  O O    . GLY A 1 21  ? -8.129  10.231  10.559  1.00 0.00 ? 46  GLY A O    1 
ATOM 226  H H    . GLY A 1 21  ? -10.038 9.627   6.807   1.00 0.00 ? 46  GLY A H    1 
ATOM 227  H HA2  . GLY A 1 21  ? -9.556  11.464  8.159   1.00 0.00 ? 46  GLY A HA2  1 
ATOM 228  H HA3  . GLY A 1 21  ? -10.373 10.652  9.500   1.00 0.00 ? 46  GLY A HA3  1 
ATOM 229  N N    . LYS A 1 22  ? -7.284  9.925   8.486   1.00 0.00 ? 47  LYS A N    1 
ATOM 230  C CA   . LYS A 1 22  ? -5.921  9.554   8.823   1.00 0.00 ? 47  LYS A CA   1 
ATOM 231  C C    . LYS A 1 22  ? -4.997  10.048  7.704   1.00 0.00 ? 47  LYS A C    1 
ATOM 232  O O    . LYS A 1 22  ? -4.780  11.254  7.609   1.00 0.00 ? 47  LYS A O    1 
ATOM 233  C CB   . LYS A 1 22  ? -5.828  8.051   9.101   1.00 0.00 ? 47  LYS A CB   1 
ATOM 234  C CG   . LYS A 1 22  ? -6.603  7.763   10.388  1.00 0.00 ? 47  LYS A CG   1 
ATOM 235  C CD   . LYS A 1 22  ? -6.205  6.452   11.045  1.00 0.00 ? 47  LYS A CD   1 
ATOM 236  C CE   . LYS A 1 22  ? -6.918  6.418   12.400  1.00 0.00 ? 47  LYS A CE   1 
ATOM 237  N NZ   . LYS A 1 22  ? -6.598  5.217   13.197  1.00 0.00 ? 47  LYS A NZ   1 
ATOM 238  H H    . LYS A 1 22  ? -7.479  10.049  7.512   1.00 0.00 ? 47  LYS A H    1 
ATOM 239  H HA   . LYS A 1 22  ? -5.625  10.031  9.750   1.00 0.00 ? 47  LYS A HA   1 
ATOM 240  H HB2  . LYS A 1 22  ? -6.258  7.490   8.275   1.00 0.00 ? 47  LYS A HB2  1 
ATOM 241  H HB3  . LYS A 1 22  ? -4.782  7.776   9.237   1.00 0.00 ? 47  LYS A HB3  1 
ATOM 242  H HG2  . LYS A 1 22  ? -6.415  8.561   11.105  1.00 0.00 ? 47  LYS A HG2  1 
ATOM 243  H HG3  . LYS A 1 22  ? -7.671  7.727   10.163  1.00 0.00 ? 47  LYS A HG3  1 
ATOM 244  H HD2  . LYS A 1 22  ? -6.547  5.661   10.389  1.00 0.00 ? 47  LYS A HD2  1 
ATOM 245  H HD3  . LYS A 1 22  ? -5.123  6.401   11.168  1.00 0.00 ? 47  LYS A HD3  1 
ATOM 246  H HE2  . LYS A 1 22  ? -6.641  7.330   12.927  1.00 0.00 ? 47  LYS A HE2  1 
ATOM 247  H HE3  . LYS A 1 22  ? -7.999  6.438   12.238  1.00 0.00 ? 47  LYS A HE3  1 
ATOM 248  H HZ1  . LYS A 1 22  ? -5.613  4.964   13.236  1.00 0.00 ? 47  LYS A HZ1  1 
ATOM 249  H HZ2  . LYS A 1 22  ? -6.965  5.300   14.132  1.00 0.00 ? 47  LYS A HZ2  1 
ATOM 250  H HZ3  . LYS A 1 22  ? -7.089  4.422   12.798  1.00 0.00 ? 47  LYS A HZ3  1 
ATOM 251  N N    . THR A 1 23  ? -4.475  9.132   6.878   1.00 0.00 ? 48  THR A N    1 
ATOM 252  C CA   . THR A 1 23  ? -3.530  9.396   5.797   1.00 0.00 ? 48  THR A CA   1 
ATOM 253  C C    . THR A 1 23  ? -4.135  10.271  4.705   1.00 0.00 ? 48  THR A C    1 
ATOM 254  O O    . THR A 1 23  ? -3.628  11.361  4.471   1.00 0.00 ? 48  THR A O    1 
ATOM 255  C CB   . THR A 1 23  ? -3.053  8.050   5.242   1.00 0.00 ? 48  THR A CB   1 
ATOM 256  O OG1  . THR A 1 23  ? -2.332  7.382   6.259   1.00 0.00 ? 48  THR A OG1  1 
ATOM 257  C CG2  . THR A 1 23  ? -2.209  8.192   3.976   1.00 0.00 ? 48  THR A CG2  1 
ATOM 258  H H    . THR A 1 23  ? -4.667  8.160   7.059   1.00 0.00 ? 48  THR A H    1 
ATOM 259  H HA   . THR A 1 23  ? -2.662  9.933   6.192   1.00 0.00 ? 48  THR A HA   1 
ATOM 260  H HB   . THR A 1 23  ? -3.921  7.451   4.977   1.00 0.00 ? 48  THR A HB   1 
ATOM 261  H HG1  . THR A 1 23  ? -1.919  6.600   5.883   1.00 0.00 ? 48  THR A HG1  1 
ATOM 262  H HG21 . THR A 1 23  ? -1.769  7.235   3.703   1.00 0.00 ? 48  THR A HG21 1 
ATOM 263  H HG22 . THR A 1 23  ? -2.847  8.499   3.150   1.00 0.00 ? 48  THR A HG22 1 
ATOM 264  H HG23 . THR A 1 23  ? -1.435  8.943   4.126   1.00 0.00 ? 48  THR A HG23 1 
ATOM 265  N N    . ASP A 1 24  ? -5.199  9.798   4.041   1.00 0.00 ? 49  ASP A N    1 
ATOM 266  C CA   . ASP A 1 24  ? -5.935  10.536  3.010   1.00 0.00 ? 49  ASP A CA   1 
ATOM 267  C C    . ASP A 1 24  ? -6.042  12.018  3.371   1.00 0.00 ? 49  ASP A C    1 
ATOM 268  O O    . ASP A 1 24  ? -5.649  12.904  2.618   1.00 0.00 ? 49  ASP A O    1 
ATOM 269  C CB   . ASP A 1 24  ? -7.335  9.914   2.895   1.00 0.00 ? 49  ASP A CB   1 
ATOM 270  C CG   . ASP A 1 24  ? -8.373  10.880  2.333   1.00 0.00 ? 49  ASP A CG   1 
ATOM 271  O OD1  . ASP A 1 24  ? -8.518  10.902  1.094   1.00 0.00 ? 49  ASP A OD1  1 
ATOM 272  O OD2  . ASP A 1 24  ? -8.997  11.577  3.166   1.00 0.00 ? 49  ASP A OD2  1 
ATOM 273  H H    . ASP A 1 24  ? -5.543  8.880   4.274   1.00 0.00 ? 49  ASP A H    1 
ATOM 274  H HA   . ASP A 1 24  ? -5.421  10.450  2.052   1.00 0.00 ? 49  ASP A HA   1 
ATOM 275  H HB2  . ASP A 1 24  ? -7.293  9.026   2.265   1.00 0.00 ? 49  ASP A HB2  1 
ATOM 276  H HB3  . ASP A 1 24  ? -7.683  9.632   3.884   1.00 0.00 ? 49  ASP A HB3  1 
ATOM 277  N N    . THR A 1 25  ? -6.574  12.251  4.564   1.00 0.00 ? 50  THR A N    1 
ATOM 278  C CA   . THR A 1 25  ? -6.933  13.558  5.064   1.00 0.00 ? 50  THR A CA   1 
ATOM 279  C C    . THR A 1 25  ? -5.738  14.252  5.737   1.00 0.00 ? 50  THR A C    1 
ATOM 280  O O    . THR A 1 25  ? -5.850  15.406  6.143   1.00 0.00 ? 50  THR A O    1 
ATOM 281  C CB   . THR A 1 25  ? -8.112  13.343  6.030   1.00 0.00 ? 50  THR A CB   1 
ATOM 282  O OG1  . THR A 1 25  ? -8.768  12.110  5.765   1.00 0.00 ? 50  THR A OG1  1 
ATOM 283  C CG2  . THR A 1 25  ? -9.127  14.483  5.944   1.00 0.00 ? 50  THR A CG2  1 
ATOM 284  H H    . THR A 1 25  ? -6.993  11.468  5.048   1.00 0.00 ? 50  THR A H    1 
ATOM 285  H HA   . THR A 1 25  ? -7.265  14.170  4.224   1.00 0.00 ? 50  THR A HA   1 
ATOM 286  H HB   . THR A 1 25  ? -7.729  13.284  7.048   1.00 0.00 ? 50  THR A HB   1 
ATOM 287  H HG1  . THR A 1 25  ? -8.939  12.030  4.804   1.00 0.00 ? 50  THR A HG1  1 
ATOM 288  H HG21 . THR A 1 25  ? -9.926  14.314  6.667   1.00 0.00 ? 50  THR A HG21 1 
ATOM 289  H HG22 . THR A 1 25  ? -8.638  15.433  6.165   1.00 0.00 ? 50  THR A HG22 1 
ATOM 290  H HG23 . THR A 1 25  ? -9.555  14.523  4.941   1.00 0.00 ? 50  THR A HG23 1 
ATOM 291  N N    . GLY A 1 26  ? -4.615  13.543  5.893   1.00 0.00 ? 51  GLY A N    1 
ATOM 292  C CA   . GLY A 1 26  ? -3.405  13.983  6.570   1.00 0.00 ? 51  GLY A CA   1 
ATOM 293  C C    . GLY A 1 26  ? -3.678  14.548  7.962   1.00 0.00 ? 51  GLY A C    1 
ATOM 294  O O    . GLY A 1 26  ? -3.063  15.540  8.343   1.00 0.00 ? 51  GLY A O    1 
ATOM 295  H H    . GLY A 1 26  ? -4.558  12.624  5.472   1.00 0.00 ? 51  GLY A H    1 
ATOM 296  H HA2  . GLY A 1 26  ? -2.735  13.128  6.671   1.00 0.00 ? 51  GLY A HA2  1 
ATOM 297  H HA3  . GLY A 1 26  ? -2.908  14.734  5.956   1.00 0.00 ? 51  GLY A HA3  1 
ATOM 298  N N    . VAL A 1 27  ? -4.591  13.935  8.731   1.00 0.00 ? 52  VAL A N    1 
ATOM 299  C CA   . VAL A 1 27  ? -4.965  14.497  10.036  1.00 0.00 ? 52  VAL A CA   1 
ATOM 300  C C    . VAL A 1 27  ? -4.148  13.901  11.184  1.00 0.00 ? 52  VAL A C    1 
ATOM 301  O O    . VAL A 1 27  ? -3.771  14.622  12.103  1.00 0.00 ? 52  VAL A O    1 
ATOM 302  C CB   . VAL A 1 27  ? -6.480  14.431  10.300  1.00 0.00 ? 52  VAL A CB   1 
ATOM 303  C CG1  . VAL A 1 27  ? -7.236  15.382  9.365   1.00 0.00 ? 52  VAL A CG1  1 
ATOM 304  C CG2  . VAL A 1 27  ? -7.049  13.017  10.180  1.00 0.00 ? 52  VAL A CG2  1 
ATOM 305  H H    . VAL A 1 27  ? -5.021  13.078  8.378   1.00 0.00 ? 52  VAL A H    1 
ATOM 306  H HA   . VAL A 1 27  ? -4.733  15.562  10.048  1.00 0.00 ? 52  VAL A HA   1 
ATOM 307  H HB   . VAL A 1 27  ? -6.658  14.779  11.319  1.00 0.00 ? 52  VAL A HB   1 
ATOM 308  H HG11 . VAL A 1 27  ? -8.300  15.367  9.601   1.00 0.00 ? 52  VAL A HG11 1 
ATOM 309  H HG12 . VAL A 1 27  ? -6.865  16.400  9.487   1.00 0.00 ? 52  VAL A HG12 1 
ATOM 310  H HG13 . VAL A 1 27  ? -7.099  15.080  8.331   1.00 0.00 ? 52  VAL A HG13 1 
ATOM 311  H HG21 . VAL A 1 27  ? -6.578  12.361  10.910  1.00 0.00 ? 52  VAL A HG21 1 
ATOM 312  H HG22 . VAL A 1 27  ? -8.120  13.043  10.380  1.00 0.00 ? 52  VAL A HG22 1 
ATOM 313  H HG23 . VAL A 1 27  ? -6.884  12.628  9.178   1.00 0.00 ? 52  VAL A HG23 1 
ATOM 314  N N    . LYS A 1 28  ? -3.909  12.584  11.164  1.00 0.00 ? 53  LYS A N    1 
ATOM 315  C CA   . LYS A 1 28  ? -3.118  11.894  12.177  1.00 0.00 ? 53  LYS A CA   1 
ATOM 316  C C    . LYS A 1 28  ? -1.706  11.573  11.661  1.00 0.00 ? 53  LYS A C    1 
ATOM 317  O O    . LYS A 1 28  ? -0.762  12.232  12.091  1.00 0.00 ? 53  LYS A O    1 
ATOM 318  C CB   . LYS A 1 28  ? -3.906  10.699  12.738  1.00 0.00 ? 53  LYS A CB   1 
ATOM 319  C CG   . LYS A 1 28  ? -4.980  11.150  13.736  1.00 0.00 ? 53  LYS A CG   1 
ATOM 320  C CD   . LYS A 1 28  ? -4.385  11.395  15.131  1.00 0.00 ? 53  LYS A CD   1 
ATOM 321  C CE   . LYS A 1 28  ? -5.490  11.868  16.082  1.00 0.00 ? 53  LYS A CE   1 
ATOM 322  N NZ   . LYS A 1 28  ? -5.014  11.974  17.480  1.00 0.00 ? 53  LYS A NZ   1 
ATOM 323  H H    . LYS A 1 28  ? -4.282  12.049  10.397  1.00 0.00 ? 53  LYS A H    1 
ATOM 324  H HA   . LYS A 1 28  ? -2.945  12.567  13.016  1.00 0.00 ? 53  LYS A HA   1 
ATOM 325  H HB2  . LYS A 1 28  ? -4.424  10.188  11.927  1.00 0.00 ? 53  LYS A HB2  1 
ATOM 326  H HB3  . LYS A 1 28  ? -3.231  9.996   13.229  1.00 0.00 ? 53  LYS A HB3  1 
ATOM 327  H HG2  . LYS A 1 28  ? -5.469  12.053  13.363  1.00 0.00 ? 53  LYS A HG2  1 
ATOM 328  H HG3  . LYS A 1 28  ? -5.731  10.361  13.805  1.00 0.00 ? 53  LYS A HG3  1 
ATOM 329  H HD2  . LYS A 1 28  ? -3.951  10.459  15.490  1.00 0.00 ? 53  LYS A HD2  1 
ATOM 330  H HD3  . LYS A 1 28  ? -3.600  12.151  15.081  1.00 0.00 ? 53  LYS A HD3  1 
ATOM 331  H HE2  . LYS A 1 28  ? -5.850  12.846  15.755  1.00 0.00 ? 53  LYS A HE2  1 
ATOM 332  H HE3  . LYS A 1 28  ? -6.319  11.162  16.024  1.00 0.00 ? 53  LYS A HE3  1 
ATOM 333  H HZ1  . LYS A 1 28  ? -5.768  12.285  18.076  1.00 0.00 ? 53  LYS A HZ1  1 
ATOM 334  H HZ2  . LYS A 1 28  ? -4.688  11.076  17.810  1.00 0.00 ? 53  LYS A HZ2  1 
ATOM 335  H HZ3  . LYS A 1 28  ? -4.258  12.642  17.540  1.00 0.00 ? 53  LYS A HZ3  1 
ATOM 336  N N    . PRO A 1 29  ? -1.504  10.578  10.780  1.00 0.00 ? 54  PRO A N    1 
ATOM 337  C CA   . PRO A 1 29  ? -0.180  10.276  10.267  1.00 0.00 ? 54  PRO A CA   1 
ATOM 338  C C    . PRO A 1 29  ? 0.240   11.310  9.217   1.00 0.00 ? 54  PRO A C    1 
ATOM 339  O O    . PRO A 1 29  ? -0.321  11.351  8.125   1.00 0.00 ? 54  PRO A O    1 
ATOM 340  C CB   . PRO A 1 29  ? -0.289  8.872   9.666   1.00 0.00 ? 54  PRO A CB   1 
ATOM 341  C CG   . PRO A 1 29  ? -1.742  8.809   9.203   1.00 0.00 ? 54  PRO A CG   1 
ATOM 342  C CD   . PRO A 1 29  ? -2.473  9.629   10.264  1.00 0.00 ? 54  PRO A CD   1 
ATOM 343  H HA   . PRO A 1 29  ? 0.539   10.252  11.083  1.00 0.00 ? 54  PRO A HA   1 
ATOM 344  H HB2  . PRO A 1 29  ? 0.415   8.712   8.847   1.00 0.00 ? 54  PRO A HB2  1 
ATOM 345  H HB3  . PRO A 1 29  ? -0.127  8.131   10.450  1.00 0.00 ? 54  PRO A HB3  1 
ATOM 346  H HG2  . PRO A 1 29  ? -1.831  9.301   8.236   1.00 0.00 ? 54  PRO A HG2  1 
ATOM 347  H HG3  . PRO A 1 29  ? -2.112  7.785   9.132   1.00 0.00 ? 54  PRO A HG3  1 
ATOM 348  H HD2  . PRO A 1 29  ? -3.324  10.143  9.825   1.00 0.00 ? 54  PRO A HD2  1 
ATOM 349  H HD3  . PRO A 1 29  ? -2.784  8.951   11.057  1.00 0.00 ? 54  PRO A HD3  1 
ATOM 350  N N    . GLU A 1 30  ? 1.250   12.123  9.532   1.00 0.00 ? 55  GLU A N    1 
ATOM 351  C CA   . GLU A 1 30  ? 1.911   12.990  8.576   1.00 0.00 ? 55  GLU A CA   1 
ATOM 352  C C    . GLU A 1 30  ? 2.668   12.113  7.573   1.00 0.00 ? 55  GLU A C    1 
ATOM 353  O O    . GLU A 1 30  ? 3.074   10.995  7.910   1.00 0.00 ? 55  GLU A O    1 
ATOM 354  C CB   . GLU A 1 30  ? 2.898   13.898  9.324   1.00 0.00 ? 55  GLU A CB   1 
ATOM 355  C CG   . GLU A 1 30  ? 2.229   14.712  10.444  1.00 0.00 ? 55  GLU A CG   1 
ATOM 356  C CD   . GLU A 1 30  ? 3.228   15.605  11.173  1.00 0.00 ? 55  GLU A CD   1 
ATOM 357  O OE1  . GLU A 1 30  ? 4.397   15.176  11.289  1.00 0.00 ? 55  GLU A OE1  1 
ATOM 358  O OE2  . GLU A 1 30  ? 2.802   16.694  11.613  1.00 0.00 ? 55  GLU A OE2  1 
ATOM 359  H H    . GLU A 1 30  ? 1.674   12.079  10.442  1.00 0.00 ? 55  GLU A H    1 
ATOM 360  H HA   . GLU A 1 30  ? 1.167   13.599  8.061   1.00 0.00 ? 55  GLU A HA   1 
ATOM 361  H HB2  . GLU A 1 30  ? 3.691   13.286  9.759   1.00 0.00 ? 55  GLU A HB2  1 
ATOM 362  H HB3  . GLU A 1 30  ? 3.359   14.590  8.617   1.00 0.00 ? 55  GLU A HB3  1 
ATOM 363  H HG2  . GLU A 1 30  ? 1.448   15.341  10.014  1.00 0.00 ? 55  GLU A HG2  1 
ATOM 364  H HG3  . GLU A 1 30  ? 1.781   14.058  11.189  1.00 0.00 ? 55  GLU A HG3  1 
ATOM 365  N N    . ALA A 1 31  ? 2.881   12.622  6.358   1.00 0.00 ? 56  ALA A N    1 
ATOM 366  C CA   . ALA A 1 31  ? 3.676   11.927  5.356   1.00 0.00 ? 56  ALA A CA   1 
ATOM 367  C C    . ALA A 1 31  ? 5.120   11.731  5.852   1.00 0.00 ? 56  ALA A C    1 
ATOM 368  O O    . ALA A 1 31  ? 5.563   12.417  6.772   1.00 0.00 ? 56  ALA A O    1 
ATOM 369  C CB   . ALA A 1 31  ? 3.607   12.686  4.023   1.00 0.00 ? 56  ALA A CB   1 
ATOM 370  H H    . ALA A 1 31  ? 2.496   13.527  6.126   1.00 0.00 ? 56  ALA A H    1 
ATOM 371  H HA   . ALA A 1 31  ? 3.199   10.959  5.225   1.00 0.00 ? 56  ALA A HA   1 
ATOM 372  H HB1  . ALA A 1 31  ? 4.053   12.107  3.212   1.00 0.00 ? 56  ALA A HB1  1 
ATOM 373  H HB2  . ALA A 1 31  ? 2.566   12.877  3.766   1.00 0.00 ? 56  ALA A HB2  1 
ATOM 374  H HB3  . ALA A 1 31  ? 4.121   13.642  4.108   1.00 0.00 ? 56  ALA A HB3  1 
ATOM 375  N N    . GLY A 1 32  ? 5.864   10.791  5.261   1.00 0.00 ? 57  GLY A N    1 
ATOM 376  C CA   . GLY A 1 32  ? 7.268   10.554  5.588   1.00 0.00 ? 57  GLY A CA   1 
ATOM 377  C C    . GLY A 1 32  ? 7.492   9.509   6.687   1.00 0.00 ? 57  GLY A C    1 
ATOM 378  O O    . GLY A 1 32  ? 8.638   9.209   7.012   1.00 0.00 ? 57  GLY A O    1 
ATOM 379  H H    . GLY A 1 32  ? 5.492   10.283  4.464   1.00 0.00 ? 57  GLY A H    1 
ATOM 380  H HA2  . GLY A 1 32  ? 7.768   10.206  4.685   1.00 0.00 ? 57  GLY A HA2  1 
ATOM 381  H HA3  . GLY A 1 32  ? 7.747   11.485  5.893   1.00 0.00 ? 57  GLY A HA3  1 
ATOM 382  N N    . GLN A 1 33  ? 6.428   8.933   7.256   1.00 0.00 ? 58  GLN A N    1 
ATOM 383  C CA   . GLN A 1 33  ? 6.512   7.933   8.318   1.00 0.00 ? 58  GLN A CA   1 
ATOM 384  C C    . GLN A 1 33  ? 6.430   6.525   7.731   1.00 0.00 ? 58  GLN A C    1 
ATOM 385  O O    . GLN A 1 33  ? 5.756   6.327   6.720   1.00 0.00 ? 58  GLN A O    1 
ATOM 386  C CB   . GLN A 1 33  ? 5.374   8.166   9.316   1.00 0.00 ? 58  GLN A CB   1 
ATOM 387  C CG   . GLN A 1 33  ? 5.546   9.507   10.036  1.00 0.00 ? 58  GLN A CG   1 
ATOM 388  C CD   . GLN A 1 33  ? 4.443   9.697   11.065  1.00 0.00 ? 58  GLN A CD   1 
ATOM 389  O OE1  . GLN A 1 33  ? 4.626   9.416   12.245  1.00 0.00 ? 58  GLN A OE1  1 
ATOM 390  N NE2  . GLN A 1 33  ? 3.274   10.144  10.626  1.00 0.00 ? 58  GLN A NE2  1 
ATOM 391  H H    . GLN A 1 33  ? 5.513   9.180   6.914   1.00 0.00 ? 58  GLN A H    1 
ATOM 392  H HA   . GLN A 1 33  ? 7.452   8.020   8.860   1.00 0.00 ? 58  GLN A HA   1 
ATOM 393  H HB2  . GLN A 1 33  ? 4.415   8.145   8.795   1.00 0.00 ? 58  GLN A HB2  1 
ATOM 394  H HB3  . GLN A 1 33  ? 5.382   7.368   10.062  1.00 0.00 ? 58  GLN A HB3  1 
ATOM 395  H HG2  . GLN A 1 33  ? 6.507   9.525   10.549  1.00 0.00 ? 58  GLN A HG2  1 
ATOM 396  H HG3  . GLN A 1 33  ? 5.516   10.333  9.323   1.00 0.00 ? 58  GLN A HG3  1 
ATOM 397  H HE21 . GLN A 1 33  ? 3.156   10.391  9.642   1.00 0.00 ? 58  GLN A HE21 1 
ATOM 398  H HE22 . GLN A 1 33  ? 2.546   10.280  11.305  1.00 0.00 ? 58  GLN A HE22 1 
ATOM 399  N N    . ARG A 1 34  ? 7.096   5.546   8.359   1.00 0.00 ? 59  ARG A N    1 
ATOM 400  C CA   . ARG A 1 34  ? 6.932   4.148   7.986   1.00 0.00 ? 59  ARG A CA   1 
ATOM 401  C C    . ARG A 1 34  ? 5.714   3.548   8.680   1.00 0.00 ? 59  ARG A C    1 
ATOM 402  O O    . ARG A 1 34  ? 5.514   3.774   9.870   1.00 0.00 ? 59  ARG A O    1 
ATOM 403  C CB   . ARG A 1 34  ? 8.124   3.268   8.385   1.00 0.00 ? 59  ARG A CB   1 
ATOM 404  C CG   . ARG A 1 34  ? 9.402   3.369   7.538   1.00 0.00 ? 59  ARG A CG   1 
ATOM 405  C CD   . ARG A 1 34  ? 10.080  1.985   7.585   1.00 0.00 ? 59  ARG A CD   1 
ATOM 406  N NE   . ARG A 1 34  ? 11.290  1.884   6.755   1.00 0.00 ? 59  ARG A NE   1 
ATOM 407  C CZ   . ARG A 1 34  ? 11.743  0.733   6.217   1.00 0.00 ? 59  ARG A CZ   1 
ATOM 408  N NH1  . ARG A 1 34  ? 11.149  -0.435  6.467   1.00 0.00 ? 59  ARG A NH1  1 
ATOM 409  N NH2  . ARG A 1 34  ? 12.804  0.734   5.404   1.00 0.00 ? 59  ARG A NH2  1 
ATOM 410  H H    . ARG A 1 34  ? 7.611   5.750   9.203   1.00 0.00 ? 59  ARG A H    1 
ATOM 411  H HA   . ARG A 1 34  ? 6.791   4.077   6.913   1.00 0.00 ? 59  ARG A HA   1 
ATOM 412  H HB2  . ARG A 1 34  ? 8.355   3.404   9.441   1.00 0.00 ? 59  ARG A HB2  1 
ATOM 413  H HB3  . ARG A 1 34  ? 7.750   2.251   8.274   1.00 0.00 ? 59  ARG A HB3  1 
ATOM 414  H HG2  . ARG A 1 34  ? 9.149   3.616   6.508   1.00 0.00 ? 59  ARG A HG2  1 
ATOM 415  H HG3  . ARG A 1 34  ? 10.051  4.145   7.946   1.00 0.00 ? 59  ARG A HG3  1 
ATOM 416  H HD2  . ARG A 1 34  ? 10.335  1.752   8.620   1.00 0.00 ? 59  ARG A HD2  1 
ATOM 417  H HD3  . ARG A 1 34  ? 9.351   1.255   7.226   1.00 0.00 ? 59  ARG A HD3  1 
ATOM 418  H HE   . ARG A 1 34  ? 11.782  2.747   6.576   1.00 0.00 ? 59  ARG A HE   1 
ATOM 419  H HH11 . ARG A 1 34  ? 10.384  -0.574  7.123   1.00 0.00 ? 59  ARG A HH11 1 
ATOM 420  H HH12 . ARG A 1 34  ? 11.433  -1.256  5.919   1.00 0.00 ? 59  ARG A HH12 1 
ATOM 421  H HH21 . ARG A 1 34  ? 13.326  1.574   5.207   1.00 0.00 ? 59  ARG A HH21 1 
ATOM 422  H HH22 . ARG A 1 34  ? 13.071  -0.141  4.965   1.00 0.00 ? 59  ARG A HH22 1 
ATOM 423  N N    . ILE A 1 35  ? 4.965   2.730   7.938   1.00 0.00 ? 60  ILE A N    1 
ATOM 424  C CA   . ILE A 1 35  ? 3.925   1.838   8.444   1.00 0.00 ? 60  ILE A CA   1 
ATOM 425  C C    . ILE A 1 35  ? 3.904   0.637   7.496   1.00 0.00 ? 60  ILE A C    1 
ATOM 426  O O    . ILE A 1 35  ? 4.600   0.669   6.475   1.00 0.00 ? 60  ILE A O    1 
ATOM 427  C CB   . ILE A 1 35  ? 2.539   2.519   8.506   1.00 0.00 ? 60  ILE A CB   1 
ATOM 428  C CG1  . ILE A 1 35  ? 1.991   2.835   7.101   1.00 0.00 ? 60  ILE A CG1  1 
ATOM 429  C CG2  . ILE A 1 35  ? 2.563   3.772   9.396   1.00 0.00 ? 60  ILE A CG2  1 
ATOM 430  C CD1  . ILE A 1 35  ? 0.555   3.368   7.134   1.00 0.00 ? 60  ILE A CD1  1 
ATOM 431  H H    . ILE A 1 35  ? 5.237   2.577   6.970   1.00 0.00 ? 60  ILE A H    1 
ATOM 432  H HA   . ILE A 1 35  ? 4.198   1.489   9.441   1.00 0.00 ? 60  ILE A HA   1 
ATOM 433  H HB   . ILE A 1 35  ? 1.855   1.810   8.974   1.00 0.00 ? 60  ILE A HB   1 
ATOM 434  H HG12 . ILE A 1 35  ? 2.646   3.550   6.610   1.00 0.00 ? 60  ILE A HG12 1 
ATOM 435  H HG13 . ILE A 1 35  ? 1.958   1.931   6.494   1.00 0.00 ? 60  ILE A HG13 1 
ATOM 436  H HG21 . ILE A 1 35  ? 3.021   3.530   10.355  1.00 0.00 ? 60  ILE A HG21 1 
ATOM 437  H HG22 . ILE A 1 35  ? 3.126   4.578   8.920   1.00 0.00 ? 60  ILE A HG22 1 
ATOM 438  H HG23 . ILE A 1 35  ? 1.551   4.118   9.594   1.00 0.00 ? 60  ILE A HG23 1 
ATOM 439  H HD11 . ILE A 1 35  ? 0.197   3.480   6.110   1.00 0.00 ? 60  ILE A HD11 1 
ATOM 440  H HD12 . ILE A 1 35  ? -0.088  2.661   7.659   1.00 0.00 ? 60  ILE A HD12 1 
ATOM 441  H HD13 . ILE A 1 35  ? 0.509   4.337   7.628   1.00 0.00 ? 60  ILE A HD13 1 
ATOM 442  N N    . ARG A 1 36  ? 3.108   -0.398  7.793   1.00 0.00 ? 61  ARG A N    1 
ATOM 443  C CA   . ARG A 1 36  ? 2.827   -1.451  6.831   1.00 0.00 ? 61  ARG A CA   1 
ATOM 444  C C    . ARG A 1 36  ? 1.322   -1.443  6.585   1.00 0.00 ? 61  ARG A C    1 
ATOM 445  O O    . ARG A 1 36  ? 0.557   -1.603  7.533   1.00 0.00 ? 61  ARG A O    1 
ATOM 446  C CB   . ARG A 1 36  ? 3.327   -2.820  7.318   1.00 0.00 ? 61  ARG A CB   1 
ATOM 447  C CG   . ARG A 1 36  ? 4.596   -2.729  8.177   1.00 0.00 ? 61  ARG A CG   1 
ATOM 448  C CD   . ARG A 1 36  ? 5.156   -4.125  8.469   1.00 0.00 ? 61  ARG A CD   1 
ATOM 449  N NE   . ARG A 1 36  ? 5.876   -4.132  9.748   1.00 0.00 ? 61  ARG A NE   1 
ATOM 450  C CZ   . ARG A 1 36  ? 7.076   -4.646  10.049  1.00 0.00 ? 61  ARG A CZ   1 
ATOM 451  N NH1  . ARG A 1 36  ? 7.890   -5.143  9.114   1.00 0.00 ? 61  ARG A NH1  1 
ATOM 452  N NH2  . ARG A 1 36  ? 7.447   -4.619  11.333  1.00 0.00 ? 61  ARG A NH2  1 
ATOM 453  H H    . ARG A 1 36  ? 2.596   -0.460  8.673   1.00 0.00 ? 61  ARG A H    1 
ATOM 454  H HA   . ARG A 1 36  ? 3.318   -1.236  5.890   1.00 0.00 ? 61  ARG A HA   1 
ATOM 455  H HB2  . ARG A 1 36  ? 2.557   -3.297  7.919   1.00 0.00 ? 61  ARG A HB2  1 
ATOM 456  H HB3  . ARG A 1 36  ? 3.509   -3.449  6.444   1.00 0.00 ? 61  ARG A HB3  1 
ATOM 457  H HG2  . ARG A 1 36  ? 5.349   -2.116  7.689   1.00 0.00 ? 61  ARG A HG2  1 
ATOM 458  H HG3  . ARG A 1 36  ? 4.329   -2.252  9.119   1.00 0.00 ? 61  ARG A HG3  1 
ATOM 459  H HD2  . ARG A 1 36  ? 4.311   -4.798  8.595   1.00 0.00 ? 61  ARG A HD2  1 
ATOM 460  H HD3  . ARG A 1 36  ? 5.753   -4.481  7.633   1.00 0.00 ? 61  ARG A HD3  1 
ATOM 461  H HE   . ARG A 1 36  ? 5.373   -3.718  10.530  1.00 0.00 ? 61  ARG A HE   1 
ATOM 462  H HH11 . ARG A 1 36  ? 7.695   -4.972  8.137   1.00 0.00 ? 61  ARG A HH11 1 
ATOM 463  H HH12 . ARG A 1 36  ? 8.797   -5.520  9.345   1.00 0.00 ? 61  ARG A HH12 1 
ATOM 464  H HH21 . ARG A 1 36  ? 6.842   -4.104  11.977  1.00 0.00 ? 61  ARG A HH21 1 
ATOM 465  H HH22 . ARG A 1 36  ? 8.321   -5.002  11.661  1.00 0.00 ? 61  ARG A HH22 1 
ATOM 466  N N    . VAL A 1 37  ? 0.873   -1.243  5.344   1.00 0.00 ? 62  VAL A N    1 
ATOM 467  C CA   . VAL A 1 37  ? -0.536  -1.466  5.050   1.00 0.00 ? 62  VAL A CA   1 
ATOM 468  C C    . VAL A 1 37  ? -0.724  -2.976  4.930   1.00 0.00 ? 62  VAL A C    1 
ATOM 469  O O    . VAL A 1 37  ? 0.160   -3.661  4.418   1.00 0.00 ? 62  VAL A O    1 
ATOM 470  C CB   . VAL A 1 37  ? -1.015  -0.689  3.811   1.00 0.00 ? 62  VAL A CB   1 
ATOM 471  C CG1  . VAL A 1 37  ? -0.306  -1.094  2.517   1.00 0.00 ? 62  VAL A CG1  1 
ATOM 472  C CG2  . VAL A 1 37  ? -2.528  -0.863  3.619   1.00 0.00 ? 62  VAL A CG2  1 
ATOM 473  H H    . VAL A 1 37  ? 1.539   -1.241  4.577   1.00 0.00 ? 62  VAL A H    1 
ATOM 474  H HA   . VAL A 1 37  ? -1.125  -1.085  5.881   1.00 0.00 ? 62  VAL A HA   1 
ATOM 475  H HB   . VAL A 1 37  ? -0.820  0.368   3.992   1.00 0.00 ? 62  VAL A HB   1 
ATOM 476  H HG11 . VAL A 1 37  ? -0.726  -0.535  1.682   1.00 0.00 ? 62  VAL A HG11 1 
ATOM 477  H HG12 . VAL A 1 37  ? 0.757   -0.867  2.591   1.00 0.00 ? 62  VAL A HG12 1 
ATOM 478  H HG13 . VAL A 1 37  ? -0.452  -2.155  2.322   1.00 0.00 ? 62  VAL A HG13 1 
ATOM 479  H HG21 . VAL A 1 37  ? -2.870  -0.222  2.808   1.00 0.00 ? 62  VAL A HG21 1 
ATOM 480  H HG22 . VAL A 1 37  ? -2.769  -1.895  3.364   1.00 0.00 ? 62  VAL A HG22 1 
ATOM 481  H HG23 . VAL A 1 37  ? -3.056  -0.586  4.531   1.00 0.00 ? 62  VAL A HG23 1 
ATOM 482  N N    . GLY A 1 38  ? -1.842  -3.508  5.412   1.00 0.00 ? 63  GLY A N    1 
ATOM 483  C CA   . GLY A 1 38  ? -2.183  -4.907  5.236   1.00 0.00 ? 63  GLY A CA   1 
ATOM 484  C C    . GLY A 1 38  ? -3.647  -4.997  4.847   1.00 0.00 ? 63  GLY A C    1 
ATOM 485  O O    . GLY A 1 38  ? -4.499  -4.479  5.563   1.00 0.00 ? 63  GLY A O    1 
ATOM 486  H H    . GLY A 1 38  ? -2.511  -2.911  5.895   1.00 0.00 ? 63  GLY A H    1 
ATOM 487  H HA2  . GLY A 1 38  ? -1.592  -5.359  4.443   1.00 0.00 ? 63  GLY A HA2  1 
ATOM 488  H HA3  . GLY A 1 38  ? -1.987  -5.436  6.164   1.00 0.00 ? 63  GLY A HA3  1 
ATOM 489  N N    . GLY A 1 39  ? -3.941  -5.601  3.694   1.00 0.00 ? 64  GLY A N    1 
ATOM 490  C CA   . GLY A 1 39  ? -5.288  -5.594  3.151   1.00 0.00 ? 64  GLY A CA   1 
ATOM 491  C C    . GLY A 1 39  ? -5.371  -6.488  1.923   1.00 0.00 ? 64  GLY A C    1 
ATOM 492  O O    . GLY A 1 39  ? -4.415  -7.206  1.613   1.00 0.00 ? 64  GLY A O    1 
ATOM 493  H H    . GLY A 1 39  ? -3.219  -6.072  3.150   1.00 0.00 ? 64  GLY A H    1 
ATOM 494  H HA2  . GLY A 1 39  ? -5.991  -5.961  3.901   1.00 0.00 ? 64  GLY A HA2  1 
ATOM 495  H HA3  . GLY A 1 39  ? -5.559  -4.573  2.878   1.00 0.00 ? 64  GLY A HA3  1 
ATOM 496  N N    . MET A 1 40  ? -6.521  -6.442  1.246   1.00 0.00 ? 65  MET A N    1 
ATOM 497  C CA   . MET A 1 40  ? -6.825  -7.294  0.109   1.00 0.00 ? 65  MET A CA   1 
ATOM 498  C C    . MET A 1 40  ? -6.644  -6.542  -1.204  1.00 0.00 ? 65  MET A C    1 
ATOM 499  O O    . MET A 1 40  ? -7.050  -5.388  -1.344  1.00 0.00 ? 65  MET A O    1 
ATOM 500  C CB   . MET A 1 40  ? -8.181  -7.992  0.269   1.00 0.00 ? 65  MET A CB   1 
ATOM 501  C CG   . MET A 1 40  ? -9.366  -7.025  0.340   1.00 0.00 ? 65  MET A CG   1 
ATOM 502  S SD   . MET A 1 40  ? -10.973 -7.737  0.767   1.00 0.00 ? 65  MET A SD   1 
ATOM 503  C CE   . MET A 1 40  ? -10.610 -8.343  2.429   1.00 0.00 ? 65  MET A CE   1 
ATOM 504  H H    . MET A 1 40  ? -7.199  -5.725  1.488   1.00 0.00 ? 65  MET A H    1 
ATOM 505  H HA   . MET A 1 40  ? -6.112  -8.106  0.100   1.00 0.00 ? 65  MET A HA   1 
ATOM 506  H HB2  . MET A 1 40  ? -8.337  -8.674  -0.567  1.00 0.00 ? 65  MET A HB2  1 
ATOM 507  H HB3  . MET A 1 40  ? -8.132  -8.577  1.184   1.00 0.00 ? 65  MET A HB3  1 
ATOM 508  H HG2  . MET A 1 40  ? -9.168  -6.277  1.095   1.00 0.00 ? 65  MET A HG2  1 
ATOM 509  H HG3  . MET A 1 40  ? -9.460  -6.534  -0.623  1.00 0.00 ? 65  MET A HG3  1 
ATOM 510  H HE1  . MET A 1 40  ? -11.525 -8.722  2.881   1.00 0.00 ? 65  MET A HE1  1 
ATOM 511  H HE2  . MET A 1 40  ? -9.879  -9.147  2.372   1.00 0.00 ? 65  MET A HE2  1 
ATOM 512  H HE3  . MET A 1 40  ? -10.214 -7.529  3.035   1.00 0.00 ? 65  MET A HE3  1 
ATOM 513  N N    . VAL A 1 41  ? -5.974  -7.206  -2.142  1.00 0.00 ? 66  VAL A N    1 
ATOM 514  C CA   . VAL A 1 41  ? -5.648  -6.685  -3.458  1.00 0.00 ? 66  VAL A CA   1 
ATOM 515  C C    . VAL A 1 41  ? -6.873  -6.692  -4.376  1.00 0.00 ? 66  VAL A C    1 
ATOM 516  O O    . VAL A 1 41  ? -7.387  -7.761  -4.707  1.00 0.00 ? 66  VAL A O    1 
ATOM 517  C CB   . VAL A 1 41  ? -4.525  -7.541  -4.060  1.00 0.00 ? 66  VAL A CB   1 
ATOM 518  C CG1  . VAL A 1 41  ? -4.202  -7.066  -5.479  1.00 0.00 ? 66  VAL A CG1  1 
ATOM 519  C CG2  . VAL A 1 41  ? -3.267  -7.490  -3.183  1.00 0.00 ? 66  VAL A CG2  1 
ATOM 520  H H    . VAL A 1 41  ? -5.619  -8.128  -1.891  1.00 0.00 ? 66  VAL A H    1 
ATOM 521  H HA   . VAL A 1 41  ? -5.286  -5.660  -3.357  1.00 0.00 ? 66  VAL A HA   1 
ATOM 522  H HB   . VAL A 1 41  ? -4.848  -8.580  -4.126  1.00 0.00 ? 66  VAL A HB   1 
ATOM 523  H HG11 . VAL A 1 41  ? -4.064  -5.986  -5.490  1.00 0.00 ? 66  VAL A HG11 1 
ATOM 524  H HG12 . VAL A 1 41  ? -5.006  -7.326  -6.168  1.00 0.00 ? 66  VAL A HG12 1 
ATOM 525  H HG13 . VAL A 1 41  ? -3.294  -7.558  -5.819  1.00 0.00 ? 66  VAL A HG13 1 
ATOM 526  H HG21 . VAL A 1 41  ? -2.954  -6.458  -3.037  1.00 0.00 ? 66  VAL A HG21 1 
ATOM 527  H HG22 . VAL A 1 41  ? -2.460  -8.048  -3.661  1.00 0.00 ? 66  VAL A HG22 1 
ATOM 528  H HG23 . VAL A 1 41  ? -3.456  -7.939  -2.208  1.00 0.00 ? 66  VAL A HG23 1 
ATOM 529  N N    . THR A 1 42  ? -7.292  -5.517  -4.856  1.00 0.00 ? 67  THR A N    1 
ATOM 530  C CA   . THR A 1 42  ? -8.292  -5.403  -5.904  1.00 0.00 ? 67  THR A CA   1 
ATOM 531  C C    . THR A 1 42  ? -7.780  -6.114  -7.162  1.00 0.00 ? 67  THR A C    1 
ATOM 532  O O    . THR A 1 42  ? -6.740  -5.749  -7.710  1.00 0.00 ? 67  THR A O    1 
ATOM 533  C CB   . THR A 1 42  ? -8.594  -3.921  -6.165  1.00 0.00 ? 67  THR A CB   1 
ATOM 534  O OG1  . THR A 1 42  ? -8.904  -3.302  -4.938  1.00 0.00 ? 67  THR A OG1  1 
ATOM 535  C CG2  . THR A 1 42  ? -9.767  -3.750  -7.134  1.00 0.00 ? 67  THR A CG2  1 
ATOM 536  H H    . THR A 1 42  ? -6.873  -4.652  -4.543  1.00 0.00 ? 67  THR A H    1 
ATOM 537  H HA   . THR A 1 42  ? -9.208  -5.880  -5.545  1.00 0.00 ? 67  THR A HA   1 
ATOM 538  H HB   . THR A 1 42  ? -7.707  -3.437  -6.567  1.00 0.00 ? 67  THR A HB   1 
ATOM 539  H HG1  . THR A 1 42  ? -9.057  -2.349  -5.077  1.00 0.00 ? 67  THR A HG1  1 
ATOM 540  H HG21 . THR A 1 42  ? -9.508  -4.153  -8.114  1.00 0.00 ? 67  THR A HG21 1 
ATOM 541  H HG22 . THR A 1 42  ? -10.652 -4.256  -6.750  1.00 0.00 ? 67  THR A HG22 1 
ATOM 542  H HG23 . THR A 1 42  ? -9.984  -2.686  -7.249  1.00 0.00 ? 67  THR A HG23 1 
ATOM 543  N N    . VAL A 1 43  ? -8.512  -7.146  -7.595  1.00 0.00 ? 68  VAL A N    1 
ATOM 544  C CA   . VAL A 1 43  ? -8.117  -8.079  -8.646  1.00 0.00 ? 68  VAL A CA   1 
ATOM 545  C C    . VAL A 1 43  ? -7.555  -7.380  -9.890  1.00 0.00 ? 68  VAL A C    1 
ATOM 546  O O    . VAL A 1 43  ? -6.552  -7.820  -10.440 1.00 0.00 ? 68  VAL A O    1 
ATOM 547  C CB   . VAL A 1 43  ? -9.282  -9.037  -8.971  1.00 0.00 ? 68  VAL A CB   1 
ATOM 548  C CG1  . VAL A 1 43  ? -10.524 -8.326  -9.529  1.00 0.00 ? 68  VAL A CG1  1 
ATOM 549  C CG2  . VAL A 1 43  ? -8.844  -10.138 -9.947  1.00 0.00 ? 68  VAL A CG2  1 
ATOM 550  H H    . VAL A 1 43  ? -9.322  -7.378  -7.042  1.00 0.00 ? 68  VAL A H    1 
ATOM 551  H HA   . VAL A 1 43  ? -7.316  -8.690  -8.230  1.00 0.00 ? 68  VAL A HA   1 
ATOM 552  H HB   . VAL A 1 43  ? -9.573  -9.528  -8.040  1.00 0.00 ? 68  VAL A HB   1 
ATOM 553  H HG11 . VAL A 1 43  ? -10.318 -7.902  -10.511 1.00 0.00 ? 68  VAL A HG11 1 
ATOM 554  H HG12 . VAL A 1 43  ? -11.335 -9.048  -9.631  1.00 0.00 ? 68  VAL A HG12 1 
ATOM 555  H HG13 . VAL A 1 43  ? -10.849 -7.535  -8.854  1.00 0.00 ? 68  VAL A HG13 1 
ATOM 556  H HG21 . VAL A 1 43  ? -9.651  -10.861 -10.070 1.00 0.00 ? 68  VAL A HG21 1 
ATOM 557  H HG22 . VAL A 1 43  ? -8.603  -9.715  -10.923 1.00 0.00 ? 68  VAL A HG22 1 
ATOM 558  H HG23 . VAL A 1 43  ? -7.967  -10.655 -9.556  1.00 0.00 ? 68  VAL A HG23 1 
ATOM 559  N N    . GLY A 1 44  ? -8.203  -6.300  -10.335 1.00 0.00 ? 69  GLY A N    1 
ATOM 560  C CA   . GLY A 1 44  ? -7.821  -5.568  -11.532 1.00 0.00 ? 69  GLY A CA   1 
ATOM 561  C C    . GLY A 1 44  ? -7.385  -4.152  -11.178 1.00 0.00 ? 69  GLY A C    1 
ATOM 562  O O    . GLY A 1 44  ? -8.010  -3.187  -11.612 1.00 0.00 ? 69  GLY A O    1 
ATOM 563  H H    . GLY A 1 44  ? -8.999  -5.973  -9.812  1.00 0.00 ? 69  GLY A H    1 
ATOM 564  H HA2  . GLY A 1 44  ? -7.008  -6.056  -12.071 1.00 0.00 ? 69  GLY A HA2  1 
ATOM 565  H HA3  . GLY A 1 44  ? -8.685  -5.521  -12.196 1.00 0.00 ? 69  GLY A HA3  1 
ATOM 566  N N    . SER A 1 45  ? -6.327  -4.012  -10.375 1.00 0.00 ? 70  SER A N    1 
ATOM 567  C CA   . SER A 1 45  ? -5.763  -2.698  -10.061 1.00 0.00 ? 70  SER A CA   1 
ATOM 568  C C    . SER A 1 45  ? -4.238  -2.651  -10.087 1.00 0.00 ? 70  SER A C    1 
ATOM 569  O O    . SER A 1 45  ? -3.668  -1.576  -9.924  1.00 0.00 ? 70  SER A O    1 
ATOM 570  C CB   . SER A 1 45  ? -6.308  -2.212  -8.724  1.00 0.00 ? 70  SER A CB   1 
ATOM 571  O OG   . SER A 1 45  ? -7.716  -2.258  -8.785  1.00 0.00 ? 70  SER A OG   1 
ATOM 572  H H    . SER A 1 45  ? -5.980  -4.832  -9.894  1.00 0.00 ? 70  SER A H    1 
ATOM 573  H HA   . SER A 1 45  ? -6.085  -1.975  -10.812 1.00 0.00 ? 70  SER A HA   1 
ATOM 574  H HB2  . SER A 1 45  ? -5.938  -2.844  -7.914  1.00 0.00 ? 70  SER A HB2  1 
ATOM 575  H HB3  . SER A 1 45  ? -5.985  -1.182  -8.560  1.00 0.00 ? 70  SER A HB3  1 
ATOM 576  H HG   . SER A 1 45  ? -7.978  -2.161  -9.709  1.00 0.00 ? 70  SER A HG   1 
ATOM 577  N N    . MET A 1 46  ? -3.572  -3.786  -10.295 1.00 0.00 ? 71  MET A N    1 
ATOM 578  C CA   . MET A 1 46  ? -2.134  -3.836  -10.492 1.00 0.00 ? 71  MET A CA   1 
ATOM 579  C C    . MET A 1 46  ? -1.825  -3.199  -11.852 1.00 0.00 ? 71  MET A C    1 
ATOM 580  O O    . MET A 1 46  ? -2.162  -3.786  -12.878 1.00 0.00 ? 71  MET A O    1 
ATOM 581  C CB   . MET A 1 46  ? -1.724  -5.316  -10.424 1.00 0.00 ? 71  MET A CB   1 
ATOM 582  C CG   . MET A 1 46  ? -0.324  -5.736  -10.893 1.00 0.00 ? 71  MET A CG   1 
ATOM 583  S SD   . MET A 1 46  ? 1.130   -5.279  -9.921  1.00 0.00 ? 71  MET A SD   1 
ATOM 584  C CE   . MET A 1 46  ? 1.277   -3.551  -10.364 1.00 0.00 ? 71  MET A CE   1 
ATOM 585  H H    . MET A 1 46  ? -4.082  -4.636  -10.473 1.00 0.00 ? 71  MET A H    1 
ATOM 586  H HA   . MET A 1 46  ? -1.662  -3.285  -9.682  1.00 0.00 ? 71  MET A HA   1 
ATOM 587  H HB2  . MET A 1 46  ? -1.891  -5.684  -9.415  1.00 0.00 ? 71  MET A HB2  1 
ATOM 588  H HB3  . MET A 1 46  ? -2.392  -5.848  -11.092 1.00 0.00 ? 71  MET A HB3  1 
ATOM 589  H HG2  . MET A 1 46  ? -0.326  -6.828  -10.907 1.00 0.00 ? 71  MET A HG2  1 
ATOM 590  H HG3  . MET A 1 46  ? -0.172  -5.396  -11.911 1.00 0.00 ? 71  MET A HG3  1 
ATOM 591  H HE1  . MET A 1 46  ? 2.178   -3.141  -9.920  1.00 0.00 ? 71  MET A HE1  1 
ATOM 592  H HE2  . MET A 1 46  ? 0.419   -3.024  -9.977  1.00 0.00 ? 71  MET A HE2  1 
ATOM 593  H HE3  . MET A 1 46  ? 1.314   -3.473  -11.448 1.00 0.00 ? 71  MET A HE3  1 
ATOM 594  N N    . VAL A 1 47  ? -1.199  -2.015  -11.881 1.00 0.00 ? 72  VAL A N    1 
ATOM 595  C CA   . VAL A 1 47  ? -0.753  -1.388  -13.123 1.00 0.00 ? 72  VAL A CA   1 
ATOM 596  C C    . VAL A 1 47  ? 0.745   -1.094  -13.027 1.00 0.00 ? 72  VAL A C    1 
ATOM 597  O O    . VAL A 1 47  ? 1.270   -0.856  -11.937 1.00 0.00 ? 72  VAL A O    1 
ATOM 598  C CB   . VAL A 1 47  ? -1.611  -0.162  -13.482 1.00 0.00 ? 72  VAL A CB   1 
ATOM 599  C CG1  . VAL A 1 47  ? -3.085  -0.557  -13.640 1.00 0.00 ? 72  VAL A CG1  1 
ATOM 600  C CG2  . VAL A 1 47  ? -1.494  0.969   -12.459 1.00 0.00 ? 72  VAL A CG2  1 
ATOM 601  H H    . VAL A 1 47  ? -0.923  -1.562  -11.010 1.00 0.00 ? 72  VAL A H    1 
ATOM 602  H HA   . VAL A 1 47  ? -0.867  -2.093  -13.947 1.00 0.00 ? 72  VAL A HA   1 
ATOM 603  H HB   . VAL A 1 47  ? -1.265  0.221   -14.444 1.00 0.00 ? 72  VAL A HB   1 
ATOM 604  H HG11 . VAL A 1 47  ? -3.503  -0.867  -12.681 1.00 0.00 ? 72  VAL A HG11 1 
ATOM 605  H HG12 . VAL A 1 47  ? -3.657  0.295   -14.011 1.00 0.00 ? 72  VAL A HG12 1 
ATOM 606  H HG13 . VAL A 1 47  ? -3.176  -1.377  -14.352 1.00 0.00 ? 72  VAL A HG13 1 
ATOM 607  H HG21 . VAL A 1 47  ? -2.142  1.795   -12.753 1.00 0.00 ? 72  VAL A HG21 1 
ATOM 608  H HG22 . VAL A 1 47  ? -1.794  0.617   -11.471 1.00 0.00 ? 72  VAL A HG22 1 
ATOM 609  H HG23 . VAL A 1 47  ? -0.466  1.326   -12.435 1.00 0.00 ? 72  VAL A HG23 1 
ATOM 610  N N    . ARG A 1 48  ? 1.442   -1.174  -14.164 1.00 0.00 ? 73  ARG A N    1 
ATOM 611  C CA   . ARG A 1 48  ? 2.895   -1.166  -14.226 1.00 0.00 ? 73  ARG A CA   1 
ATOM 612  C C    . ARG A 1 48  ? 3.377   -0.311  -15.392 1.00 0.00 ? 73  ARG A C    1 
ATOM 613  O O    . ARG A 1 48  ? 2.731   -0.292  -16.440 1.00 0.00 ? 73  ARG A O    1 
ATOM 614  C CB   . ARG A 1 48  ? 3.388   -2.617  -14.370 1.00 0.00 ? 73  ARG A CB   1 
ATOM 615  C CG   . ARG A 1 48  ? 2.958   -3.289  -15.679 1.00 0.00 ? 73  ARG A CG   1 
ATOM 616  C CD   . ARG A 1 48  ? 3.313   -4.779  -15.653 1.00 0.00 ? 73  ARG A CD   1 
ATOM 617  N NE   . ARG A 1 48  ? 2.867   -5.446  -16.886 1.00 0.00 ? 73  ARG A NE   1 
ATOM 618  C CZ   . ARG A 1 48  ? 2.918   -6.770  -17.105 1.00 0.00 ? 73  ARG A CZ   1 
ATOM 619  N NH1  . ARG A 1 48  ? 3.430   -7.580  -16.170 1.00 0.00 ? 73  ARG A NH1  1 
ATOM 620  N NH2  . ARG A 1 48  ? 2.457   -7.275  -18.254 1.00 0.00 ? 73  ARG A NH2  1 
ATOM 621  H H    . ARG A 1 48  ? 0.957   -1.268  -15.044 1.00 0.00 ? 73  ARG A H    1 
ATOM 622  H HA   . ARG A 1 48  ? 3.290   -0.743  -13.303 1.00 0.00 ? 73  ARG A HA   1 
ATOM 623  H HB2  . ARG A 1 48  ? 4.477   -2.632  -14.303 1.00 0.00 ? 73  ARG A HB2  1 
ATOM 624  H HB3  . ARG A 1 48  ? 2.969   -3.206  -13.557 1.00 0.00 ? 73  ARG A HB3  1 
ATOM 625  H HG2  . ARG A 1 48  ? 1.879   -3.188  -15.800 1.00 0.00 ? 73  ARG A HG2  1 
ATOM 626  H HG3  . ARG A 1 48  ? 3.463   -2.812  -16.519 1.00 0.00 ? 73  ARG A HG3  1 
ATOM 627  H HD2  . ARG A 1 48  ? 4.396   -4.878  -15.549 1.00 0.00 ? 73  ARG A HD2  1 
ATOM 628  H HD3  . ARG A 1 48  ? 2.820   -5.234  -14.790 1.00 0.00 ? 73  ARG A HD3  1 
ATOM 629  H HE   . ARG A 1 48  ? 2.489   -4.841  -17.603 1.00 0.00 ? 73  ARG A HE   1 
ATOM 630  H HH11 . ARG A 1 48  ? 3.775   -7.181  -15.309 1.00 0.00 ? 73  ARG A HH11 1 
ATOM 631  H HH12 . ARG A 1 48  ? 3.475   -8.579  -16.293 1.00 0.00 ? 73  ARG A HH12 1 
ATOM 632  H HH21 . ARG A 1 48  ? 2.064   -6.669  -18.960 1.00 0.00 ? 73  ARG A HH21 1 
ATOM 633  H HH22 . ARG A 1 48  ? 2.483   -8.268  -18.437 1.00 0.00 ? 73  ARG A HH22 1 
ATOM 634  N N    . ASP A 1 49  ? 4.521   0.355   -15.227 1.00 0.00 ? 74  ASP A N    1 
ATOM 635  C CA   . ASP A 1 49  ? 5.150   1.097   -16.309 1.00 0.00 ? 74  ASP A CA   1 
ATOM 636  C C    . ASP A 1 49  ? 5.851   0.127   -17.261 1.00 0.00 ? 74  ASP A C    1 
ATOM 637  O O    . ASP A 1 49  ? 6.409   -0.871  -16.804 1.00 0.00 ? 74  ASP A O    1 
ATOM 638  C CB   . ASP A 1 49  ? 6.249   2.012   -15.756 1.00 0.00 ? 74  ASP A CB   1 
ATOM 639  C CG   . ASP A 1 49  ? 5.777   3.330   -15.176 1.00 0.00 ? 74  ASP A CG   1 
ATOM 640  O OD1  . ASP A 1 49  ? 4.609   3.409   -14.743 1.00 0.00 ? 74  ASP A OD1  1 
ATOM 641  O OD2  . ASP A 1 49  ? 6.637   4.238   -15.191 1.00 0.00 ? 74  ASP A OD2  1 
ATOM 642  H H    . ASP A 1 49  ? 4.999   0.325   -14.332 1.00 0.00 ? 74  ASP A H    1 
ATOM 643  H HA   . ASP A 1 49  ? 4.395   1.690   -16.826 1.00 0.00 ? 74  ASP A HA   1 
ATOM 644  H HB2  . ASP A 1 49  ? 6.846   1.474   -15.022 1.00 0.00 ? 74  ASP A HB2  1 
ATOM 645  H HB3  . ASP A 1 49  ? 6.893   2.292   -16.583 1.00 0.00 ? 74  ASP A HB3  1 
ATOM 646  N N    . PRO A 1 50  ? 5.951   0.455   -18.560 1.00 0.00 ? 75  PRO A N    1 
ATOM 647  C CA   . PRO A 1 50  ? 6.813   -0.273  -19.480 1.00 0.00 ? 75  PRO A CA   1 
ATOM 648  C C    . PRO A 1 50  ? 8.281   -0.088  -19.110 1.00 0.00 ? 75  PRO A C    1 
ATOM 649  O O    . PRO A 1 50  ? 9.113   -0.922  -19.465 1.00 0.00 ? 75  PRO A O    1 
ATOM 650  C CB   . PRO A 1 50  ? 6.478   0.265   -20.871 1.00 0.00 ? 75  PRO A CB   1 
ATOM 651  C CG   . PRO A 1 50  ? 6.047   1.705   -20.581 1.00 0.00 ? 75  PRO A CG   1 
ATOM 652  C CD   . PRO A 1 50  ? 5.351   1.603   -19.221 1.00 0.00 ? 75  PRO A CD   1 
ATOM 653  H HA   . PRO A 1 50  ? 6.643   -1.343  -19.396 1.00 0.00 ? 75  PRO A HA   1 
ATOM 654  H HB2  . PRO A 1 50  ? 7.324   0.211   -21.558 1.00 0.00 ? 75  PRO A HB2  1 
ATOM 655  H HB3  . PRO A 1 50  ? 5.630   -0.290  -21.275 1.00 0.00 ? 75  PRO A HB3  1 
ATOM 656  H HG2  . PRO A 1 50  ? 6.933   2.335   -20.490 1.00 0.00 ? 75  PRO A HG2  1 
ATOM 657  H HG3  . PRO A 1 50  ? 5.387   2.102   -21.354 1.00 0.00 ? 75  PRO A HG3  1 
ATOM 658  H HD2  . PRO A 1 50  ? 5.492   2.531   -18.665 1.00 0.00 ? 75  PRO A HD2  1 
ATOM 659  H HD3  . PRO A 1 50  ? 4.285   1.412   -19.364 1.00 0.00 ? 75  PRO A HD3  1 
ATOM 660  N N    . ASN A 1 51  ? 8.593   0.958   -18.337 1.00 0.00 ? 76  ASN A N    1 
ATOM 661  C CA   . ASN A 1 51  ? 9.885   1.110   -17.684 1.00 0.00 ? 76  ASN A CA   1 
ATOM 662  C C    . ASN A 1 51  ? 10.249  -0.191  -16.951 1.00 0.00 ? 76  ASN A C    1 
ATOM 663  O O    . ASN A 1 51  ? 11.423  -0.529  -16.850 1.00 0.00 ? 76  ASN A O    1 
ATOM 664  C CB   . ASN A 1 51  ? 9.860   2.304   -16.711 1.00 0.00 ? 76  ASN A CB   1 
ATOM 665  C CG   . ASN A 1 51  ? 9.612   3.636   -17.418 1.00 0.00 ? 76  ASN A CG   1 
ATOM 666  O OD1  . ASN A 1 51  ? 10.319  3.968   -18.364 1.00 0.00 ? 76  ASN A OD1  1 
ATOM 667  N ND2  . ASN A 1 51  ? 8.618   4.418   -17.002 1.00 0.00 ? 76  ASN A ND2  1 
ATOM 668  H H    . ASN A 1 51  ? 7.882   1.647   -18.149 1.00 0.00 ? 76  ASN A H    1 
ATOM 669  H HA   . ASN A 1 51  ? 10.644  1.295   -18.447 1.00 0.00 ? 76  ASN A HA   1 
ATOM 670  H HB2  . ASN A 1 51  ? 9.118   2.139   -15.929 1.00 0.00 ? 76  ASN A HB2  1 
ATOM 671  H HB3  . ASN A 1 51  ? 10.838  2.382   -16.240 1.00 0.00 ? 76  ASN A HB3  1 
ATOM 672  H HD21 . ASN A 1 51  ? 7.993   4.197   -16.212 1.00 0.00 ? 76  ASN A HD21 1 
ATOM 673  H HD22 . ASN A 1 51  ? 8.481   5.297   -17.472 1.00 0.00 ? 76  ASN A HD22 1 
ATOM 674  N N    . SER A 1 52  ? 9.246   -0.937  -16.461 1.00 0.00 ? 77  SER A N    1 
ATOM 675  C CA   . SER A 1 52  ? 9.401   -2.255  -15.848 1.00 0.00 ? 77  SER A CA   1 
ATOM 676  C C    . SER A 1 52  ? 10.134  -2.170  -14.509 1.00 0.00 ? 77  SER A C    1 
ATOM 677  O O    . SER A 1 52  ? 10.828  -3.102  -14.113 1.00 0.00 ? 77  SER A O    1 
ATOM 678  C CB   . SER A 1 52  ? 10.060  -3.246  -16.817 1.00 0.00 ? 77  SER A CB   1 
ATOM 679  O OG   . SER A 1 52  ? 9.335   -3.298  -18.033 1.00 0.00 ? 77  SER A OG   1 
ATOM 680  H H    . SER A 1 52  ? 8.290   -0.624  -16.594 1.00 0.00 ? 77  SER A H    1 
ATOM 681  H HA   . SER A 1 52  ? 8.398   -2.627  -15.637 1.00 0.00 ? 77  SER A HA   1 
ATOM 682  H HB2  . SER A 1 52  ? 11.098  -2.969  -17.010 1.00 0.00 ? 77  SER A HB2  1 
ATOM 683  H HB3  . SER A 1 52  ? 10.058  -4.237  -16.362 1.00 0.00 ? 77  SER A HB3  1 
ATOM 684  H HG   . SER A 1 52  ? 9.391   -2.439  -18.475 1.00 0.00 ? 77  SER A HG   1 
ATOM 685  N N    . LEU A 1 53  ? 9.956   -1.043  -13.821 1.00 0.00 ? 78  LEU A N    1 
ATOM 686  C CA   . LEU A 1 53  ? 10.627  -0.692  -12.573 1.00 0.00 ? 78  LEU A CA   1 
ATOM 687  C C    . LEU A 1 53  ? 9.810   0.303   -11.738 1.00 0.00 ? 78  LEU A C    1 
ATOM 688  O O    . LEU A 1 53  ? 10.284  0.802   -10.721 1.00 0.00 ? 78  LEU A O    1 
ATOM 689  C CB   . LEU A 1 53  ? 12.047  -0.218  -12.882 1.00 0.00 ? 78  LEU A CB   1 
ATOM 690  C CG   . LEU A 1 53  ? 12.083  0.915   -13.916 1.00 0.00 ? 78  LEU A CG   1 
ATOM 691  C CD1  . LEU A 1 53  ? 12.015  2.268   -13.223 1.00 0.00 ? 78  LEU A CD1  1 
ATOM 692  C CD2  . LEU A 1 53  ? 13.332  0.780   -14.779 1.00 0.00 ? 78  LEU A CD2  1 
ATOM 693  H H    . LEU A 1 53  ? 9.469   -0.308  -14.309 1.00 0.00 ? 78  LEU A H    1 
ATOM 694  H HA   . LEU A 1 53  ? 10.760  -1.571  -11.959 1.00 0.00 ? 78  LEU A HA   1 
ATOM 695  H HB2  . LEU A 1 53  ? 12.549  0.086   -11.962 1.00 0.00 ? 78  LEU A HB2  1 
ATOM 696  H HB3  . LEU A 1 53  ? 12.585  -1.080  -13.278 1.00 0.00 ? 78  LEU A HB3  1 
ATOM 697  H HG   . LEU A 1 53  ? 11.236  0.861   -14.590 1.00 0.00 ? 78  LEU A HG   1 
ATOM 698  H HD11 . LEU A 1 53  ? 11.082  2.315   -12.672 1.00 0.00 ? 78  LEU A HD11 1 
ATOM 699  H HD12 . LEU A 1 53  ? 12.847  2.374   -12.529 1.00 0.00 ? 78  LEU A HD12 1 
ATOM 700  H HD13 . LEU A 1 53  ? 12.033  3.066   -13.965 1.00 0.00 ? 78  LEU A HD13 1 
ATOM 701  H HD21 . LEU A 1 53  ? 13.314  1.532   -15.567 1.00 0.00 ? 78  LEU A HD21 1 
ATOM 702  H HD22 . LEU A 1 53  ? 14.223  0.888   -14.163 1.00 0.00 ? 78  LEU A HD22 1 
ATOM 703  H HD23 . LEU A 1 53  ? 13.325  -0.209  -15.240 1.00 0.00 ? 78  LEU A HD23 1 
ATOM 704  N N    . HIS A 1 54  ? 8.578   0.596   -12.163 1.00 0.00 ? 79  HIS A N    1 
ATOM 705  C CA   . HIS A 1 54  ? 7.625   1.427   -11.466 1.00 0.00 ? 79  HIS A CA   1 
ATOM 706  C C    . HIS A 1 54  ? 6.301   0.694   -11.606 1.00 0.00 ? 79  HIS A C    1 
ATOM 707  O O    . HIS A 1 54  ? 5.935   0.273   -12.707 1.00 0.00 ? 79  HIS A O    1 
ATOM 708  C CB   . HIS A 1 54  ? 7.550   2.811   -12.111 1.00 0.00 ? 79  HIS A CB   1 
ATOM 709  C CG   . HIS A 1 54  ? 8.735   3.698   -11.838 1.00 0.00 ? 79  HIS A CG   1 
ATOM 710  N ND1  . HIS A 1 54  ? 9.386   3.851   -10.633 1.00 0.00 ? 79  HIS A ND1  1 
ATOM 711  C CD2  . HIS A 1 54  ? 9.340   4.528   -12.744 1.00 0.00 ? 79  HIS A CD2  1 
ATOM 712  C CE1  . HIS A 1 54  ? 10.366  4.750   -10.816 1.00 0.00 ? 79  HIS A CE1  1 
ATOM 713  N NE2  . HIS A 1 54  ? 10.379  5.193   -12.084 1.00 0.00 ? 79  HIS A NE2  1 
ATOM 714  H H    . HIS A 1 54  ? 8.165   0.097   -12.933 1.00 0.00 ? 79  HIS A H    1 
ATOM 715  H HA   . HIS A 1 54  ? 7.880   1.519   -10.412 1.00 0.00 ? 79  HIS A HA   1 
ATOM 716  H HB2  . HIS A 1 54  ? 7.456   2.689   -13.186 1.00 0.00 ? 79  HIS A HB2  1 
ATOM 717  H HB3  . HIS A 1 54  ? 6.655   3.310   -11.747 1.00 0.00 ? 79  HIS A HB3  1 
ATOM 718  H HD1  . HIS A 1 54  ? 9.185   3.365   -9.772  1.00 0.00 ? 79  HIS A HD1  1 
ATOM 719  H HD2  . HIS A 1 54  ? 9.070   4.637   -13.785 1.00 0.00 ? 79  HIS A HD2  1 
ATOM 720  H HE1  . HIS A 1 54  ? 11.049  5.075   -10.044 1.00 0.00 ? 79  HIS A HE1  1 
ATOM 721  N N    . VAL A 1 55  ? 5.641   0.465   -10.477 1.00 0.00 ? 80  VAL A N    1 
ATOM 722  C CA   . VAL A 1 55  ? 4.480   -0.386  -10.368 1.00 0.00 ? 80  VAL A CA   1 
ATOM 723  C C    . VAL A 1 55  ? 3.603   0.198   -9.271  1.00 0.00 ? 80  VAL A C    1 
ATOM 724  O O    . VAL A 1 55  ? 4.116   0.679   -8.263  1.00 0.00 ? 80  VAL A O    1 
ATOM 725  C CB   . VAL A 1 55  ? 4.907   -1.842  -10.074 1.00 0.00 ? 80  VAL A CB   1 
ATOM 726  C CG1  . VAL A 1 55  ? 4.869   -2.686  -11.344 1.00 0.00 ? 80  VAL A CG1  1 
ATOM 727  C CG2  . VAL A 1 55  ? 6.308   -1.993  -9.472  1.00 0.00 ? 80  VAL A CG2  1 
ATOM 728  H H    . VAL A 1 55  ? 6.023   0.811   -9.597  1.00 0.00 ? 80  VAL A H    1 
ATOM 729  H HA   . VAL A 1 55  ? 3.906   -0.344  -11.289 1.00 0.00 ? 80  VAL A HA   1 
ATOM 730  H HB   . VAL A 1 55  ? 4.188   -2.271  -9.382  1.00 0.00 ? 80  VAL A HB   1 
ATOM 731  H HG11 . VAL A 1 55  ? 5.517   -2.255  -12.107 1.00 0.00 ? 80  VAL A HG11 1 
ATOM 732  H HG12 . VAL A 1 55  ? 5.194   -3.704  -11.134 1.00 0.00 ? 80  VAL A HG12 1 
ATOM 733  H HG13 . VAL A 1 55  ? 3.841   -2.709  -11.688 1.00 0.00 ? 80  VAL A HG13 1 
ATOM 734  H HG21 . VAL A 1 55  ? 7.074   -1.672  -10.178 1.00 0.00 ? 80  VAL A HG21 1 
ATOM 735  H HG22 . VAL A 1 55  ? 6.388   -1.407  -8.564  1.00 0.00 ? 80  VAL A HG22 1 
ATOM 736  H HG23 . VAL A 1 55  ? 6.492   -3.038  -9.226  1.00 0.00 ? 80  VAL A HG23 1 
ATOM 737  N N    . GLN A 1 56  ? 2.285   0.208   -9.459  1.00 0.00 ? 81  GLN A N    1 
ATOM 738  C CA   . GLN A 1 56  ? 1.396   0.701   -8.426  1.00 0.00 ? 81  GLN A CA   1 
ATOM 739  C C    . GLN A 1 56  ? 0.111   -0.109  -8.431  1.00 0.00 ? 81  GLN A C    1 
ATOM 740  O O    . GLN A 1 56  ? -0.255  -0.709  -9.444  1.00 0.00 ? 81  GLN A O    1 
ATOM 741  C CB   . GLN A 1 56  ? 1.157   2.200   -8.612  1.00 0.00 ? 81  GLN A CB   1 
ATOM 742  C CG   . GLN A 1 56  ? 0.659   2.496   -10.023 1.00 0.00 ? 81  GLN A CG   1 
ATOM 743  C CD   . GLN A 1 56  ? 0.118   3.910   -10.140 1.00 0.00 ? 81  GLN A CD   1 
ATOM 744  O OE1  . GLN A 1 56  ? 0.732   4.868   -9.683  1.00 0.00 ? 81  GLN A OE1  1 
ATOM 745  N NE2  . GLN A 1 56  ? -1.059  4.049   -10.739 1.00 0.00 ? 81  GLN A NE2  1 
ATOM 746  H H    . GLN A 1 56  ? 1.865   -0.117  -10.332 1.00 0.00 ? 81  GLN A H    1 
ATOM 747  H HA   . GLN A 1 56  ? 1.848   0.551   -7.445  1.00 0.00 ? 81  GLN A HA   1 
ATOM 748  H HB2  . GLN A 1 56  ? 0.423   2.543   -7.881  1.00 0.00 ? 81  GLN A HB2  1 
ATOM 749  H HB3  . GLN A 1 56  ? 2.093   2.737   -8.456  1.00 0.00 ? 81  GLN A HB3  1 
ATOM 750  H HG2  . GLN A 1 56  ? 1.467   2.366   -10.744 1.00 0.00 ? 81  GLN A HG2  1 
ATOM 751  H HG3  . GLN A 1 56  ? -0.140  1.798   -10.250 1.00 0.00 ? 81  GLN A HG3  1 
ATOM 752  H HE21 . GLN A 1 56  ? -1.565  3.249   -11.083 1.00 0.00 ? 81  GLN A HE21 1 
ATOM 753  H HE22 . GLN A 1 56  ? -1.420  4.977   -10.843 1.00 0.00 ? 81  GLN A HE22 1 
ATOM 754  N N    . PHE A 1 57  ? -0.553  -0.152  -7.282  1.00 0.00 ? 82  PHE A N    1 
ATOM 755  C CA   . PHE A 1 57  ? -1.695  -1.023  -7.088  1.00 0.00 ? 82  PHE A CA   1 
ATOM 756  C C    . PHE A 1 57  ? -2.618  -0.436  -6.032  1.00 0.00 ? 82  PHE A C    1 
ATOM 757  O O    . PHE A 1 57  ? -2.192  0.360   -5.195  1.00 0.00 ? 82  PHE A O    1 
ATOM 758  C CB   . PHE A 1 57  ? -1.206  -2.436  -6.740  1.00 0.00 ? 82  PHE A CB   1 
ATOM 759  C CG   . PHE A 1 57  ? -0.334  -2.532  -5.497  1.00 0.00 ? 82  PHE A CG   1 
ATOM 760  C CD1  . PHE A 1 57  ? -0.918  -2.517  -4.215  1.00 0.00 ? 82  PHE A CD1  1 
ATOM 761  C CD2  . PHE A 1 57  ? 1.054   -2.734  -5.624  1.00 0.00 ? 82  PHE A CD2  1 
ATOM 762  C CE1  . PHE A 1 57  ? -0.133  -2.777  -3.077  1.00 0.00 ? 82  PHE A CE1  1 
ATOM 763  C CE2  . PHE A 1 57  ? 1.844   -2.947  -4.480  1.00 0.00 ? 82  PHE A CE2  1 
ATOM 764  C CZ   . PHE A 1 57  ? 1.248   -2.994  -3.210  1.00 0.00 ? 82  PHE A CZ   1 
ATOM 765  H H    . PHE A 1 57  ? -0.218  0.399   -6.489  1.00 0.00 ? 82  PHE A H    1 
ATOM 766  H HA   . PHE A 1 57  ? -2.275  -1.076  -8.010  1.00 0.00 ? 82  PHE A HA   1 
ATOM 767  H HB2  . PHE A 1 57  ? -2.064  -3.100  -6.642  1.00 0.00 ? 82  PHE A HB2  1 
ATOM 768  H HB3  . PHE A 1 57  ? -0.632  -2.814  -7.586  1.00 0.00 ? 82  PHE A HB3  1 
ATOM 769  H HD1  . PHE A 1 57  ? -1.974  -2.329  -4.100  1.00 0.00 ? 82  PHE A HD1  1 
ATOM 770  H HD2  . PHE A 1 57  ? 1.517   -2.756  -6.599  1.00 0.00 ? 82  PHE A HD2  1 
ATOM 771  H HE1  . PHE A 1 57  ? -0.585  -2.771  -2.097  1.00 0.00 ? 82  PHE A HE1  1 
ATOM 772  H HE2  . PHE A 1 57  ? 2.908   -3.094  -4.581  1.00 0.00 ? 82  PHE A HE2  1 
ATOM 773  H HZ   . PHE A 1 57  ? 1.854   -3.183  -2.336  1.00 0.00 ? 82  PHE A HZ   1 
ATOM 774  N N    . ALA A 1 58  ? -3.889  -0.830  -6.086  1.00 0.00 ? 83  ALA A N    1 
ATOM 775  C CA   . ALA A 1 58  ? -4.889  -0.439  -5.112  1.00 0.00 ? 83  ALA A CA   1 
ATOM 776  C C    . ALA A 1 58  ? -5.122  -1.612  -4.162  1.00 0.00 ? 83  ALA A C    1 
ATOM 777  O O    . ALA A 1 58  ? -5.257  -2.752  -4.616  1.00 0.00 ? 83  ALA A O    1 
ATOM 778  C CB   . ALA A 1 58  ? -6.170  -0.022  -5.828  1.00 0.00 ? 83  ALA A CB   1 
ATOM 779  H H    . ALA A 1 58  ? -4.160  -1.515  -6.773  1.00 0.00 ? 83  ALA A H    1 
ATOM 780  H HA   . ALA A 1 58  ? -4.541  0.427   -4.551  1.00 0.00 ? 83  ALA A HA   1 
ATOM 781  H HB1  . ALA A 1 58  ? -5.947  0.690   -6.622  1.00 0.00 ? 83  ALA A HB1  1 
ATOM 782  H HB2  . ALA A 1 58  ? -6.684  -0.890  -6.242  1.00 0.00 ? 83  ALA A HB2  1 
ATOM 783  H HB3  . ALA A 1 58  ? -6.820  0.461   -5.105  1.00 0.00 ? 83  ALA A HB3  1 
ATOM 784  N N    . VAL A 1 59  ? -5.118  -1.338  -2.857  1.00 0.00 ? 84  VAL A N    1 
ATOM 785  C CA   . VAL A 1 59  ? -5.400  -2.330  -1.820  1.00 0.00 ? 84  VAL A CA   1 
ATOM 786  C C    . VAL A 1 59  ? -6.541  -1.802  -0.954  1.00 0.00 ? 84  VAL A C    1 
ATOM 787  O O    . VAL A 1 59  ? -6.527  -0.634  -0.572  1.00 0.00 ? 84  VAL A O    1 
ATOM 788  C CB   . VAL A 1 59  ? -4.116  -2.647  -1.022  1.00 0.00 ? 84  VAL A CB   1 
ATOM 789  C CG1  . VAL A 1 59  ? -4.372  -3.009  0.447   1.00 0.00 ? 84  VAL A CG1  1 
ATOM 790  C CG2  . VAL A 1 59  ? -3.398  -3.836  -1.671  1.00 0.00 ? 84  VAL A CG2  1 
ATOM 791  H H    . VAL A 1 59  ? -5.019  -0.358  -2.579  1.00 0.00 ? 84  VAL A H    1 
ATOM 792  H HA   . VAL A 1 59  ? -5.757  -3.254  -2.275  1.00 0.00 ? 84  VAL A HA   1 
ATOM 793  H HB   . VAL A 1 59  ? -3.454  -1.779  -1.040  1.00 0.00 ? 84  VAL A HB   1 
ATOM 794  H HG11 . VAL A 1 59  ? -4.732  -2.137  0.989   1.00 0.00 ? 84  VAL A HG11 1 
ATOM 795  H HG12 . VAL A 1 59  ? -5.106  -3.812  0.513   1.00 0.00 ? 84  VAL A HG12 1 
ATOM 796  H HG13 . VAL A 1 59  ? -3.444  -3.337  0.914   1.00 0.00 ? 84  VAL A HG13 1 
ATOM 797  H HG21 . VAL A 1 59  ? -3.257  -3.658  -2.735  1.00 0.00 ? 84  VAL A HG21 1 
ATOM 798  H HG22 . VAL A 1 59  ? -2.429  -3.991  -1.198  1.00 0.00 ? 84  VAL A HG22 1 
ATOM 799  H HG23 . VAL A 1 59  ? -3.996  -4.738  -1.541  1.00 0.00 ? 84  VAL A HG23 1 
ATOM 800  N N    . HIS A 1 60  ? -7.527  -2.652  -0.657  1.00 0.00 ? 85  HIS A N    1 
ATOM 801  C CA   . HIS A 1 60  ? -8.724  -2.281  0.085   1.00 0.00 ? 85  HIS A CA   1 
ATOM 802  C C    . HIS A 1 60  ? -9.001  -3.299  1.189   1.00 0.00 ? 85  HIS A C    1 
ATOM 803  O O    . HIS A 1 60  ? -8.158  -4.145  1.491   1.00 0.00 ? 85  HIS A O    1 
ATOM 804  C CB   . HIS A 1 60  ? -9.907  -2.133  -0.887  1.00 0.00 ? 85  HIS A CB   1 
ATOM 805  C CG   . HIS A 1 60  ? -10.502 -3.433  -1.375  1.00 0.00 ? 85  HIS A CG   1 
ATOM 806  N ND1  . HIS A 1 60  ? -11.726 -3.946  -1.011  1.00 0.00 ? 85  HIS A ND1  1 
ATOM 807  C CD2  . HIS A 1 60  ? -9.935  -4.312  -2.257  1.00 0.00 ? 85  HIS A CD2  1 
ATOM 808  C CE1  . HIS A 1 60  ? -11.895 -5.103  -1.670  1.00 0.00 ? 85  HIS A CE1  1 
ATOM 809  N NE2  . HIS A 1 60  ? -10.832 -5.370  -2.444  1.00 0.00 ? 85  HIS A NE2  1 
ATOM 810  H H    . HIS A 1 60  ? -7.437  -3.626  -0.935  1.00 0.00 ? 85  HIS A H    1 
ATOM 811  H HA   . HIS A 1 60  ? -8.570  -1.323  0.583   1.00 0.00 ? 85  HIS A HA   1 
ATOM 812  H HB2  . HIS A 1 60  ? -10.695 -1.558  -0.399  1.00 0.00 ? 85  HIS A HB2  1 
ATOM 813  H HB3  . HIS A 1 60  ? -9.584  -1.565  -1.759  1.00 0.00 ? 85  HIS A HB3  1 
ATOM 814  H HD1  . HIS A 1 60  ? -12.356 -3.566  -0.313  1.00 0.00 ? 85  HIS A HD1  1 
ATOM 815  H HD2  . HIS A 1 60  ? -8.953  -4.227  -2.692  1.00 0.00 ? 85  HIS A HD2  1 
ATOM 816  H HE1  . HIS A 1 60  ? -12.758 -5.746  -1.570  1.00 0.00 ? 85  HIS A HE1  1 
ATOM 817  N N    . ASP A 1 61  ? -10.191 -3.203  1.781   1.00 0.00 ? 86  ASP A N    1 
ATOM 818  C CA   . ASP A 1 61  ? -10.747 -4.136  2.739   1.00 0.00 ? 86  ASP A CA   1 
ATOM 819  C C    . ASP A 1 61  ? -12.205 -4.348  2.338   1.00 0.00 ? 86  ASP A C    1 
ATOM 820  O O    . ASP A 1 61  ? -12.726 -3.592  1.513   1.00 0.00 ? 86  ASP A O    1 
ATOM 821  C CB   . ASP A 1 61  ? -10.652 -3.502  4.127   1.00 0.00 ? 86  ASP A CB   1 
ATOM 822  C CG   . ASP A 1 61  ? -11.058 -4.472  5.217   1.00 0.00 ? 86  ASP A CG   1 
ATOM 823  O OD1  . ASP A 1 61  ? -12.284 -4.548  5.447   1.00 0.00 ? 86  ASP A OD1  1 
ATOM 824  O OD2  . ASP A 1 61  ? -10.157 -5.136  5.764   1.00 0.00 ? 86  ASP A OD2  1 
ATOM 825  H H    . ASP A 1 61  ? -10.858 -2.511  1.469   1.00 0.00 ? 86  ASP A H    1 
ATOM 826  H HA   . ASP A 1 61  ? -10.210 -5.083  2.729   1.00 0.00 ? 86  ASP A HA   1 
ATOM 827  H HB2  . ASP A 1 61  ? -9.628  -3.186  4.319   1.00 0.00 ? 86  ASP A HB2  1 
ATOM 828  H HB3  . ASP A 1 61  ? -11.309 -2.635  4.155   1.00 0.00 ? 86  ASP A HB3  1 
ATOM 829  N N    . SER A 1 62  ? -12.881 -5.325  2.937   1.00 0.00 ? 87  SER A N    1 
ATOM 830  C CA   . SER A 1 62  ? -14.324 -5.462  2.836   1.00 0.00 ? 87  SER A CA   1 
ATOM 831  C C    . SER A 1 62  ? -15.009 -4.148  3.232   1.00 0.00 ? 87  SER A C    1 
ATOM 832  O O    . SER A 1 62  ? -16.059 -3.814  2.691   1.00 0.00 ? 87  SER A O    1 
ATOM 833  C CB   . SER A 1 62  ? -14.766 -6.605  3.751   1.00 0.00 ? 87  SER A CB   1 
ATOM 834  O OG   . SER A 1 62  ? -14.021 -7.768  3.444   1.00 0.00 ? 87  SER A OG   1 
ATOM 835  H H    . SER A 1 62  ? -12.434 -5.813  3.704   1.00 0.00 ? 87  SER A H    1 
ATOM 836  H HA   . SER A 1 62  ? -14.586 -5.702  1.804   1.00 0.00 ? 87  SER A HA   1 
ATOM 837  H HB2  . SER A 1 62  ? -14.590 -6.331  4.793   1.00 0.00 ? 87  SER A HB2  1 
ATOM 838  H HB3  . SER A 1 62  ? -15.832 -6.791  3.608   1.00 0.00 ? 87  SER A HB3  1 
ATOM 839  H HG   . SER A 1 62  ? -14.001 -7.883  2.490   1.00 0.00 ? 87  SER A HG   1 
ATOM 840  N N    . LEU A 1 63  ? -14.397 -3.385  4.145   1.00 0.00 ? 88  LEU A N    1 
ATOM 841  C CA   . LEU A 1 63  ? -14.874 -2.069  4.551   1.00 0.00 ? 88  LEU A CA   1 
ATOM 842  C C    . LEU A 1 63  ? -14.833 -1.022  3.425   1.00 0.00 ? 88  LEU A C    1 
ATOM 843  O O    . LEU A 1 63  ? -15.349 0.078   3.603   1.00 0.00 ? 88  LEU A O    1 
ATOM 844  C CB   . LEU A 1 63  ? -14.110 -1.602  5.799   1.00 0.00 ? 88  LEU A CB   1 
ATOM 845  C CG   . LEU A 1 63  ? -14.331 -2.509  7.026   1.00 0.00 ? 88  LEU A CG   1 
ATOM 846  C CD1  . LEU A 1 63  ? -13.264 -2.213  8.086   1.00 0.00 ? 88  LEU A CD1  1 
ATOM 847  C CD2  . LEU A 1 63  ? -15.722 -2.313  7.640   1.00 0.00 ? 88  LEU A CD2  1 
ATOM 848  H H    . LEU A 1 63  ? -13.562 -3.758  4.607   1.00 0.00 ? 88  LEU A H    1 
ATOM 849  H HA   . LEU A 1 63  ? -15.922 -2.173  4.803   1.00 0.00 ? 88  LEU A HA   1 
ATOM 850  H HB2  . LEU A 1 63  ? -13.050 -1.588  5.551   1.00 0.00 ? 88  LEU A HB2  1 
ATOM 851  H HB3  . LEU A 1 63  ? -14.411 -0.585  6.057   1.00 0.00 ? 88  LEU A HB3  1 
ATOM 852  H HG   . LEU A 1 63  ? -14.230 -3.557  6.744   1.00 0.00 ? 88  LEU A HG   1 
ATOM 853  H HD11 . LEU A 1 63  ? -12.273 -2.409  7.676   1.00 0.00 ? 88  LEU A HD11 1 
ATOM 854  H HD12 . LEU A 1 63  ? -13.415 -2.860  8.950   1.00 0.00 ? 88  LEU A HD12 1 
ATOM 855  H HD13 . LEU A 1 63  ? -13.325 -1.171  8.402   1.00 0.00 ? 88  LEU A HD13 1 
ATOM 856  H HD21 . LEU A 1 63  ? -15.824 -2.946  8.522   1.00 0.00 ? 88  LEU A HD21 1 
ATOM 857  H HD22 . LEU A 1 63  ? -16.498 -2.594  6.929   1.00 0.00 ? 88  LEU A HD22 1 
ATOM 858  H HD23 . LEU A 1 63  ? -15.862 -1.271  7.933   1.00 0.00 ? 88  LEU A HD23 1 
ATOM 859  N N    . GLY A 1 64  ? -14.245 -1.337  2.266   1.00 0.00 ? 89  GLY A N    1 
ATOM 860  C CA   . GLY A 1 64  ? -14.358 -0.517  1.067   1.00 0.00 ? 89  GLY A CA   1 
ATOM 861  C C    . GLY A 1 64  ? -13.621 0.819   1.157   1.00 0.00 ? 89  GLY A C    1 
ATOM 862  O O    . GLY A 1 64  ? -13.978 1.765   0.459   1.00 0.00 ? 89  GLY A O    1 
ATOM 863  H H    . GLY A 1 64  ? -13.815 -2.248  2.161   1.00 0.00 ? 89  GLY A H    1 
ATOM 864  H HA2  . GLY A 1 64  ? -13.944 -1.076  0.228   1.00 0.00 ? 89  GLY A HA2  1 
ATOM 865  H HA3  . GLY A 1 64  ? -15.412 -0.324  0.863   1.00 0.00 ? 89  GLY A HA3  1 
ATOM 866  N N    . GLY A 1 65  ? -12.565 0.890   1.968   1.00 0.00 ? 90  GLY A N    1 
ATOM 867  C CA   . GLY A 1 65  ? -11.694 2.051   2.041   1.00 0.00 ? 90  GLY A CA   1 
ATOM 868  C C    . GLY A 1 65  ? -10.419 1.754   1.259   1.00 0.00 ? 90  GLY A C    1 
ATOM 869  O O    . GLY A 1 65  ? -9.393  1.421   1.846   1.00 0.00 ? 90  GLY A O    1 
ATOM 870  H H    . GLY A 1 65  ? -12.310 0.073   2.504   1.00 0.00 ? 90  GLY A H    1 
ATOM 871  H HA2  . GLY A 1 65  ? -12.166 2.949   1.643   1.00 0.00 ? 90  GLY A HA2  1 
ATOM 872  H HA3  . GLY A 1 65  ? -11.461 2.233   3.085   1.00 0.00 ? 90  GLY A HA3  1 
ATOM 873  N N    . GLU A 1 66  ? -10.506 1.826   -0.070  1.00 0.00 ? 91  GLU A N    1 
ATOM 874  C CA   . GLU A 1 66  ? -9.391  1.519   -0.951  1.00 0.00 ? 91  GLU A CA   1 
ATOM 875  C C    . GLU A 1 66  ? -8.287  2.571   -0.801  1.00 0.00 ? 91  GLU A C    1 
ATOM 876  O O    . GLU A 1 66  ? -8.568  3.768   -0.853  1.00 0.00 ? 91  GLU A O    1 
ATOM 877  C CB   . GLU A 1 66  ? -9.908  1.398   -2.392  1.00 0.00 ? 91  GLU A CB   1 
ATOM 878  C CG   . GLU A 1 66  ? -8.829  0.891   -3.354  1.00 0.00 ? 91  GLU A CG   1 
ATOM 879  C CD   . GLU A 1 66  ? -9.433  0.494   -4.694  1.00 0.00 ? 91  GLU A CD   1 
ATOM 880  O OE1  . GLU A 1 66  ? -9.999  1.395   -5.347  1.00 0.00 ? 91  GLU A OE1  1 
ATOM 881  O OE2  . GLU A 1 66  ? -9.311  -0.702  -5.041  1.00 0.00 ? 91  GLU A OE2  1 
ATOM 882  H H    . GLU A 1 66  ? -11.377 2.126   -0.483  1.00 0.00 ? 91  GLU A H    1 
ATOM 883  H HA   . GLU A 1 66  ? -8.993  0.550   -0.658  1.00 0.00 ? 91  GLU A HA   1 
ATOM 884  H HB2  . GLU A 1 66  ? -10.735 0.687   -2.415  1.00 0.00 ? 91  GLU A HB2  1 
ATOM 885  H HB3  . GLU A 1 66  ? -10.270 2.365   -2.749  1.00 0.00 ? 91  GLU A HB3  1 
ATOM 886  H HG2  . GLU A 1 66  ? -8.095  1.680   -3.524  1.00 0.00 ? 91  GLU A HG2  1 
ATOM 887  H HG3  . GLU A 1 66  ? -8.320  0.026   -2.930  1.00 0.00 ? 91  GLU A HG3  1 
ATOM 888  N N    . ILE A 1 67  ? -7.043  2.121   -0.619  1.00 0.00 ? 92  ILE A N    1 
ATOM 889  C CA   . ILE A 1 67  ? -5.846  2.950   -0.584  1.00 0.00 ? 92  ILE A CA   1 
ATOM 890  C C    . ILE A 1 67  ? -5.001  2.607   -1.812  1.00 0.00 ? 92  ILE A C    1 
ATOM 891  O O    . ILE A 1 67  ? -5.011  1.469   -2.285  1.00 0.00 ? 92  ILE A O    1 
ATOM 892  C CB   . ILE A 1 67  ? -5.078  2.739   0.745   1.00 0.00 ? 92  ILE A CB   1 
ATOM 893  C CG1  . ILE A 1 67  ? -4.791  4.037   1.522   1.00 0.00 ? 92  ILE A CG1  1 
ATOM 894  C CG2  . ILE A 1 67  ? -3.783  1.923   0.607   1.00 0.00 ? 92  ILE A CG2  1 
ATOM 895  C CD1  . ILE A 1 67  ? -4.256  5.234   0.736   1.00 0.00 ? 92  ILE A CD1  1 
ATOM 896  H H    . ILE A 1 67  ? -6.890  1.119   -0.642  1.00 0.00 ? 92  ILE A H    1 
ATOM 897  H HA   . ILE A 1 67  ? -6.160  3.987   -0.664  1.00 0.00 ? 92  ILE A HA   1 
ATOM 898  H HB   . ILE A 1 67  ? -5.719  2.156   1.406   1.00 0.00 ? 92  ILE A HB   1 
ATOM 899  H HG12 . ILE A 1 67  ? -5.713  4.364   1.985   1.00 0.00 ? 92  ILE A HG12 1 
ATOM 900  H HG13 . ILE A 1 67  ? -4.079  3.821   2.315   1.00 0.00 ? 92  ILE A HG13 1 
ATOM 901  H HG21 . ILE A 1 67  ? -3.040  2.463   0.020   1.00 0.00 ? 92  ILE A HG21 1 
ATOM 902  H HG22 . ILE A 1 67  ? -3.368  1.738   1.596   1.00 0.00 ? 92  ILE A HG22 1 
ATOM 903  H HG23 . ILE A 1 67  ? -3.993  0.959   0.142   1.00 0.00 ? 92  ILE A HG23 1 
ATOM 904  H HD11 . ILE A 1 67  ? -3.993  6.006   1.460   1.00 0.00 ? 92  ILE A HD11 1 
ATOM 905  H HD12 . ILE A 1 67  ? -3.374  4.958   0.161   1.00 0.00 ? 92  ILE A HD12 1 
ATOM 906  H HD13 . ILE A 1 67  ? -5.029  5.647   0.092   1.00 0.00 ? 92  ILE A HD13 1 
ATOM 907  N N    . LEU A 1 68  ? -4.251  3.591   -2.311  1.00 0.00 ? 93  LEU A N    1 
ATOM 908  C CA   . LEU A 1 68  ? -3.336  3.445   -3.432  1.00 0.00 ? 93  LEU A CA   1 
ATOM 909  C C    . LEU A 1 68  ? -1.901  3.312   -2.919  1.00 0.00 ? 93  LEU A C    1 
ATOM 910  O O    . LEU A 1 68  ? -1.434  4.144   -2.138  1.00 0.00 ? 93  LEU A O    1 
ATOM 911  C CB   . LEU A 1 68  ? -3.485  4.664   -4.363  1.00 0.00 ? 93  LEU A CB   1 
ATOM 912  C CG   . LEU A 1 68  ? -4.055  4.309   -5.742  1.00 0.00 ? 93  LEU A CG   1 
ATOM 913  C CD1  . LEU A 1 68  ? -4.711  5.537   -6.383  1.00 0.00 ? 93  LEU A CD1  1 
ATOM 914  C CD2  . LEU A 1 68  ? -2.900  3.843   -6.637  1.00 0.00 ? 93  LEU A CD2  1 
ATOM 915  H H    . LEU A 1 68  ? -4.253  4.480   -1.833  1.00 0.00 ? 93  LEU A H    1 
ATOM 916  H HA   . LEU A 1 68  ? -3.600  2.524   -3.962  1.00 0.00 ? 93  LEU A HA   1 
ATOM 917  H HB2  . LEU A 1 68  ? -4.146  5.393   -3.892  1.00 0.00 ? 93  LEU A HB2  1 
ATOM 918  H HB3  . LEU A 1 68  ? -2.523  5.149   -4.504  1.00 0.00 ? 93  LEU A HB3  1 
ATOM 919  H HG   . LEU A 1 68  ? -4.807  3.524   -5.652  1.00 0.00 ? 93  LEU A HG   1 
ATOM 920  H HD11 . LEU A 1 68  ? -3.985  6.344   -6.484  1.00 0.00 ? 93  LEU A HD11 1 
ATOM 921  H HD12 . LEU A 1 68  ? -5.091  5.275   -7.372  1.00 0.00 ? 93  LEU A HD12 1 
ATOM 922  H HD13 . LEU A 1 68  ? -5.544  5.877   -5.767  1.00 0.00 ? 93  LEU A HD13 1 
ATOM 923  H HD21 . LEU A 1 68  ? -3.281  3.570   -7.622  1.00 0.00 ? 93  LEU A HD21 1 
ATOM 924  H HD22 . LEU A 1 68  ? -2.174  4.653   -6.744  1.00 0.00 ? 93  LEU A HD22 1 
ATOM 925  H HD23 . LEU A 1 68  ? -2.406  2.980   -6.192  1.00 0.00 ? 93  LEU A HD23 1 
ATOM 926  N N    . VAL A 1 69  ? -1.198  2.276   -3.377  1.00 0.00 ? 94  VAL A N    1 
ATOM 927  C CA   . VAL A 1 69  ? 0.181   1.986   -3.030  1.00 0.00 ? 94  VAL A CA   1 
ATOM 928  C C    . VAL A 1 69  ? 1.020   2.105   -4.301  1.00 0.00 ? 94  VAL A C    1 
ATOM 929  O O    . VAL A 1 69  ? 0.604   1.650   -5.367  1.00 0.00 ? 94  VAL A O    1 
ATOM 930  C CB   . VAL A 1 69  ? 0.269   0.571   -2.441  1.00 0.00 ? 94  VAL A CB   1 
ATOM 931  C CG1  . VAL A 1 69  ? 1.696   0.256   -1.976  1.00 0.00 ? 94  VAL A CG1  1 
ATOM 932  C CG2  . VAL A 1 69  ? -0.707  0.394   -1.270  1.00 0.00 ? 94  VAL A CG2  1 
ATOM 933  H H    . VAL A 1 69  ? -1.625  1.648   -4.051  1.00 0.00 ? 94  VAL A H    1 
ATOM 934  H HA   . VAL A 1 69  ? 0.545   2.699   -2.290  1.00 0.00 ? 94  VAL A HA   1 
ATOM 935  H HB   . VAL A 1 69  ? -0.002  -0.134  -3.223  1.00 0.00 ? 94  VAL A HB   1 
ATOM 936  H HG11 . VAL A 1 69  ? 2.373   0.228   -2.830  1.00 0.00 ? 94  VAL A HG11 1 
ATOM 937  H HG12 . VAL A 1 69  ? 2.038   1.013   -1.274  1.00 0.00 ? 94  VAL A HG12 1 
ATOM 938  H HG13 . VAL A 1 69  ? 1.720   -0.716  -1.485  1.00 0.00 ? 94  VAL A HG13 1 
ATOM 939  H HG21 . VAL A 1 69  ? -0.544  1.178   -0.531  1.00 0.00 ? 94  VAL A HG21 1 
ATOM 940  H HG22 . VAL A 1 69  ? -1.737  0.441   -1.621  1.00 0.00 ? 94  VAL A HG22 1 
ATOM 941  H HG23 . VAL A 1 69  ? -0.552  -0.579  -0.802  1.00 0.00 ? 94  VAL A HG23 1 
ATOM 942  N N    . THR A 1 70  ? 2.194   2.725   -4.182  1.00 0.00 ? 95  THR A N    1 
ATOM 943  C CA   . THR A 1 70  ? 3.151   2.917   -5.255  1.00 0.00 ? 95  THR A CA   1 
ATOM 944  C C    . THR A 1 70  ? 4.429   2.164   -4.887  1.00 0.00 ? 95  THR A C    1 
ATOM 945  O O    . THR A 1 70  ? 4.749   2.072   -3.701  1.00 0.00 ? 95  THR A O    1 
ATOM 946  C CB   . THR A 1 70  ? 3.404   4.425   -5.418  1.00 0.00 ? 95  THR A CB   1 
ATOM 947  O OG1  . THR A 1 70  ? 3.483   5.083   -4.162  1.00 0.00 ? 95  THR A OG1  1 
ATOM 948  C CG2  . THR A 1 70  ? 2.255   5.084   -6.185  1.00 0.00 ? 95  THR A CG2  1 
ATOM 949  H H    . THR A 1 70  ? 2.505   3.038   -3.265  1.00 0.00 ? 95  THR A H    1 
ATOM 950  H HA   . THR A 1 70  ? 2.759   2.498   -6.186  1.00 0.00 ? 95  THR A HA   1 
ATOM 951  H HB   . THR A 1 70  ? 4.332   4.582   -5.971  1.00 0.00 ? 95  THR A HB   1 
ATOM 952  H HG1  . THR A 1 70  ? 3.675   4.446   -3.462  1.00 0.00 ? 95  THR A HG1  1 
ATOM 953  H HG21 . THR A 1 70  ? 2.432   6.158   -6.250  1.00 0.00 ? 95  THR A HG21 1 
ATOM 954  H HG22 . THR A 1 70  ? 2.195   4.680   -7.194  1.00 0.00 ? 95  THR A HG22 1 
ATOM 955  H HG23 . THR A 1 70  ? 1.311   4.906   -5.668  1.00 0.00 ? 95  THR A HG23 1 
ATOM 956  N N    . TYR A 1 71  ? 5.131   1.606   -5.876  1.00 0.00 ? 96  TYR A N    1 
ATOM 957  C CA   . TYR A 1 71  ? 6.271   0.722   -5.684  1.00 0.00 ? 96  TYR A CA   1 
ATOM 958  C C    . TYR A 1 71  ? 7.261   0.982   -6.828  1.00 0.00 ? 96  TYR A C    1 
ATOM 959  O O    . TYR A 1 71  ? 6.864   0.990   -7.992  1.00 0.00 ? 96  TYR A O    1 
ATOM 960  C CB   . TYR A 1 71  ? 5.723   -0.715  -5.660  1.00 0.00 ? 96  TYR A CB   1 
ATOM 961  C CG   . TYR A 1 71  ? 6.659   -1.789  -5.149  1.00 0.00 ? 96  TYR A CG   1 
ATOM 962  C CD1  . TYR A 1 71  ? 7.747   -2.213  -5.931  1.00 0.00 ? 96  TYR A CD1  1 
ATOM 963  C CD2  . TYR A 1 71  ? 6.358   -2.468  -3.956  1.00 0.00 ? 96  TYR A CD2  1 
ATOM 964  C CE1  . TYR A 1 71  ? 8.553   -3.285  -5.508  1.00 0.00 ? 96  TYR A CE1  1 
ATOM 965  C CE2  . TYR A 1 71  ? 7.148   -3.554  -3.550  1.00 0.00 ? 96  TYR A CE2  1 
ATOM 966  C CZ   . TYR A 1 71  ? 8.277   -3.928  -4.295  1.00 0.00 ? 96  TYR A CZ   1 
ATOM 967  O OH   . TYR A 1 71  ? 9.128   -4.872  -3.805  1.00 0.00 ? 96  TYR A OH   1 
ATOM 968  H H    . TYR A 1 71  ? 4.789   1.650   -6.833  1.00 0.00 ? 96  TYR A H    1 
ATOM 969  H HA   . TYR A 1 71  ? 6.758   0.946   -4.736  1.00 0.00 ? 96  TYR A HA   1 
ATOM 970  H HB2  . TYR A 1 71  ? 4.835   -0.723  -5.027  1.00 0.00 ? 96  TYR A HB2  1 
ATOM 971  H HB3  . TYR A 1 71  ? 5.384   -0.992  -6.656  1.00 0.00 ? 96  TYR A HB3  1 
ATOM 972  H HD1  . TYR A 1 71  ? 7.958   -1.714  -6.858  1.00 0.00 ? 96  TYR A HD1  1 
ATOM 973  H HD2  . TYR A 1 71  ? 5.518   -2.164  -3.348  1.00 0.00 ? 96  TYR A HD2  1 
ATOM 974  H HE1  . TYR A 1 71  ? 9.403   -3.593  -6.097  1.00 0.00 ? 96  TYR A HE1  1 
ATOM 975  H HE2  . TYR A 1 71  ? 6.939   -4.043  -2.618  1.00 0.00 ? 96  TYR A HE2  1 
ATOM 976  H HH   . TYR A 1 71  ? 9.135   -4.880  -2.839  1.00 0.00 ? 96  TYR A HH   1 
ATOM 977  N N    . ASP A 1 72  ? 8.531   1.250   -6.523  1.00 0.00 ? 97  ASP A N    1 
ATOM 978  C CA   . ASP A 1 72  ? 9.530   1.738   -7.468  1.00 0.00 ? 97  ASP A CA   1 
ATOM 979  C C    . ASP A 1 72  ? 10.701  0.762   -7.640  1.00 0.00 ? 97  ASP A C    1 
ATOM 980  O O    . ASP A 1 72  ? 11.864  1.161   -7.637  1.00 0.00 ? 97  ASP A O    1 
ATOM 981  C CB   . ASP A 1 72  ? 9.990   3.136   -7.015  1.00 0.00 ? 97  ASP A CB   1 
ATOM 982  C CG   . ASP A 1 72  ? 10.599  3.154   -5.613  1.00 0.00 ? 97  ASP A CG   1 
ATOM 983  O OD1  . ASP A 1 72  ? 10.126  2.357   -4.770  1.00 0.00 ? 97  ASP A OD1  1 
ATOM 984  O OD2  . ASP A 1 72  ? 11.481  4.011   -5.393  1.00 0.00 ? 97  ASP A OD2  1 
ATOM 985  H H    . ASP A 1 72  ? 8.836   1.333   -5.549  1.00 0.00 ? 97  ASP A H    1 
ATOM 986  H HA   . ASP A 1 72  ? 9.079   1.846   -8.453  1.00 0.00 ? 97  ASP A HA   1 
ATOM 987  H HB2  . ASP A 1 72  ? 10.734  3.514   -7.718  1.00 0.00 ? 97  ASP A HB2  1 
ATOM 988  H HB3  . ASP A 1 72  ? 9.137   3.815   -7.017  1.00 0.00 ? 97  ASP A HB3  1 
ATOM 989  N N    . ASP A 1 73  ? 10.374  -0.516  -7.852  1.00 0.00 ? 98  ASP A N    1 
ATOM 990  C CA   . ASP A 1 73  ? 11.279  -1.588  -8.252  1.00 0.00 ? 98  ASP A CA   1 
ATOM 991  C C    . ASP A 1 73  ? 10.388  -2.718  -8.777  1.00 0.00 ? 98  ASP A C    1 
ATOM 992  O O    . ASP A 1 73  ? 9.165   -2.574  -8.790  1.00 0.00 ? 98  ASP A O    1 
ATOM 993  C CB   . ASP A 1 73  ? 12.161  -2.028  -7.066  1.00 0.00 ? 98  ASP A CB   1 
ATOM 994  C CG   . ASP A 1 73  ? 13.346  -2.909  -7.457  1.00 0.00 ? 98  ASP A CG   1 
ATOM 995  O OD1  . ASP A 1 73  ? 13.457  -3.245  -8.658  1.00 0.00 ? 98  ASP A OD1  1 
ATOM 996  O OD2  . ASP A 1 73  ? 14.123  -3.247  -6.540  1.00 0.00 ? 98  ASP A OD2  1 
ATOM 997  H H    . ASP A 1 73  ? 9.393   -0.752  -7.913  1.00 0.00 ? 98  ASP A H    1 
ATOM 998  H HA   . ASP A 1 73  ? 11.907  -1.237  -9.072  1.00 0.00 ? 98  ASP A HA   1 
ATOM 999  H HB2  . ASP A 1 73  ? 12.583  -1.145  -6.588  1.00 0.00 ? 98  ASP A HB2  1 
ATOM 1000 H HB3  . ASP A 1 73  ? 11.559  -2.559  -6.331  1.00 0.00 ? 98  ASP A HB3  1 
ATOM 1001 N N    . LEU A 1 74  ? 10.953  -3.840  -9.208  1.00 0.00 ? 99  LEU A N    1 
ATOM 1002 C CA   . LEU A 1 74  ? 10.174  -5.010  -9.571  1.00 0.00 ? 99  LEU A CA   1 
ATOM 1003 C C    . LEU A 1 74  ? 9.611   -5.679  -8.312  1.00 0.00 ? 99  LEU A C    1 
ATOM 1004 O O    . LEU A 1 74  ? 10.352  -6.078  -7.418  1.00 0.00 ? 99  LEU A O    1 
ATOM 1005 C CB   . LEU A 1 74  ? 11.002  -5.999  -10.397 1.00 0.00 ? 99  LEU A CB   1 
ATOM 1006 C CG   . LEU A 1 74  ? 11.343  -5.461  -11.799 1.00 0.00 ? 99  LEU A CG   1 
ATOM 1007 C CD1  . LEU A 1 74  ? 12.722  -4.791  -11.835 1.00 0.00 ? 99  LEU A CD1  1 
ATOM 1008 C CD2  . LEU A 1 74  ? 11.313  -6.602  -12.823 1.00 0.00 ? 99  LEU A CD2  1 
ATOM 1009 H H    . LEU A 1 74  ? 11.972  -3.888  -9.169  1.00 0.00 ? 99  LEU A H    1 
ATOM 1010 H HA   . LEU A 1 74  ? 9.337   -4.689  -10.194 1.00 0.00 ? 99  LEU A HA   1 
ATOM 1011 H HB2  . LEU A 1 74  ? 11.905  -6.281  -9.854  1.00 0.00 ? 99  LEU A HB2  1 
ATOM 1012 H HB3  . LEU A 1 74  ? 10.388  -6.890  -10.510 1.00 0.00 ? 99  LEU A HB3  1 
ATOM 1013 H HG   . LEU A 1 74  ? 10.591  -4.733  -12.100 1.00 0.00 ? 99  LEU A HG   1 
ATOM 1014 H HD11 . LEU A 1 74  ? 13.492  -5.499  -11.527 1.00 0.00 ? 99  LEU A HD11 1 
ATOM 1015 H HD12 . LEU A 1 74  ? 12.939  -4.450  -12.847 1.00 0.00 ? 99  LEU A HD12 1 
ATOM 1016 H HD13 . LEU A 1 74  ? 12.744  -3.927  -11.172 1.00 0.00 ? 99  LEU A HD13 1 
ATOM 1017 H HD21 . LEU A 1 74  ? 11.555  -6.213  -13.813 1.00 0.00 ? 99  LEU A HD21 1 
ATOM 1018 H HD22 . LEU A 1 74  ? 12.037  -7.371  -12.551 1.00 0.00 ? 99  LEU A HD22 1 
ATOM 1019 H HD23 . LEU A 1 74  ? 10.316  -7.042  -12.858 1.00 0.00 ? 99  LEU A HD23 1 
ATOM 1020 N N    . LEU A 1 75  ? 8.285   -5.825  -8.264  1.00 0.00 ? 100 LEU A N    1 
ATOM 1021 C CA   . LEU A 1 75  ? 7.581   -6.618  -7.260  1.00 0.00 ? 100 LEU A CA   1 
ATOM 1022 C C    . LEU A 1 75  ? 8.050   -8.083  -7.325  1.00 0.00 ? 100 LEU A C    1 
ATOM 1023 O O    . LEU A 1 75  ? 8.540   -8.499  -8.373  1.00 0.00 ? 100 LEU A O    1 
ATOM 1024 C CB   . LEU A 1 75  ? 6.076   -6.532  -7.573  1.00 0.00 ? 100 LEU A CB   1 
ATOM 1025 C CG   . LEU A 1 75  ? 5.501   -5.158  -7.202  1.00 0.00 ? 100 LEU A CG   1 
ATOM 1026 C CD1  . LEU A 1 75  ? 4.288   -4.826  -8.073  1.00 0.00 ? 100 LEU A CD1  1 
ATOM 1027 C CD2  . LEU A 1 75  ? 5.097   -5.131  -5.728  1.00 0.00 ? 100 LEU A CD2  1 
ATOM 1028 H H    . LEU A 1 75  ? 7.750   -5.453  -9.031  1.00 0.00 ? 100 LEU A H    1 
ATOM 1029 H HA   . LEU A 1 75  ? 7.811   -6.194  -6.278  1.00 0.00 ? 100 LEU A HA   1 
ATOM 1030 H HB2  . LEU A 1 75  ? 5.943   -6.710  -8.641  1.00 0.00 ? 100 LEU A HB2  1 
ATOM 1031 H HB3  . LEU A 1 75  ? 5.520   -7.308  -7.047  1.00 0.00 ? 100 LEU A HB3  1 
ATOM 1032 H HG   . LEU A 1 75  ? 6.253   -4.386  -7.366  1.00 0.00 ? 100 LEU A HG   1 
ATOM 1033 H HD11 . LEU A 1 75  ? 4.589   -4.761  -9.117  1.00 0.00 ? 100 LEU A HD11 1 
ATOM 1034 H HD12 . LEU A 1 75  ? 3.533   -5.598  -7.979  1.00 0.00 ? 100 LEU A HD12 1 
ATOM 1035 H HD13 . LEU A 1 75  ? 3.859   -3.875  -7.758  1.00 0.00 ? 100 LEU A HD13 1 
ATOM 1036 H HD21 . LEU A 1 75  ? 4.760   -4.129  -5.470  1.00 0.00 ? 100 LEU A HD21 1 
ATOM 1037 H HD22 . LEU A 1 75  ? 4.291   -5.836  -5.531  1.00 0.00 ? 100 LEU A HD22 1 
ATOM 1038 H HD23 . LEU A 1 75  ? 5.953   -5.391  -5.112  1.00 0.00 ? 100 LEU A HD23 1 
ATOM 1039 N N    . PRO A 1 76  ? 7.882   -8.873  -6.245  1.00 0.00 ? 101 PRO A N    1 
ATOM 1040 C CA   . PRO A 1 76  ? 8.336   -10.259 -6.174  1.00 0.00 ? 101 PRO A CA   1 
ATOM 1041 C C    . PRO A 1 76  ? 7.600   -11.149 -7.188  1.00 0.00 ? 101 PRO A C    1 
ATOM 1042 O O    . PRO A 1 76  ? 8.018   -11.251 -8.339  1.00 0.00 ? 101 PRO A O    1 
ATOM 1043 C CB   . PRO A 1 76  ? 8.138   -10.675 -4.708  1.00 0.00 ? 101 PRO A CB   1 
ATOM 1044 C CG   . PRO A 1 76  ? 7.016   -9.757  -4.214  1.00 0.00 ? 101 PRO A CG   1 
ATOM 1045 C CD   . PRO A 1 76  ? 7.310   -8.462  -4.970  1.00 0.00 ? 101 PRO A CD   1 
ATOM 1046 H HA   . PRO A 1 76  ? 9.401   -10.305 -6.406  1.00 0.00 ? 101 PRO A HA   1 
ATOM 1047 H HB2  . PRO A 1 76  ? 7.916   -11.734 -4.571  1.00 0.00 ? 101 PRO A HB2  1 
ATOM 1048 H HB3  . PRO A 1 76  ? 9.045   -10.432 -4.153  1.00 0.00 ? 101 PRO A HB3  1 
ATOM 1049 H HG2  . PRO A 1 76  ? 6.036   -10.138 -4.509  1.00 0.00 ? 101 PRO A HG2  1 
ATOM 1050 H HG3  . PRO A 1 76  ? 7.037   -9.624  -3.132  1.00 0.00 ? 101 PRO A HG3  1 
ATOM 1051 H HD2  . PRO A 1 76  ? 6.393   -7.886  -5.077  1.00 0.00 ? 101 PRO A HD2  1 
ATOM 1052 H HD3  . PRO A 1 76  ? 8.051   -7.878  -4.421  1.00 0.00 ? 101 PRO A HD3  1 
ATOM 1053 N N    . ASP A 1 77  ? 6.493   -11.793 -6.805  1.00 0.00 ? 102 ASP A N    1 
ATOM 1054 C CA   . ASP A 1 77  ? 5.739   -12.702 -7.668  1.00 0.00 ? 102 ASP A CA   1 
ATOM 1055 C C    . ASP A 1 77  ? 4.880   -11.902 -8.653  1.00 0.00 ? 102 ASP A C    1 
ATOM 1056 O O    . ASP A 1 77  ? 3.699   -12.186 -8.813  1.00 0.00 ? 102 ASP A O    1 
ATOM 1057 C CB   . ASP A 1 77  ? 4.830   -13.576 -6.785  1.00 0.00 ? 102 ASP A CB   1 
ATOM 1058 C CG   . ASP A 1 77  ? 5.569   -14.205 -5.616  1.00 0.00 ? 102 ASP A CG   1 
ATOM 1059 O OD1  . ASP A 1 77  ? 5.931   -13.412 -4.716  1.00 0.00 ? 102 ASP A OD1  1 
ATOM 1060 O OD2  . ASP A 1 77  ? 5.756   -15.439 -5.653  1.00 0.00 ? 102 ASP A OD2  1 
ATOM 1061 H H    . ASP A 1 77  ? 6.274   -11.868 -5.813  1.00 0.00 ? 102 ASP A H    1 
ATOM 1062 H HA   . ASP A 1 77  ? 6.426   -13.347 -8.217  1.00 0.00 ? 102 ASP A HA   1 
ATOM 1063 H HB2  . ASP A 1 77  ? 4.025   -12.973 -6.367  1.00 0.00 ? 102 ASP A HB2  1 
ATOM 1064 H HB3  . ASP A 1 77  ? 4.396   -14.367 -7.396  1.00 0.00 ? 102 ASP A HB3  1 
ATOM 1065 N N    . LEU A 1 78  ? 5.435   -10.843 -9.247  1.00 0.00 ? 103 LEU A N    1 
ATOM 1066 C CA   . LEU A 1 78  ? 4.742   -9.812  -10.009 1.00 0.00 ? 103 LEU A CA   1 
ATOM 1067 C C    . LEU A 1 78  ? 3.530   -9.211  -9.281  1.00 0.00 ? 103 LEU A C    1 
ATOM 1068 O O    . LEU A 1 78  ? 2.754   -8.502  -9.914  1.00 0.00 ? 103 LEU A O    1 
ATOM 1069 C CB   . LEU A 1 78  ? 4.430   -10.277 -11.444 1.00 0.00 ? 103 LEU A CB   1 
ATOM 1070 C CG   . LEU A 1 78  ? 3.111   -11.060 -11.622 1.00 0.00 ? 103 LEU A CG   1 
ATOM 1071 C CD1  . LEU A 1 78  ? 2.198   -10.321 -12.602 1.00 0.00 ? 103 LEU A CD1  1 
ATOM 1072 C CD2  . LEU A 1 78  ? 3.372   -12.478 -12.139 1.00 0.00 ? 103 LEU A CD2  1 
ATOM 1073 H H    . LEU A 1 78  ? 6.436   -10.733 -9.143  1.00 0.00 ? 103 LEU A H    1 
ATOM 1074 H HA   . LEU A 1 78  ? 5.466   -9.000  -10.102 1.00 0.00 ? 103 LEU A HA   1 
ATOM 1075 H HB2  . LEU A 1 78  ? 4.380   -9.378  -12.058 1.00 0.00 ? 103 LEU A HB2  1 
ATOM 1076 H HB3  . LEU A 1 78  ? 5.269   -10.868 -11.815 1.00 0.00 ? 103 LEU A HB3  1 
ATOM 1077 H HG   . LEU A 1 78  ? 2.560   -11.141 -10.687 1.00 0.00 ? 103 LEU A HG   1 
ATOM 1078 H HD11 . LEU A 1 78  ? 2.681   -10.246 -13.576 1.00 0.00 ? 103 LEU A HD11 1 
ATOM 1079 H HD12 . LEU A 1 78  ? 1.254   -10.856 -12.701 1.00 0.00 ? 103 LEU A HD12 1 
ATOM 1080 H HD13 . LEU A 1 78  ? 1.993   -9.320  -12.224 1.00 0.00 ? 103 LEU A HD13 1 
ATOM 1081 H HD21 . LEU A 1 78  ? 2.425   -13.011 -12.237 1.00 0.00 ? 103 LEU A HD21 1 
ATOM 1082 H HD22 . LEU A 1 78  ? 3.862   -12.440 -13.112 1.00 0.00 ? 103 LEU A HD22 1 
ATOM 1083 H HD23 . LEU A 1 78  ? 4.007   -13.018 -11.436 1.00 0.00 ? 103 LEU A HD23 1 
ATOM 1084 N N    . PHE A 1 79  ? 3.375   -9.464  -7.971  1.00 0.00 ? 104 PHE A N    1 
ATOM 1085 C CA   . PHE A 1 79  ? 2.172   -9.159  -7.205  1.00 0.00 ? 104 PHE A CA   1 
ATOM 1086 C C    . PHE A 1 79  ? 0.974   -9.902  -7.808  1.00 0.00 ? 104 PHE A C    1 
ATOM 1087 O O    . PHE A 1 79  ? 0.173   -9.335  -8.541  1.00 0.00 ? 104 PHE A O    1 
ATOM 1088 C CB   . PHE A 1 79  ? 1.992   -7.642  -7.097  1.00 0.00 ? 104 PHE A CB   1 
ATOM 1089 C CG   . PHE A 1 79  ? 0.782   -7.134  -6.344  1.00 0.00 ? 104 PHE A CG   1 
ATOM 1090 C CD1  . PHE A 1 79  ? 0.885   -6.797  -4.983  1.00 0.00 ? 104 PHE A CD1  1 
ATOM 1091 C CD2  . PHE A 1 79  ? -0.350  -6.729  -7.075  1.00 0.00 ? 104 PHE A CD2  1 
ATOM 1092 C CE1  . PHE A 1 79  ? -0.128  -6.040  -4.373  1.00 0.00 ? 104 PHE A CE1  1 
ATOM 1093 C CE2  . PHE A 1 79  ? -1.338  -5.938  -6.477  1.00 0.00 ? 104 PHE A CE2  1 
ATOM 1094 C CZ   . PHE A 1 79  ? -1.237  -5.609  -5.118  1.00 0.00 ? 104 PHE A CZ   1 
ATOM 1095 H H    . PHE A 1 79  ? 4.066   -10.039 -7.518  1.00 0.00 ? 104 PHE A H    1 
ATOM 1096 H HA   . PHE A 1 79  ? 2.317   -9.534  -6.190  1.00 0.00 ? 104 PHE A HA   1 
ATOM 1097 H HB2  . PHE A 1 79  ? 2.882   -7.248  -6.615  1.00 0.00 ? 104 PHE A HB2  1 
ATOM 1098 H HB3  . PHE A 1 79  ? 1.934   -7.224  -8.096  1.00 0.00 ? 104 PHE A HB3  1 
ATOM 1099 H HD1  . PHE A 1 79  ? 1.766   -7.063  -4.418  1.00 0.00 ? 104 PHE A HD1  1 
ATOM 1100 H HD2  . PHE A 1 79  ? -0.439  -6.984  -8.121  1.00 0.00 ? 104 PHE A HD2  1 
ATOM 1101 H HE1  . PHE A 1 79  ? -0.024  -5.714  -3.355  1.00 0.00 ? 104 PHE A HE1  1 
ATOM 1102 H HE2  . PHE A 1 79  ? -2.188  -5.612  -7.056  1.00 0.00 ? 104 PHE A HE2  1 
ATOM 1103 H HZ   . PHE A 1 79  ? -1.994  -4.998  -4.653  1.00 0.00 ? 104 PHE A HZ   1 
ATOM 1104 N N    . ARG A 1 80  ? 0.863   -11.195 -7.486  1.00 0.00 ? 105 ARG A N    1 
ATOM 1105 C CA   . ARG A 1 80  ? -0.295  -12.011 -7.828  1.00 0.00 ? 105 ARG A CA   1 
ATOM 1106 C C    . ARG A 1 80  ? -1.546  -11.362 -7.231  1.00 0.00 ? 105 ARG A C    1 
ATOM 1107 O O    . ARG A 1 80  ? -1.647  -11.233 -6.012  1.00 0.00 ? 105 ARG A O    1 
ATOM 1108 C CB   . ARG A 1 80  ? -0.108  -13.430 -7.266  1.00 0.00 ? 105 ARG A CB   1 
ATOM 1109 C CG   . ARG A 1 80  ? 1.056   -14.161 -7.946  1.00 0.00 ? 105 ARG A CG   1 
ATOM 1110 C CD   . ARG A 1 80  ? 1.493   -15.416 -7.177  1.00 0.00 ? 105 ARG A CD   1 
ATOM 1111 N NE   . ARG A 1 80  ? 0.437   -16.438 -7.097  1.00 0.00 ? 105 ARG A NE   1 
ATOM 1112 C CZ   . ARG A 1 80  ? 0.115   -17.291 -8.081  1.00 0.00 ? 105 ARG A CZ   1 
ATOM 1113 N NH1  . ARG A 1 80  ? 0.702   -17.178 -9.278  1.00 0.00 ? 105 ARG A NH1  1 
ATOM 1114 N NH2  . ARG A 1 80  ? -0.788  -18.254 -7.865  1.00 0.00 ? 105 ARG A NH2  1 
ATOM 1115 H H    . ARG A 1 80  ? 1.579   -11.607 -6.909  1.00 0.00 ? 105 ARG A H    1 
ATOM 1116 H HA   . ARG A 1 80  ? -0.391  -12.064 -8.914  1.00 0.00 ? 105 ARG A HA   1 
ATOM 1117 H HB2  . ARG A 1 80  ? 0.085   -13.354 -6.195  1.00 0.00 ? 105 ARG A HB2  1 
ATOM 1118 H HB3  . ARG A 1 80  ? -1.028  -13.998 -7.416  1.00 0.00 ? 105 ARG A HB3  1 
ATOM 1119 H HG2  . ARG A 1 80  ? 0.785   -14.390 -8.977  1.00 0.00 ? 105 ARG A HG2  1 
ATOM 1120 H HG3  . ARG A 1 80  ? 1.917   -13.502 -7.965  1.00 0.00 ? 105 ARG A HG3  1 
ATOM 1121 H HD2  . ARG A 1 80  ? 2.397   -15.830 -7.628  1.00 0.00 ? 105 ARG A HD2  1 
ATOM 1122 H HD3  . ARG A 1 80  ? 1.768   -15.119 -6.162  1.00 0.00 ? 105 ARG A HD3  1 
ATOM 1123 H HE   . ARG A 1 80  ? -0.012  -16.534 -6.196  1.00 0.00 ? 105 ARG A HE   1 
ATOM 1124 H HH11 . ARG A 1 80  ? 1.372   -16.435 -9.417  1.00 0.00 ? 105 ARG A HH11 1 
ATOM 1125 H HH12 . ARG A 1 80  ? 0.493   -17.798 -10.045 1.00 0.00 ? 105 ARG A HH12 1 
ATOM 1126 H HH21 . ARG A 1 80  ? -1.218  -18.354 -6.956  1.00 0.00 ? 105 ARG A HH21 1 
ATOM 1127 H HH22 . ARG A 1 80  ? -1.043  -18.907 -8.589  1.00 0.00 ? 105 ARG A HH22 1 
ATOM 1128 N N    . GLU A 1 81  ? -2.481  -10.931 -8.075  1.00 0.00 ? 106 GLU A N    1 
ATOM 1129 C CA   . GLU A 1 81  ? -3.654  -10.193 -7.655  1.00 0.00 ? 106 GLU A CA   1 
ATOM 1130 C C    . GLU A 1 81  ? -4.693  -11.114 -7.002  1.00 0.00 ? 106 GLU A C    1 
ATOM 1131 O O    . GLU A 1 81  ? -4.580  -12.339 -7.051  1.00 0.00 ? 106 GLU A O    1 
ATOM 1132 C CB   . GLU A 1 81  ? -4.237  -9.431  -8.855  1.00 0.00 ? 106 GLU A CB   1 
ATOM 1133 C CG   . GLU A 1 81  ? -3.190  -8.595  -9.618  1.00 0.00 ? 106 GLU A CG   1 
ATOM 1134 C CD   . GLU A 1 81  ? -2.532  -9.321  -10.794 1.00 0.00 ? 106 GLU A CD   1 
ATOM 1135 O OE1  . GLU A 1 81  ? -2.413  -10.566 -10.716 1.00 0.00 ? 106 GLU A OE1  1 
ATOM 1136 O OE2  . GLU A 1 81  ? -2.164  -8.615  -11.757 1.00 0.00 ? 106 GLU A OE2  1 
ATOM 1137 H H    . GLU A 1 81  ? -2.327  -11.001 -9.081  1.00 0.00 ? 106 GLU A H    1 
ATOM 1138 H HA   . GLU A 1 81  ? -3.333  -9.465  -6.913  1.00 0.00 ? 106 GLU A HA   1 
ATOM 1139 H HB2  . GLU A 1 81  ? -4.721  -10.122 -9.548  1.00 0.00 ? 106 GLU A HB2  1 
ATOM 1140 H HB3  . GLU A 1 81  ? -4.990  -8.742  -8.476  1.00 0.00 ? 106 GLU A HB3  1 
ATOM 1141 H HG2  . GLU A 1 81  ? -3.701  -7.727  -10.034 1.00 0.00 ? 106 GLU A HG2  1 
ATOM 1142 H HG3  . GLU A 1 81  ? -2.418  -8.244  -8.936  1.00 0.00 ? 106 GLU A HG3  1 
ATOM 1143 N N    . GLY A 1 82  ? -5.728  -10.517 -6.402  1.00 0.00 ? 107 GLY A N    1 
ATOM 1144 C CA   . GLY A 1 82  ? -6.859  -11.254 -5.853  1.00 0.00 ? 107 GLY A CA   1 
ATOM 1145 C C    . GLY A 1 82  ? -6.455  -12.146 -4.679  1.00 0.00 ? 107 GLY A C    1 
ATOM 1146 O O    . GLY A 1 82  ? -6.856  -13.306 -4.608  1.00 0.00 ? 107 GLY A O    1 
ATOM 1147 H H    . GLY A 1 82  ? -5.762  -9.509  -6.371  1.00 0.00 ? 107 GLY A H    1 
ATOM 1148 H HA2  . GLY A 1 82  ? -7.604  -10.539 -5.505  1.00 0.00 ? 107 GLY A HA2  1 
ATOM 1149 H HA3  . GLY A 1 82  ? -7.305  -11.867 -6.636  1.00 0.00 ? 107 GLY A HA3  1 
ATOM 1150 N N    . GLN A 1 83  ? -5.690  -11.589 -3.740  1.00 0.00 ? 108 GLN A N    1 
ATOM 1151 C CA   . GLN A 1 83  ? -5.307  -12.211 -2.485  1.00 0.00 ? 108 GLN A CA   1 
ATOM 1152 C C    . GLN A 1 83  ? -5.095  -11.084 -1.477  1.00 0.00 ? 108 GLN A C    1 
ATOM 1153 O O    . GLN A 1 83  ? -5.230  -9.912  -1.831  1.00 0.00 ? 108 GLN A O    1 
ATOM 1154 C CB   . GLN A 1 83  ? -4.026  -13.033 -2.687  1.00 0.00 ? 108 GLN A CB   1 
ATOM 1155 C CG   . GLN A 1 83  ? -2.851  -12.153 -3.146  1.00 0.00 ? 108 GLN A CG   1 
ATOM 1156 C CD   . GLN A 1 83  ? -1.585  -12.961 -3.398  1.00 0.00 ? 108 GLN A CD   1 
ATOM 1157 O OE1  . GLN A 1 83  ? -0.522  -12.657 -2.867  1.00 0.00 ? 108 GLN A OE1  1 
ATOM 1158 N NE2  . GLN A 1 83  ? -1.686  -14.005 -4.213  1.00 0.00 ? 108 GLN A NE2  1 
ATOM 1159 H H    . GLN A 1 83  ? -5.402  -10.626 -3.833  1.00 0.00 ? 108 GLN A H    1 
ATOM 1160 H HA   . GLN A 1 83  ? -6.107  -12.861 -2.128  1.00 0.00 ? 108 GLN A HA   1 
ATOM 1161 H HB2  . GLN A 1 83  ? -3.751  -13.531 -1.755  1.00 0.00 ? 108 GLN A HB2  1 
ATOM 1162 H HB3  . GLN A 1 83  ? -4.231  -13.800 -3.434  1.00 0.00 ? 108 GLN A HB3  1 
ATOM 1163 H HG2  . GLN A 1 83  ? -3.117  -11.630 -4.063  1.00 0.00 ? 108 GLN A HG2  1 
ATOM 1164 H HG3  . GLN A 1 83  ? -2.624  -11.413 -2.381  1.00 0.00 ? 108 GLN A HG3  1 
ATOM 1165 H HE21 . GLN A 1 83  ? -2.561  -14.208 -4.669  1.00 0.00 ? 108 GLN A HE21 1 
ATOM 1166 H HE22 . GLN A 1 83  ? -0.874  -14.583 -4.329  1.00 0.00 ? 108 GLN A HE22 1 
ATOM 1167 N N    . GLY A 1 84  ? -4.731  -11.426 -0.244  1.00 0.00 ? 109 GLY A N    1 
ATOM 1168 C CA   . GLY A 1 84  ? -4.275  -10.446 0.724   1.00 0.00 ? 109 GLY A CA   1 
ATOM 1169 C C    . GLY A 1 84  ? -2.760  -10.346 0.654   1.00 0.00 ? 109 GLY A C    1 
ATOM 1170 O O    . GLY A 1 84  ? -2.100  -11.330 0.337   1.00 0.00 ? 109 GLY A O    1 
ATOM 1171 H H    . GLY A 1 84  ? -4.568  -12.399 -0.029  1.00 0.00 ? 109 GLY A H    1 
ATOM 1172 H HA2  . GLY A 1 84  ? -4.678  -9.470  0.509   1.00 0.00 ? 109 GLY A HA2  1 
ATOM 1173 H HA3  . GLY A 1 84  ? -4.599  -10.729 1.719   1.00 0.00 ? 109 GLY A HA3  1 
ATOM 1174 N N    . ILE A 1 85  ? -2.201  -9.171  0.943   1.00 0.00 ? 110 ILE A N    1 
ATOM 1175 C CA   . ILE A 1 85  ? -0.763  -9.012  1.117   1.00 0.00 ? 110 ILE A CA   1 
ATOM 1176 C C    . ILE A 1 85  ? -0.531  -7.968  2.205   1.00 0.00 ? 110 ILE A C    1 
ATOM 1177 O O    . ILE A 1 85  ? -1.458  -7.246  2.585   1.00 0.00 ? 110 ILE A O    1 
ATOM 1178 C CB   . ILE A 1 85  ? -0.039  -8.653  -0.196  1.00 0.00 ? 110 ILE A CB   1 
ATOM 1179 C CG1  . ILE A 1 85  ? -0.445  -7.280  -0.750  1.00 0.00 ? 110 ILE A CG1  1 
ATOM 1180 C CG2  . ILE A 1 85  ? -0.193  -9.715  -1.292  1.00 0.00 ? 110 ILE A CG2  1 
ATOM 1181 C CD1  . ILE A 1 85  ? 0.798   -6.405  -0.895  1.00 0.00 ? 110 ILE A CD1  1 
ATOM 1182 H H    . ILE A 1 85  ? -2.795  -8.388  1.218   1.00 0.00 ? 110 ILE A H    1 
ATOM 1183 H HA   . ILE A 1 85  ? -0.320  -9.942  1.474   1.00 0.00 ? 110 ILE A HA   1 
ATOM 1184 H HB   . ILE A 1 85  ? 1.027   -8.634  0.041   1.00 0.00 ? 110 ILE A HB   1 
ATOM 1185 H HG12 . ILE A 1 85  ? -0.909  -7.389  -1.729  1.00 0.00 ? 110 ILE A HG12 1 
ATOM 1186 H HG13 . ILE A 1 85  ? -1.157  -6.779  -0.095  1.00 0.00 ? 110 ILE A HG13 1 
ATOM 1187 H HG21 . ILE A 1 85  ? -1.219  -9.742  -1.651  1.00 0.00 ? 110 ILE A HG21 1 
ATOM 1188 H HG22 . ILE A 1 85  ? 0.462   -9.474  -2.130  1.00 0.00 ? 110 ILE A HG22 1 
ATOM 1189 H HG23 . ILE A 1 85  ? 0.085   -10.696 -0.907  1.00 0.00 ? 110 ILE A HG23 1 
ATOM 1190 H HD11 . ILE A 1 85  ? 0.490   -5.411  -1.215  1.00 0.00 ? 110 ILE A HD11 1 
ATOM 1191 H HD12 . ILE A 1 85  ? 1.305   -6.329  0.065   1.00 0.00 ? 110 ILE A HD12 1 
ATOM 1192 H HD13 . ILE A 1 85  ? 1.480   -6.843  -1.629  1.00 0.00 ? 110 ILE A HD13 1 
ATOM 1193 N N    . VAL A 1 86  ? 0.707   -7.892  2.699   1.00 0.00 ? 111 VAL A N    1 
ATOM 1194 C CA   . VAL A 1 86  ? 1.148   -6.832  3.586   1.00 0.00 ? 111 VAL A CA   1 
ATOM 1195 C C    . VAL A 1 86  ? 2.296   -6.099  2.897   1.00 0.00 ? 111 VAL A C    1 
ATOM 1196 O O    . VAL A 1 86  ? 3.176   -6.742  2.321   1.00 0.00 ? 111 VAL A O    1 
ATOM 1197 C CB   . VAL A 1 86  ? 1.507   -7.385  4.975   1.00 0.00 ? 111 VAL A CB   1 
ATOM 1198 C CG1  . VAL A 1 86  ? 0.255   -7.926  5.674   1.00 0.00 ? 111 VAL A CG1  1 
ATOM 1199 C CG2  . VAL A 1 86  ? 2.556   -8.499  4.921   1.00 0.00 ? 111 VAL A CG2  1 
ATOM 1200 H H    . VAL A 1 86  ? 1.432   -8.500  2.331   1.00 0.00 ? 111 VAL A H    1 
ATOM 1201 H HA   . VAL A 1 86  ? 0.346   -6.111  3.720   1.00 0.00 ? 111 VAL A HA   1 
ATOM 1202 H HB   . VAL A 1 86  ? 1.906   -6.559  5.565   1.00 0.00 ? 111 VAL A HB   1 
ATOM 1203 H HG11 . VAL A 1 86  ? -0.511  -7.155  5.711   1.00 0.00 ? 111 VAL A HG11 1 
ATOM 1204 H HG12 . VAL A 1 86  ? -0.139  -8.791  5.140   1.00 0.00 ? 111 VAL A HG12 1 
ATOM 1205 H HG13 . VAL A 1 86  ? 0.499   -8.218  6.695   1.00 0.00 ? 111 VAL A HG13 1 
ATOM 1206 H HG21 . VAL A 1 86  ? 3.472   -8.105  4.486   1.00 0.00 ? 111 VAL A HG21 1 
ATOM 1207 H HG22 . VAL A 1 86  ? 2.771   -8.867  5.922   1.00 0.00 ? 111 VAL A HG22 1 
ATOM 1208 H HG23 . VAL A 1 86  ? 2.192   -9.332  4.325   1.00 0.00 ? 111 VAL A HG23 1 
ATOM 1209 N N    . ALA A 1 87  ? 2.239   -4.766  2.901   1.00 0.00 ? 112 ALA A N    1 
ATOM 1210 C CA   . ALA A 1 87  ? 3.118   -3.893  2.138   1.00 0.00 ? 112 ALA A CA   1 
ATOM 1211 C C    . ALA A 1 87  ? 3.689   -2.813  3.043   1.00 0.00 ? 112 ALA A C    1 
ATOM 1212 O O    . ALA A 1 87  ? 2.932   -2.020  3.600   1.00 0.00 ? 112 ALA A O    1 
ATOM 1213 C CB   . ALA A 1 87  ? 2.345   -3.274  0.975   1.00 0.00 ? 112 ALA A CB   1 
ATOM 1214 H H    . ALA A 1 87  ? 1.488   -4.324  3.427   1.00 0.00 ? 112 ALA A H    1 
ATOM 1215 H HA   . ALA A 1 87  ? 3.945   -4.455  1.720   1.00 0.00 ? 112 ALA A HA   1 
ATOM 1216 H HB1  . ALA A 1 87  ? 1.550   -2.639  1.350   1.00 0.00 ? 112 ALA A HB1  1 
ATOM 1217 H HB2  . ALA A 1 87  ? 3.021   -2.676  0.367   1.00 0.00 ? 112 ALA A HB2  1 
ATOM 1218 H HB3  . ALA A 1 87  ? 1.905   -4.062  0.367   1.00 0.00 ? 112 ALA A HB3  1 
ATOM 1219 N N    . GLN A 1 88  ? 5.015   -2.788  3.193   1.00 0.00 ? 113 GLN A N    1 
ATOM 1220 C CA   . GLN A 1 88  ? 5.718   -1.854  4.049   1.00 0.00 ? 113 GLN A CA   1 
ATOM 1221 C C    . GLN A 1 88  ? 6.580   -0.934  3.196   1.00 0.00 ? 113 GLN A C    1 
ATOM 1222 O O    . GLN A 1 88  ? 7.164   -1.340  2.188   1.00 0.00 ? 113 GLN A O    1 
ATOM 1223 C CB   . GLN A 1 88  ? 6.559   -2.651  5.051   1.00 0.00 ? 113 GLN A CB   1 
ATOM 1224 C CG   . GLN A 1 88  ? 7.531   -1.778  5.869   1.00 0.00 ? 113 GLN A CG   1 
ATOM 1225 C CD   . GLN A 1 88  ? 8.524   -2.552  6.732   1.00 0.00 ? 113 GLN A CD   1 
ATOM 1226 O OE1  . GLN A 1 88  ? 9.216   -1.944  7.546   1.00 0.00 ? 113 GLN A OE1  1 
ATOM 1227 N NE2  . GLN A 1 88  ? 8.671   -3.859  6.528   1.00 0.00 ? 113 GLN A NE2  1 
ATOM 1228 H H    . GLN A 1 88  ? 5.605   -3.449  2.693   1.00 0.00 ? 113 GLN A H    1 
ATOM 1229 H HA   . GLN A 1 88  ? 5.021   -1.235  4.607   1.00 0.00 ? 113 GLN A HA   1 
ATOM 1230 H HB2  . GLN A 1 88  ? 5.895   -3.197  5.715   1.00 0.00 ? 113 GLN A HB2  1 
ATOM 1231 H HB3  . GLN A 1 88  ? 7.105   -3.373  4.461   1.00 0.00 ? 113 GLN A HB3  1 
ATOM 1232 H HG2  . GLN A 1 88  ? 8.166   -1.203  5.198   1.00 0.00 ? 113 GLN A HG2  1 
ATOM 1233 H HG3  . GLN A 1 88  ? 6.976   -1.078  6.492   1.00 0.00 ? 113 GLN A HG3  1 
ATOM 1234 H HE21 . GLN A 1 88  ? 8.118   -4.318  5.827   1.00 0.00 ? 113 GLN A HE21 1 
ATOM 1235 H HE22 . GLN A 1 88  ? 9.665   -4.135  6.527   1.00 0.00 ? 113 GLN A HE22 1 
ATOM 1236 N N    . GLY A 1 89  ? 6.682   0.307   3.659   1.00 0.00 ? 114 GLY A N    1 
ATOM 1237 C CA   . GLY A 1 89  ? 7.607   1.294   3.159   1.00 0.00 ? 114 GLY A CA   1 
ATOM 1238 C C    . GLY A 1 89  ? 7.325   2.558   3.928   1.00 0.00 ? 114 GLY A C    1 
ATOM 1239 O O    . GLY A 1 89  ? 7.323   2.509   5.157   1.00 0.00 ? 114 GLY A O    1 
ATOM 1240 H H    . GLY A 1 89  ? 6.177   0.565   4.502   1.00 0.00 ? 114 GLY A H    1 
ATOM 1241 H HA2  . GLY A 1 89  ? 8.620   1.001   3.402   1.00 0.00 ? 114 GLY A HA2  1 
ATOM 1242 H HA3  . GLY A 1 89  ? 7.534   1.446   2.090   1.00 0.00 ? 114 GLY A HA3  1 
ATOM 1243 N N    . VAL A 1 90  ? 7.065   3.658   3.229   1.00 0.00 ? 115 VAL A N    1 
ATOM 1244 C CA   . VAL A 1 90  ? 6.934   4.960   3.850   1.00 0.00 ? 115 VAL A CA   1 
ATOM 1245 C C    . VAL A 1 90  ? 5.798   5.719   3.182   1.00 0.00 ? 115 VAL A C    1 
ATOM 1246 O O    . VAL A 1 90  ? 5.545   5.560   1.989   1.00 0.00 ? 115 VAL A O    1 
ATOM 1247 C CB   . VAL A 1 90  ? 8.290   5.693   3.781   1.00 0.00 ? 115 VAL A CB   1 
ATOM 1248 C CG1  . VAL A 1 90  ? 8.756   5.939   2.339   1.00 0.00 ? 115 VAL A CG1  1 
ATOM 1249 C CG2  . VAL A 1 90  ? 8.290   7.022   4.542   1.00 0.00 ? 115 VAL A CG2  1 
ATOM 1250 H H    . VAL A 1 90  ? 6.962   3.598   2.216   1.00 0.00 ? 115 VAL A H    1 
ATOM 1251 H HA   . VAL A 1 90  ? 6.651   4.818   4.893   1.00 0.00 ? 115 VAL A HA   1 
ATOM 1252 H HB   . VAL A 1 90  ? 9.029   5.060   4.272   1.00 0.00 ? 115 VAL A HB   1 
ATOM 1253 H HG11 . VAL A 1 90  ? 8.078   6.626   1.832   1.00 0.00 ? 115 VAL A HG11 1 
ATOM 1254 H HG12 . VAL A 1 90  ? 9.753   6.379   2.350   1.00 0.00 ? 115 VAL A HG12 1 
ATOM 1255 H HG13 . VAL A 1 90  ? 8.802   5.002   1.783   1.00 0.00 ? 115 VAL A HG13 1 
ATOM 1256 H HG21 . VAL A 1 90  ? 9.279   7.476   4.488   1.00 0.00 ? 115 VAL A HG21 1 
ATOM 1257 H HG22 . VAL A 1 90  ? 7.563   7.713   4.120   1.00 0.00 ? 115 VAL A HG22 1 
ATOM 1258 H HG23 . VAL A 1 90  ? 8.059   6.837   5.588   1.00 0.00 ? 115 VAL A HG23 1 
ATOM 1259 N N    . LEU A 1 91  ? 5.094   6.538   3.957   1.00 0.00 ? 116 LEU A N    1 
ATOM 1260 C CA   . LEU A 1 91  ? 4.111   7.456   3.416   1.00 0.00 ? 116 LEU A CA   1 
ATOM 1261 C C    . LEU A 1 91  ? 4.833   8.432   2.495   1.00 0.00 ? 116 LEU A C    1 
ATOM 1262 O O    . LEU A 1 91  ? 5.655   9.211   2.973   1.00 0.00 ? 116 LEU A O    1 
ATOM 1263 C CB   . LEU A 1 91  ? 3.436   8.206   4.568   1.00 0.00 ? 116 LEU A CB   1 
ATOM 1264 C CG   . LEU A 1 91  ? 2.267   7.454   5.210   1.00 0.00 ? 116 LEU A CG   1 
ATOM 1265 C CD1  . LEU A 1 91  ? 1.052   7.600   4.305   1.00 0.00 ? 116 LEU A CD1  1 
ATOM 1266 C CD2  . LEU A 1 91  ? 2.518   5.964   5.452   1.00 0.00 ? 116 LEU A CD2  1 
ATOM 1267 H H    . LEU A 1 91  ? 5.320   6.590   4.948   1.00 0.00 ? 116 LEU A H    1 
ATOM 1268 H HA   . LEU A 1 91  ? 3.384   6.902   2.825   1.00 0.00 ? 116 LEU A HA   1 
ATOM 1269 H HB2  . LEU A 1 91  ? 4.174   8.452   5.332   1.00 0.00 ? 116 LEU A HB2  1 
ATOM 1270 H HB3  . LEU A 1 91  ? 3.038   9.133   4.158   1.00 0.00 ? 116 LEU A HB3  1 
ATOM 1271 H HG   . LEU A 1 91  ? 2.033   7.926   6.166   1.00 0.00 ? 116 LEU A HG   1 
ATOM 1272 H HD11 . LEU A 1 91  ? 0.235   7.010   4.716   1.00 0.00 ? 116 LEU A HD11 1 
ATOM 1273 H HD12 . LEU A 1 91  ? 1.294   7.247   3.307   1.00 0.00 ? 116 LEU A HD12 1 
ATOM 1274 H HD13 . LEU A 1 91  ? 0.770   8.649   4.253   1.00 0.00 ? 116 LEU A HD13 1 
ATOM 1275 H HD21 . LEU A 1 91  ? 3.352   5.831   6.137   1.00 0.00 ? 116 LEU A HD21 1 
ATOM 1276 H HD22 . LEU A 1 91  ? 1.622   5.537   5.896   1.00 0.00 ? 116 LEU A HD22 1 
ATOM 1277 H HD23 . LEU A 1 91  ? 2.715   5.435   4.518   1.00 0.00 ? 116 LEU A HD23 1 
ATOM 1278 N N    . GLY A 1 92  ? 4.555   8.372   1.191   1.00 0.00 ? 117 GLY A N    1 
ATOM 1279 C CA   . GLY A 1 92  ? 5.278   9.163   0.214   1.00 0.00 ? 117 GLY A CA   1 
ATOM 1280 C C    . GLY A 1 92  ? 4.480   10.419  -0.086  1.00 0.00 ? 117 GLY A C    1 
ATOM 1281 O O    . GLY A 1 92  ? 4.508   11.384  0.677   1.00 0.00 ? 117 GLY A O    1 
ATOM 1282 H H    . GLY A 1 92  ? 3.778   7.807   0.860   1.00 0.00 ? 117 GLY A H    1 
ATOM 1283 H HA2  . GLY A 1 92  ? 6.266   9.447   0.579   1.00 0.00 ? 117 GLY A HA2  1 
ATOM 1284 H HA3  . GLY A 1 92  ? 5.409   8.573   -0.694  1.00 0.00 ? 117 GLY A HA3  1 
ATOM 1285 N N    . GLU A 1 93  ? 3.743   10.400  -1.196  1.00 0.00 ? 118 GLU A N    1 
ATOM 1286 C CA   . GLU A 1 93  ? 2.954   11.542  -1.608  1.00 0.00 ? 118 GLU A CA   1 
ATOM 1287 C C    . GLU A 1 93  ? 1.668   11.596  -0.784  1.00 0.00 ? 118 GLU A C    1 
ATOM 1288 O O    . GLU A 1 93  ? 0.618   11.170  -1.264  1.00 0.00 ? 118 GLU A O    1 
ATOM 1289 C CB   . GLU A 1 93  ? 2.691   11.474  -3.114  1.00 0.00 ? 118 GLU A CB   1 
ATOM 1290 C CG   . GLU A 1 93  ? 2.076   12.795  -3.576  1.00 0.00 ? 118 GLU A CG   1 
ATOM 1291 C CD   . GLU A 1 93  ? 1.658   12.709  -5.037  1.00 0.00 ? 118 GLU A CD   1 
ATOM 1292 O OE1  . GLU A 1 93  ? 0.713   11.932  -5.306  1.00 0.00 ? 118 GLU A OE1  1 
ATOM 1293 O OE2  . GLU A 1 93  ? 2.307   13.375  -5.869  1.00 0.00 ? 118 GLU A OE2  1 
ATOM 1294 H H    . GLU A 1 93  ? 3.703   9.560   -1.750  1.00 0.00 ? 118 GLU A H    1 
ATOM 1295 H HA   . GLU A 1 93  ? 3.526   12.453  -1.425  1.00 0.00 ? 118 GLU A HA   1 
ATOM 1296 H HB2  . GLU A 1 93  ? 3.627   11.324  -3.655  1.00 0.00 ? 118 GLU A HB2  1 
ATOM 1297 H HB3  . GLU A 1 93  ? 2.013   10.654  -3.345  1.00 0.00 ? 118 GLU A HB3  1 
ATOM 1298 H HG2  . GLU A 1 93  ? 1.204   13.032  -2.965  1.00 0.00 ? 118 GLU A HG2  1 
ATOM 1299 H HG3  . GLU A 1 93  ? 2.807   13.593  -3.425  1.00 0.00 ? 118 GLU A HG3  1 
ATOM 1300 N N    . ASP A 1 94  ? 1.805   12.097  0.452   1.00 0.00 ? 119 ASP A N    1 
ATOM 1301 C CA   . ASP A 1 94  ? 0.780   12.487  1.418   1.00 0.00 ? 119 ASP A CA   1 
ATOM 1302 C C    . ASP A 1 94  ? -0.615  11.981  1.053   1.00 0.00 ? 119 ASP A C    1 
ATOM 1303 O O    . ASP A 1 94  ? -1.505  12.733  0.664   1.00 0.00 ? 119 ASP A O    1 
ATOM 1304 C CB   . ASP A 1 94  ? 0.832   14.009  1.613   1.00 0.00 ? 119 ASP A CB   1 
ATOM 1305 C CG   . ASP A 1 94  ? 0.018   14.464  2.818   1.00 0.00 ? 119 ASP A CG   1 
ATOM 1306 O OD1  . ASP A 1 94  ? 0.007   13.705  3.811   1.00 0.00 ? 119 ASP A OD1  1 
ATOM 1307 O OD2  . ASP A 1 94  ? -0.524  15.586  2.744   1.00 0.00 ? 119 ASP A OD2  1 
ATOM 1308 H H    . ASP A 1 94  ? 2.762   12.227  0.753   1.00 0.00 ? 119 ASP A H    1 
ATOM 1309 H HA   . ASP A 1 94  ? 1.056   12.005  2.356   1.00 0.00 ? 119 ASP A HA   1 
ATOM 1310 H HB2  . ASP A 1 94  ? 1.862   14.327  1.779   1.00 0.00 ? 119 ASP A HB2  1 
ATOM 1311 H HB3  . ASP A 1 94  ? 0.454   14.506  0.721   1.00 0.00 ? 119 ASP A HB3  1 
ATOM 1312 N N    . GLY A 1 95  ? -0.752  10.657  1.116   1.00 0.00 ? 120 GLY A N    1 
ATOM 1313 C CA   . GLY A 1 95  ? -1.903  9.944   0.593   1.00 0.00 ? 120 GLY A CA   1 
ATOM 1314 C C    . GLY A 1 95  ? -1.448  8.591   0.055   1.00 0.00 ? 120 GLY A C    1 
ATOM 1315 O O    . GLY A 1 95  ? -1.914  7.549   0.509   1.00 0.00 ? 120 GLY A O    1 
ATOM 1316 H H    . GLY A 1 95  ? 0.075   10.138  1.370   1.00 0.00 ? 120 GLY A H    1 
ATOM 1317 H HA2  . GLY A 1 95  ? -2.648  9.822   1.377   1.00 0.00 ? 120 GLY A HA2  1 
ATOM 1318 H HA3  . GLY A 1 95  ? -2.357  10.501  -0.227  1.00 0.00 ? 120 GLY A HA3  1 
ATOM 1319 N N    . LYS A 1 96  ? -0.512  8.606   -0.900  1.00 0.00 ? 121 LYS A N    1 
ATOM 1320 C CA   . LYS A 1 96  ? 0.037   7.390   -1.486  1.00 0.00 ? 121 LYS A CA   1 
ATOM 1321 C C    . LYS A 1 96  ? 1.152   6.832   -0.602  1.00 0.00 ? 121 LYS A C    1 
ATOM 1322 O O    . LYS A 1 96  ? 1.973   7.569   -0.047  1.00 0.00 ? 121 LYS A O    1 
ATOM 1323 C CB   . LYS A 1 96  ? 0.562   7.635   -2.912  1.00 0.00 ? 121 LYS A CB   1 
ATOM 1324 C CG   . LYS A 1 96  ? -0.438  7.211   -3.997  1.00 0.00 ? 121 LYS A CG   1 
ATOM 1325 C CD   . LYS A 1 96  ? -1.742  8.025   -4.029  1.00 0.00 ? 121 LYS A CD   1 
ATOM 1326 C CE   . LYS A 1 96  ? -1.517  9.528   -4.239  1.00 0.00 ? 121 LYS A CE   1 
ATOM 1327 N NZ   . LYS A 1 96  ? -0.733  9.836   -5.451  1.00 0.00 ? 121 LYS A NZ   1 
ATOM 1328 H H    . LYS A 1 96  ? -0.114  9.504   -1.158  1.00 0.00 ? 121 LYS A H    1 
ATOM 1329 H HA   . LYS A 1 96  ? -0.755  6.641   -1.534  1.00 0.00 ? 121 LYS A HA   1 
ATOM 1330 H HB2  . LYS A 1 96  ? 0.877   8.669   -3.036  1.00 0.00 ? 121 LYS A HB2  1 
ATOM 1331 H HB3  . LYS A 1 96  ? 1.444   7.011   -3.063  1.00 0.00 ? 121 LYS A HB3  1 
ATOM 1332 H HG2  . LYS A 1 96  ? 0.056   7.248   -4.968  1.00 0.00 ? 121 LYS A HG2  1 
ATOM 1333 H HG3  . LYS A 1 96  ? -0.681  6.164   -3.812  1.00 0.00 ? 121 LYS A HG3  1 
ATOM 1334 H HD2  . LYS A 1 96  ? -2.385  7.639   -4.823  1.00 0.00 ? 121 LYS A HD2  1 
ATOM 1335 H HD3  . LYS A 1 96  ? -2.270  7.887   -3.083  1.00 0.00 ? 121 LYS A HD3  1 
ATOM 1336 H HE2  . LYS A 1 96  ? -2.480  10.040  -4.294  1.00 0.00 ? 121 LYS A HE2  1 
ATOM 1337 H HE3  . LYS A 1 96  ? -0.981  9.917   -3.379  1.00 0.00 ? 121 LYS A HE3  1 
ATOM 1338 H HZ1  . LYS A 1 96  ? -1.231  9.624   -6.300  1.00 0.00 ? 121 LYS A HZ1  1 
ATOM 1339 H HZ2  . LYS A 1 96  ? 0.157   9.362   -5.434  1.00 0.00 ? 121 LYS A HZ2  1 
ATOM 1340 H HZ3  . LYS A 1 96  ? -0.482  10.827  -5.452  1.00 0.00 ? 121 LYS A HZ3  1 
ATOM 1341 N N    . LEU A 1 97  ? 1.186   5.502   -0.501  1.00 0.00 ? 122 LEU A N    1 
ATOM 1342 C CA   . LEU A 1 97  ? 2.210   4.796   0.243   1.00 0.00 ? 122 LEU A CA   1 
ATOM 1343 C C    . LEU A 1 97  ? 3.314   4.438   -0.743  1.00 0.00 ? 122 LEU A C    1 
ATOM 1344 O O    . LEU A 1 97  ? 3.036   3.772   -1.739  1.00 0.00 ? 122 LEU A O    1 
ATOM 1345 C CB   . LEU A 1 97  ? 1.636   3.531   0.878   1.00 0.00 ? 122 LEU A CB   1 
ATOM 1346 C CG   . LEU A 1 97  ? 0.275   3.725   1.558   1.00 0.00 ? 122 LEU A CG   1 
ATOM 1347 C CD1  . LEU A 1 97  ? -0.011  2.448   2.335   1.00 0.00 ? 122 LEU A CD1  1 
ATOM 1348 C CD2  . LEU A 1 97  ? 0.198   4.916   2.510   1.00 0.00 ? 122 LEU A CD2  1 
ATOM 1349 H H    . LEU A 1 97  ? 0.530   4.948   -1.039  1.00 0.00 ? 122 LEU A H    1 
ATOM 1350 H HA   . LEU A 1 97  ? 2.588   5.399   1.067   1.00 0.00 ? 122 LEU A HA   1 
ATOM 1351 H HB2  . LEU A 1 97  ? 1.504   2.773   0.108   1.00 0.00 ? 122 LEU A HB2  1 
ATOM 1352 H HB3  . LEU A 1 97  ? 2.361   3.160   1.604   1.00 0.00 ? 122 LEU A HB3  1 
ATOM 1353 H HG   . LEU A 1 97  ? -0.493  3.862   0.804   1.00 0.00 ? 122 LEU A HG   1 
ATOM 1354 H HD11 . LEU A 1 97  ? -1.049  2.445   2.651   1.00 0.00 ? 122 LEU A HD11 1 
ATOM 1355 H HD12 . LEU A 1 97  ? 0.651   2.400   3.198   1.00 0.00 ? 122 LEU A HD12 1 
ATOM 1356 H HD13 . LEU A 1 97  ? 0.173   1.591   1.693   1.00 0.00 ? 122 LEU A HD13 1 
ATOM 1357 H HD21 . LEU A 1 97  ? 0.992   4.845   3.248   1.00 0.00 ? 122 LEU A HD21 1 
ATOM 1358 H HD22 . LEU A 1 97  ? 0.284   5.845   1.949   1.00 0.00 ? 122 LEU A HD22 1 
ATOM 1359 H HD23 . LEU A 1 97  ? -0.766  4.921   3.017   1.00 0.00 ? 122 LEU A HD23 1 
ATOM 1360 N N    . ALA A 1 98  ? 4.552   4.860   -0.501  1.00 0.00 ? 123 ALA A N    1 
ATOM 1361 C CA   . ALA A 1 98  ? 5.678   4.367   -1.274  1.00 0.00 ? 123 ALA A CA   1 
ATOM 1362 C C    . ALA A 1 98  ? 6.151   3.094   -0.577  1.00 0.00 ? 123 ALA A C    1 
ATOM 1363 O O    . ALA A 1 98  ? 6.871   3.162   0.420   1.00 0.00 ? 123 ALA A O    1 
ATOM 1364 C CB   . ALA A 1 98  ? 6.775   5.433   -1.339  1.00 0.00 ? 123 ALA A CB   1 
ATOM 1365 H H    . ALA A 1 98  ? 4.758   5.349   0.364   1.00 0.00 ? 123 ALA A H    1 
ATOM 1366 H HA   . ALA A 1 98  ? 5.358   4.130   -2.293  1.00 0.00 ? 123 ALA A HA   1 
ATOM 1367 H HB1  . ALA A 1 98  ? 7.633   5.039   -1.885  1.00 0.00 ? 123 ALA A HB1  1 
ATOM 1368 H HB2  . ALA A 1 98  ? 6.398   6.314   -1.857  1.00 0.00 ? 123 ALA A HB2  1 
ATOM 1369 H HB3  . ALA A 1 98  ? 7.091   5.716   -0.334  1.00 0.00 ? 123 ALA A HB3  1 
ATOM 1370 N N    . ALA A 1 99  ? 5.679   1.939   -1.050  1.00 0.00 ? 124 ALA A N    1 
ATOM 1371 C CA   . ALA A 1 99  ? 5.968   0.643   -0.458  1.00 0.00 ? 124 ALA A CA   1 
ATOM 1372 C C    . ALA A 1 99  ? 7.072   -0.065  -1.237  1.00 0.00 ? 124 ALA A C    1 
ATOM 1373 O O    . ALA A 1 99  ? 7.241   0.161   -2.431  1.00 0.00 ? 124 ALA A O    1 
ATOM 1374 C CB   . ALA A 1 99  ? 4.699   -0.198  -0.392  1.00 0.00 ? 124 ALA A CB   1 
ATOM 1375 H H    . ALA A 1 99  ? 5.169   1.951   -1.929  1.00 0.00 ? 124 ALA A H    1 
ATOM 1376 H HA   . ALA A 1 99  ? 6.287   0.771   0.569   1.00 0.00 ? 124 ALA A HA   1 
ATOM 1377 H HB1  . ALA A 1 99  ? 4.332   -0.395  -1.399  1.00 0.00 ? 124 ALA A HB1  1 
ATOM 1378 H HB2  . ALA A 1 99  ? 4.920   -1.142  0.107   1.00 0.00 ? 124 ALA A HB2  1 
ATOM 1379 H HB3  . ALA A 1 99  ? 3.948   0.343   0.185   1.00 0.00 ? 124 ALA A HB3  1 
ATOM 1380 N N    . THR A 1 100 ? 7.809   -0.941  -0.557  1.00 0.00 ? 125 THR A N    1 
ATOM 1381 C CA   . THR A 1 100 ? 8.830   -1.780  -1.177  1.00 0.00 ? 125 THR A CA   1 
ATOM 1382 C C    . THR A 1 100 ? 8.946   -3.145  -0.483  1.00 0.00 ? 125 THR A C    1 
ATOM 1383 O O    . THR A 1 100 ? 9.033   -4.177  -1.154  1.00 0.00 ? 125 THR A O    1 
ATOM 1384 C CB   . THR A 1 100 ? 10.162  -1.032  -1.337  1.00 0.00 ? 125 THR A CB   1 
ATOM 1385 O OG1  . THR A 1 100 ? 11.075  -1.850  -2.041  1.00 0.00 ? 125 THR A OG1  1 
ATOM 1386 C CG2  . THR A 1 100 ? 10.785  -0.617  -0.002  1.00 0.00 ? 125 THR A CG2  1 
ATOM 1387 H H    . THR A 1 100 ? 7.585   -1.062  0.423   1.00 0.00 ? 125 THR A H    1 
ATOM 1388 H HA   . THR A 1 100 ? 8.515   -1.974  -2.194  1.00 0.00 ? 125 THR A HA   1 
ATOM 1389 H HB   . THR A 1 100 ? 9.989   -0.132  -1.932  1.00 0.00 ? 125 THR A HB   1 
ATOM 1390 H HG1  . THR A 1 100 ? 10.705  -2.087  -2.899  1.00 0.00 ? 125 THR A HG1  1 
ATOM 1391 H HG21 . THR A 1 100 ? 10.090  -0.002  0.568   1.00 0.00 ? 125 THR A HG21 1 
ATOM 1392 H HG22 . THR A 1 100 ? 11.058  -1.498  0.578   1.00 0.00 ? 125 THR A HG22 1 
ATOM 1393 H HG23 . THR A 1 100 ? 11.689  -0.038  -0.199  1.00 0.00 ? 125 THR A HG23 1 
ATOM 1394 N N    . GLU A 1 101 ? 8.867   -3.189  0.851   1.00 0.00 ? 126 GLU A N    1 
ATOM 1395 C CA   . GLU A 1 101 ? 8.923   -4.435  1.587   1.00 0.00 ? 126 GLU A CA   1 
ATOM 1396 C C    . GLU A 1 101 ? 7.504   -5.015  1.553   1.00 0.00 ? 126 GLU A C    1 
ATOM 1397 O O    . GLU A 1 101 ? 6.763   -4.904  2.530   1.00 0.00 ? 126 GLU A O    1 
ATOM 1398 C CB   . GLU A 1 101 ? 9.423   -4.148  3.016   1.00 0.00 ? 126 GLU A CB   1 
ATOM 1399 C CG   . GLU A 1 101 ? 10.921  -3.811  3.111   1.00 0.00 ? 126 GLU A CG   1 
ATOM 1400 C CD   . GLU A 1 101 ? 11.310  -3.356  4.518   1.00 0.00 ? 126 GLU A CD   1 
ATOM 1401 O OE1  . GLU A 1 101 ? 11.040  -4.121  5.470   1.00 0.00 ? 126 GLU A OE1  1 
ATOM 1402 O OE2  . GLU A 1 101 ? 11.815  -2.215  4.649   1.00 0.00 ? 126 GLU A OE2  1 
ATOM 1403 H H    . GLU A 1 101 ? 8.629   -2.370  1.395   1.00 0.00 ? 126 GLU A H    1 
ATOM 1404 H HA   . GLU A 1 101 ? 9.609   -5.144  1.120   1.00 0.00 ? 126 GLU A HA   1 
ATOM 1405 H HB2  . GLU A 1 101 ? 8.894   -3.285  3.404   1.00 0.00 ? 126 GLU A HB2  1 
ATOM 1406 H HB3  . GLU A 1 101 ? 9.227   -5.013  3.652   1.00 0.00 ? 126 GLU A HB3  1 
ATOM 1407 H HG2  . GLU A 1 101 ? 11.510  -4.691  2.851   1.00 0.00 ? 126 GLU A HG2  1 
ATOM 1408 H HG3  . GLU A 1 101 ? 11.161  -3.012  2.411   1.00 0.00 ? 126 GLU A HG3  1 
ATOM 1409 N N    . VAL A 1 102 ? 7.103   -5.592  0.414   1.00 0.00 ? 127 VAL A N    1 
ATOM 1410 C CA   . VAL A 1 102 ? 5.872   -6.372  0.315   1.00 0.00 ? 127 VAL A CA   1 
ATOM 1411 C C    . VAL A 1 102 ? 6.174   -7.822  0.666   1.00 0.00 ? 127 VAL A C    1 
ATOM 1412 O O    . VAL A 1 102 ? 7.109   -8.405  0.120   1.00 0.00 ? 127 VAL A O    1 
ATOM 1413 C CB   . VAL A 1 102 ? 5.165   -6.254  -1.048  1.00 0.00 ? 127 VAL A CB   1 
ATOM 1414 C CG1  . VAL A 1 102 ? 4.677   -4.822  -1.294  1.00 0.00 ? 127 VAL A CG1  1 
ATOM 1415 C CG2  . VAL A 1 102 ? 6.014   -6.755  -2.221  1.00 0.00 ? 127 VAL A CG2  1 
ATOM 1416 H H    . VAL A 1 102 ? 7.752   -5.590  -0.366  1.00 0.00 ? 127 VAL A H    1 
ATOM 1417 H HA   . VAL A 1 102 ? 5.171   -6.007  1.053   1.00 0.00 ? 127 VAL A HA   1 
ATOM 1418 H HB   . VAL A 1 102 ? 4.271   -6.885  -1.008  1.00 0.00 ? 127 VAL A HB   1 
ATOM 1419 H HG11 . VAL A 1 102 ? 3.804   -4.655  -0.676  1.00 0.00 ? 127 VAL A HG11 1 
ATOM 1420 H HG12 . VAL A 1 102 ? 5.437   -4.089  -1.027  1.00 0.00 ? 127 VAL A HG12 1 
ATOM 1421 H HG13 . VAL A 1 102 ? 4.384   -4.689  -2.336  1.00 0.00 ? 127 VAL A HG13 1 
ATOM 1422 H HG21 . VAL A 1 102 ? 6.148   -7.830  -2.134  1.00 0.00 ? 127 VAL A HG21 1 
ATOM 1423 H HG22 . VAL A 1 102 ? 5.491   -6.562  -3.156  1.00 0.00 ? 127 VAL A HG22 1 
ATOM 1424 H HG23 . VAL A 1 102 ? 6.991   -6.276  -2.243  1.00 0.00 ? 127 VAL A HG23 1 
ATOM 1425 N N    . LEU A 1 103 ? 5.388   -8.397  1.578   1.00 0.00 ? 128 LEU A N    1 
ATOM 1426 C CA   . LEU A 1 103 ? 5.473   -9.801  1.926   1.00 0.00 ? 128 LEU A CA   1 
ATOM 1427 C C    . LEU A 1 103 ? 4.139   -10.419 1.526   1.00 0.00 ? 128 LEU A C    1 
ATOM 1428 O O    . LEU A 1 103 ? 3.110   -10.144 2.148   1.00 0.00 ? 128 LEU A O    1 
ATOM 1429 C CB   . LEU A 1 103 ? 5.744   -10.021 3.425   1.00 0.00 ? 128 LEU A CB   1 
ATOM 1430 C CG   . LEU A 1 103 ? 6.957   -9.309  4.056   1.00 0.00 ? 128 LEU A CG   1 
ATOM 1431 C CD1  . LEU A 1 103 ? 8.252   -9.536  3.268   1.00 0.00 ? 128 LEU A CD1  1 
ATOM 1432 C CD2  . LEU A 1 103 ? 6.728   -7.812  4.305   1.00 0.00 ? 128 LEU A CD2  1 
ATOM 1433 H H    . LEU A 1 103 ? 4.612   -7.863  1.961   1.00 0.00 ? 128 LEU A H    1 
ATOM 1434 H HA   . LEU A 1 103 ? 6.273   -10.297 1.373   1.00 0.00 ? 128 LEU A HA   1 
ATOM 1435 H HB2  . LEU A 1 103 ? 4.859   -9.757  3.995   1.00 0.00 ? 128 LEU A HB2  1 
ATOM 1436 H HB3  . LEU A 1 103 ? 5.896   -11.093 3.558   1.00 0.00 ? 128 LEU A HB3  1 
ATOM 1437 H HG   . LEU A 1 103 ? 7.097   -9.764  5.038   1.00 0.00 ? 128 LEU A HG   1 
ATOM 1438 H HD11 . LEU A 1 103 ? 8.397   -10.602 3.090   1.00 0.00 ? 128 LEU A HD11 1 
ATOM 1439 H HD12 . LEU A 1 103 ? 8.218   -9.014  2.315   1.00 0.00 ? 128 LEU A HD12 1 
ATOM 1440 H HD13 . LEU A 1 103 ? 9.097   -9.155  3.841   1.00 0.00 ? 128 LEU A HD13 1 
ATOM 1441 H HD21 . LEU A 1 103 ? 7.539   -7.417  4.917   1.00 0.00 ? 128 LEU A HD21 1 
ATOM 1442 H HD22 . LEU A 1 103 ? 6.709   -7.257  3.372   1.00 0.00 ? 128 LEU A HD22 1 
ATOM 1443 H HD23 . LEU A 1 103 ? 5.786   -7.652  4.828   1.00 0.00 ? 128 LEU A HD23 1 
ATOM 1444 N N    . ALA A 1 104 ? 4.143   -11.279 0.508   1.00 0.00 ? 129 ALA A N    1 
ATOM 1445 C CA   . ALA A 1 104 ? 2.982   -12.089 0.175   1.00 0.00 ? 129 ALA A CA   1 
ATOM 1446 C C    . ALA A 1 104 ? 2.873   -13.228 1.194   1.00 0.00 ? 129 ALA A C    1 
ATOM 1447 O O    . ALA A 1 104 ? 2.932   -14.397 0.830   1.00 0.00 ? 129 ALA A O    1 
ATOM 1448 C CB   . ALA A 1 104 ? 3.105   -12.605 -1.264  1.00 0.00 ? 129 ALA A CB   1 
ATOM 1449 H H    . ALA A 1 104 ? 5.011   -11.470 0.031   1.00 0.00 ? 129 ALA A H    1 
ATOM 1450 H HA   . ALA A 1 104 ? 2.075   -11.486 0.232   1.00 0.00 ? 129 ALA A HA   1 
ATOM 1451 H HB1  . ALA A 1 104 ? 3.168   -11.764 -1.954  1.00 0.00 ? 129 ALA A HB1  1 
ATOM 1452 H HB2  . ALA A 1 104 ? 3.996   -13.224 -1.372  1.00 0.00 ? 129 ALA A HB2  1 
ATOM 1453 H HB3  . ALA A 1 104 ? 2.226   -13.200 -1.515  1.00 0.00 ? 129 ALA A HB3  1 
ATOM 1454 N N    . LYS A 1 105 ? 2.735   -12.895 2.485   1.00 0.00 ? 130 LYS A N    1 
ATOM 1455 C CA   . LYS A 1 105 ? 2.618   -13.921 3.516   1.00 0.00 ? 130 LYS A CA   1 
ATOM 1456 C C    . LYS A 1 105 ? 1.298   -14.680 3.357   1.00 0.00 ? 130 LYS A C    1 
ATOM 1457 O O    . LYS A 1 105 ? 1.217   -15.859 3.694   1.00 0.00 ? 130 LYS A O    1 
ATOM 1458 C CB   . LYS A 1 105 ? 2.902   -13.379 4.924   1.00 0.00 ? 130 LYS A CB   1 
ATOM 1459 C CG   . LYS A 1 105 ? 1.804   -12.504 5.539   1.00 0.00 ? 130 LYS A CG   1 
ATOM 1460 C CD   . LYS A 1 105 ? 2.239   -12.122 6.963   1.00 0.00 ? 130 LYS A CD   1 
ATOM 1461 C CE   . LYS A 1 105 ? 1.119   -11.385 7.710   1.00 0.00 ? 130 LYS A CE   1 
ATOM 1462 N NZ   . LYS A 1 105 ? 1.506   -11.040 9.095   1.00 0.00 ? 130 LYS A NZ   1 
ATOM 1463 H H    . LYS A 1 105 ? 2.701   -11.912 2.733   1.00 0.00 ? 130 LYS A H    1 
ATOM 1464 H HA   . LYS A 1 105 ? 3.412   -14.647 3.326   1.00 0.00 ? 130 LYS A HA   1 
ATOM 1465 H HB2  . LYS A 1 105 ? 3.048   -14.245 5.572   1.00 0.00 ? 130 LYS A HB2  1 
ATOM 1466 H HB3  . LYS A 1 105 ? 3.838   -12.819 4.896   1.00 0.00 ? 130 LYS A HB3  1 
ATOM 1467 H HG2  . LYS A 1 105 ? 1.656   -11.611 4.929   1.00 0.00 ? 130 LYS A HG2  1 
ATOM 1468 H HG3  . LYS A 1 105 ? 0.872   -13.070 5.580   1.00 0.00 ? 130 LYS A HG3  1 
ATOM 1469 H HD2  . LYS A 1 105 ? 2.494   -13.036 7.503   1.00 0.00 ? 130 LYS A HD2  1 
ATOM 1470 H HD3  . LYS A 1 105 ? 3.131   -11.494 6.898   1.00 0.00 ? 130 LYS A HD3  1 
ATOM 1471 H HE2  . LYS A 1 105 ? 0.868   -10.473 7.168   1.00 0.00 ? 130 LYS A HE2  1 
ATOM 1472 H HE3  . LYS A 1 105 ? 0.233   -12.022 7.741   1.00 0.00 ? 130 LYS A HE3  1 
ATOM 1473 H HZ1  . LYS A 1 105 ? 0.739   -10.571 9.558   1.00 0.00 ? 130 LYS A HZ1  1 
ATOM 1474 H HZ2  . LYS A 1 105 ? 1.732   -11.878 9.614   1.00 0.00 ? 130 LYS A HZ2  1 
ATOM 1475 H HZ3  . LYS A 1 105 ? 2.306   -10.421 9.097   1.00 0.00 ? 130 LYS A HZ3  1 
ATOM 1476 N N    . HIS A 1 106 ? 0.278   -14.024 2.789   1.00 0.00 ? 131 HIS A N    1 
ATOM 1477 C CA   . HIS A 1 106 ? -0.926  -14.692 2.297   1.00 0.00 ? 131 HIS A CA   1 
ATOM 1478 C C    . HIS A 1 106 ? -0.527  -15.326 0.950   1.00 0.00 ? 131 HIS A C    1 
ATOM 1479 O O    . HIS A 1 106 ? -1.056  -14.984 -0.103  1.00 0.00 ? 131 HIS A O    1 
ATOM 1480 C CB   . HIS A 1 106 ? -2.084  -13.677 2.177   1.00 0.00 ? 131 HIS A CB   1 
ATOM 1481 C CG   . HIS A 1 106 ? -3.259  -13.885 3.102   1.00 0.00 ? 131 HIS A CG   1 
ATOM 1482 N ND1  . HIS A 1 106 ? -4.069  -15.001 3.178   1.00 0.00 ? 131 HIS A ND1  1 
ATOM 1483 C CD2  . HIS A 1 106 ? -3.894  -12.882 3.786   1.00 0.00 ? 131 HIS A CD2  1 
ATOM 1484 C CE1  . HIS A 1 106 ? -5.145  -14.674 3.911   1.00 0.00 ? 131 HIS A CE1  1 
ATOM 1485 N NE2  . HIS A 1 106 ? -5.087  -13.391 4.304   1.00 0.00 ? 131 HIS A NE2  1 
ATOM 1486 H H    . HIS A 1 106 ? 0.424   -13.071 2.498   1.00 0.00 ? 131 HIS A H    1 
ATOM 1487 H HA   . HIS A 1 106 ? -1.223  -15.489 2.980   1.00 0.00 ? 131 HIS A HA   1 
ATOM 1488 H HB2  . HIS A 1 106 ? -1.693  -12.678 2.367   1.00 0.00 ? 131 HIS A HB2  1 
ATOM 1489 H HB3  . HIS A 1 106 ? -2.512  -13.673 1.176   1.00 0.00 ? 131 HIS A HB3  1 
ATOM 1490 H HD1  . HIS A 1 106 ? -3.940  -15.934 2.775   1.00 0.00 ? 131 HIS A HD1  1 
ATOM 1491 H HD2  . HIS A 1 106 ? -3.576  -11.850 3.841   1.00 0.00 ? 131 HIS A HD2  1 
ATOM 1492 H HE1  . HIS A 1 106 ? -5.960  -15.349 4.130   1.00 0.00 ? 131 HIS A HE1  1 
# 
